data_3VIC
#
_entry.id   3VIC
#
_cell.length_a   150.271
_cell.length_b   186.060
_cell.length_c   185.150
_cell.angle_alpha   90.00
_cell.angle_beta   90.00
_cell.angle_gamma   90.00
#
_symmetry.space_group_name_H-M   'C 2 2 21'
#
loop_
_entity.id
_entity.type
_entity.pdbx_description
1 polymer 'GFP-like non-fluorescent chromoprotein'
2 non-polymer 'IODIDE ION'
3 non-polymer 'CHLORIDE ION'
4 water water
#
_entity_poly.entity_id   1
_entity_poly.type   'polypeptide(L)'
_entity_poly.pdbx_seq_one_letter_code
;MRGSHHHHHHTDPSSRSKTMSVIATQMTYKVYMSGTVNGHYFEVEGDGKGRPYEGEQTVKLTVTKGGPLPFAWDILSPQC
(QFG)SIPFTKYPEDIPDYVKQSFPEGFTWERIMNFEDGAVCTVSNDSSIQGNCFTYHVKFSGLNFPPNGPVMQKKTQGW
EPHSERLFARGGMLIGNNFMALKLEGGGHYLCEFKTTYKAKKPVKMPGYHYVDRKLDVTNHNKDYTSVEQCEISIARKPV
VA
;
_entity_poly.pdbx_strand_id   A,B,C,D,E,F,G,H
#
loop_
_chem_comp.id
_chem_comp.type
_chem_comp.name
_chem_comp.formula
CL non-polymer 'CHLORIDE ION' 'Cl -1'
IOD non-polymer 'IODIDE ION' 'I -1'
#
# COMPACT_ATOMS: atom_id res chain seq x y z
N SER A 21 -12.62 16.63 32.02
CA SER A 21 -13.30 17.95 31.95
C SER A 21 -14.29 17.81 30.74
N VAL A 22 -14.34 18.83 29.86
CA VAL A 22 -14.87 18.69 28.46
C VAL A 22 -14.22 17.57 27.56
N ILE A 23 -12.91 17.36 27.72
CA ILE A 23 -12.12 16.48 26.85
C ILE A 23 -11.80 15.17 27.58
N ALA A 24 -12.34 14.05 27.09
CA ALA A 24 -12.05 12.71 27.65
C ALA A 24 -10.60 12.26 27.39
N THR A 25 -10.10 11.35 28.24
CA THR A 25 -8.73 10.78 28.08
C THR A 25 -8.64 9.93 26.79
N GLN A 26 -9.79 9.51 26.27
CA GLN A 26 -9.86 8.89 24.95
C GLN A 26 -10.95 9.53 24.05
N MET A 27 -10.57 9.97 22.88
CA MET A 27 -11.48 10.75 21.99
C MET A 27 -11.36 10.23 20.57
N THR A 28 -12.38 10.43 19.75
CA THR A 28 -12.24 10.17 18.32
C THR A 28 -12.29 11.54 17.62
N TYR A 29 -12.14 11.54 16.30
CA TYR A 29 -12.45 12.71 15.51
C TYR A 29 -12.73 12.39 14.01
N LYS A 30 -13.23 13.42 13.31
CA LYS A 30 -13.64 13.37 11.93
C LYS A 30 -13.04 14.61 11.24
N VAL A 31 -12.38 14.36 10.11
CA VAL A 31 -11.77 15.34 9.30
C VAL A 31 -12.53 15.40 8.01
N TYR A 32 -12.93 16.61 7.64
CA TYR A 32 -13.48 16.85 6.32
C TYR A 32 -12.57 17.91 5.72
N MET A 33 -11.85 17.55 4.66
CA MET A 33 -10.90 18.48 4.03
C MET A 33 -11.24 18.66 2.56
N SER A 34 -11.15 19.89 2.06
CA SER A 34 -11.29 20.08 0.61
C SER A 34 -10.37 21.16 0.16
N GLY A 35 -10.11 21.22 -1.13
CA GLY A 35 -9.23 22.29 -1.59
C GLY A 35 -8.67 22.05 -2.95
N THR A 36 -7.61 22.77 -3.27
CA THR A 36 -7.04 22.73 -4.62
C THR A 36 -5.53 22.78 -4.56
N VAL A 37 -4.86 22.07 -5.45
CA VAL A 37 -3.40 22.18 -5.51
C VAL A 37 -3.14 22.41 -6.97
N ASN A 38 -2.42 23.49 -7.31
CA ASN A 38 -2.28 23.93 -8.67
C ASN A 38 -3.63 23.83 -9.42
N GLY A 39 -4.71 24.30 -8.83
CA GLY A 39 -6.03 24.25 -9.50
C GLY A 39 -6.73 22.88 -9.53
N HIS A 40 -6.08 21.80 -9.08
CA HIS A 40 -6.76 20.49 -9.08
C HIS A 40 -7.57 20.33 -7.75
N TYR A 41 -8.88 20.14 -7.87
CA TYR A 41 -9.80 20.08 -6.71
C TYR A 41 -9.85 18.69 -6.08
N PHE A 42 -9.98 18.60 -4.76
CA PHE A 42 -10.00 17.31 -4.07
C PHE A 42 -10.86 17.42 -2.79
N GLU A 43 -11.32 16.28 -2.30
CA GLU A 43 -11.88 16.18 -0.95
C GLU A 43 -11.28 14.95 -0.27
N VAL A 44 -11.12 15.03 1.04
CA VAL A 44 -10.62 13.95 1.82
C VAL A 44 -11.53 13.82 3.05
N GLU A 45 -11.85 12.59 3.46
CA GLU A 45 -12.48 12.40 4.75
C GLU A 45 -11.62 11.53 5.57
N GLY A 46 -11.65 11.80 6.87
CA GLY A 46 -10.84 11.04 7.80
C GLY A 46 -11.52 10.61 9.09
N ASP A 47 -11.06 9.49 9.64
CA ASP A 47 -11.48 9.02 10.94
C ASP A 47 -10.29 8.84 11.88
N GLY A 48 -10.28 9.55 13.00
CA GLY A 48 -9.12 9.50 13.91
C GLY A 48 -9.55 9.10 15.30
N LYS A 49 -8.57 8.76 16.12
CA LYS A 49 -8.71 8.53 17.52
C LYS A 49 -7.38 8.81 18.17
N GLY A 50 -7.40 9.07 19.48
CA GLY A 50 -6.20 9.10 20.29
C GLY A 50 -6.40 9.51 21.73
N ARG A 51 -5.30 9.88 22.37
CA ARG A 51 -5.38 10.29 23.73
C ARG A 51 -4.88 11.70 23.87
N PRO A 52 -5.80 12.64 24.05
CA PRO A 52 -5.44 14.07 24.06
C PRO A 52 -4.35 14.37 25.08
N TYR A 53 -4.39 13.70 26.24
CA TYR A 53 -3.49 14.08 27.27
C TYR A 53 -2.17 13.40 27.12
N GLU A 54 -2.09 12.41 26.25
CA GLU A 54 -0.80 11.68 26.05
C GLU A 54 -0.11 12.14 24.76
N GLY A 55 -0.79 12.99 24.01
CA GLY A 55 -0.26 13.52 22.73
C GLY A 55 -0.02 12.45 21.67
N GLU A 56 -0.93 11.44 21.63
CA GLU A 56 -0.87 10.28 20.70
C GLU A 56 -2.16 10.24 19.92
N GLN A 57 -2.06 10.08 18.61
CA GLN A 57 -3.24 9.94 17.75
C GLN A 57 -2.90 9.26 16.42
N THR A 58 -3.94 8.68 15.82
N THR A 58 -3.94 8.72 15.81
CA THR A 58 -3.85 7.98 14.55
CA THR A 58 -3.88 7.96 14.57
C THR A 58 -5.11 8.27 13.70
C THR A 58 -5.08 8.40 13.72
N VAL A 59 -4.92 8.51 12.40
CA VAL A 59 -6.05 8.82 11.51
C VAL A 59 -6.02 7.96 10.22
N LYS A 60 -7.20 7.60 9.71
CA LYS A 60 -7.26 7.01 8.38
C LYS A 60 -7.99 7.95 7.44
N LEU A 61 -7.36 8.22 6.31
CA LEU A 61 -7.84 9.21 5.38
C LEU A 61 -8.28 8.52 4.10
N THR A 62 -9.33 9.05 3.46
CA THR A 62 -9.80 8.57 2.19
C THR A 62 -9.92 9.77 1.27
N VAL A 63 -9.31 9.69 0.09
CA VAL A 63 -9.57 10.72 -0.90
C VAL A 63 -10.96 10.43 -1.43
N THR A 64 -11.93 11.29 -1.19
CA THR A 64 -13.28 11.00 -1.63
C THR A 64 -13.61 11.69 -2.95
N LYS A 65 -12.83 12.70 -3.33
CA LYS A 65 -13.10 13.31 -4.61
C LYS A 65 -11.79 13.83 -5.24
N GLY A 66 -11.68 13.74 -6.55
CA GLY A 66 -10.48 14.21 -7.26
C GLY A 66 -9.29 13.28 -7.20
N GLY A 67 -9.48 12.04 -6.78
CA GLY A 67 -8.37 11.08 -6.72
C GLY A 67 -8.31 10.29 -8.03
N PRO A 68 -7.15 9.71 -8.34
CA PRO A 68 -5.92 9.80 -7.56
C PRO A 68 -5.29 11.22 -7.67
N LEU A 69 -4.79 11.75 -6.55
CA LEU A 69 -4.20 13.07 -6.51
C LEU A 69 -2.90 13.09 -7.35
N PRO A 70 -2.75 14.12 -8.22
CA PRO A 70 -1.53 14.17 -9.03
C PRO A 70 -0.36 14.87 -8.31
N PHE A 71 -0.35 14.87 -6.97
CA PHE A 71 0.73 15.47 -6.22
C PHE A 71 0.99 14.65 -4.97
N ALA A 72 2.11 14.98 -4.29
CA ALA A 72 2.54 14.29 -3.07
C ALA A 72 1.52 14.39 -1.93
N TRP A 73 1.08 13.21 -1.46
CA TRP A 73 0.26 13.12 -0.26
C TRP A 73 0.89 13.94 0.89
N ASP A 74 2.22 14.00 0.97
CA ASP A 74 2.82 14.61 2.11
C ASP A 74 2.42 16.08 2.36
N ILE A 75 2.06 16.86 1.33
CA ILE A 75 1.66 18.24 1.59
C ILE A 75 0.35 18.35 2.36
N LEU A 76 -0.46 17.30 2.34
CA LEU A 76 -1.75 17.28 3.02
C LEU A 76 -1.69 16.66 4.40
N SER A 77 -0.71 15.80 4.66
CA SER A 77 -0.69 15.04 5.91
C SER A 77 -0.65 15.93 7.14
N PRO A 78 0.12 17.08 7.10
CA PRO A 78 0.08 17.84 8.35
C PRO A 78 -1.25 18.60 8.56
N GLN A 79 -2.18 18.58 7.59
CA GLN A 79 -3.43 19.35 7.73
C GLN A 79 -4.52 18.53 8.34
N CYS A 80 -4.27 17.21 8.52
CA CYS A 80 -5.24 16.27 9.09
C CYS A 80 -5.17 16.18 10.60
C3 QFG A 81 -4.78 18.94 13.10
N1 QFG A 81 -4.28 16.13 11.57
O3 QFG A 81 -5.86 19.52 13.40
C1 QFG A 81 -2.12 17.42 12.07
C2 QFG A 81 -1.41 19.48 12.37
N2 QFG A 81 -0.71 17.29 12.25
O2 QFG A 81 -1.32 20.77 12.52
N3 QFG A 81 -2.53 18.78 12.14
CZ QFG A 81 2.62 22.86 13.46
CA1 QFG A 81 -2.99 16.16 11.78
CA2 QFG A 81 -0.27 18.56 12.44
CA3 QFG A 81 -3.86 19.43 12.01
CB1 QFG A 81 -2.24 14.82 11.75
CB2 QFG A 81 1.13 18.86 12.66
CD1 QFG A 81 2.73 20.75 12.19
CD2 QFG A 81 1.04 21.01 13.94
CD3 QFG A 81 -2.54 12.54 12.63
CE1 QFG A 81 3.19 22.05 12.49
NE1 QFG A 81 -3.24 11.61 13.32
OE1 QFG A 81 -1.56 12.29 11.95
CE2 QFG A 81 1.53 22.33 14.18
CG1 QFG A 81 -3.03 13.97 12.74
CG2 QFG A 81 1.63 20.23 12.92
N SER A 82 -4.28 18.36 14.13
CA SER A 82 -5.28 17.87 15.17
C SER A 82 -4.69 18.25 16.51
N ILE A 83 -4.79 19.55 16.79
CA ILE A 83 -4.00 20.19 17.85
C ILE A 83 -4.41 19.82 19.28
N PRO A 84 -5.69 19.45 19.52
CA PRO A 84 -6.06 19.01 20.90
C PRO A 84 -5.20 17.85 21.47
N PHE A 85 -4.56 17.05 20.61
CA PHE A 85 -3.91 15.82 21.05
C PHE A 85 -2.40 16.09 21.25
N THR A 86 -2.06 17.02 22.13
CA THR A 86 -0.70 17.42 22.33
C THR A 86 -0.54 17.27 23.81
N LYS A 87 0.51 16.57 24.26
CA LYS A 87 0.71 16.44 25.67
C LYS A 87 1.31 17.72 26.30
N TYR A 88 0.52 18.42 27.14
CA TYR A 88 1.00 19.60 27.87
C TYR A 88 1.35 19.28 29.29
N PRO A 89 2.54 19.68 29.73
CA PRO A 89 2.83 19.56 31.19
C PRO A 89 1.96 20.54 31.97
N GLU A 90 1.85 20.30 33.26
CA GLU A 90 0.92 21.07 34.10
C GLU A 90 1.32 22.52 34.22
N ASP A 91 2.60 22.82 34.09
CA ASP A 91 3.00 24.17 34.33
C ASP A 91 3.03 24.96 33.02
N ILE A 92 2.55 24.38 31.92
CA ILE A 92 2.37 25.18 30.70
C ILE A 92 0.89 25.25 30.31
N PRO A 93 0.29 26.44 30.41
CA PRO A 93 -1.13 26.44 29.95
C PRO A 93 -1.32 25.88 28.53
N ASP A 94 -2.34 25.04 28.39
CA ASP A 94 -2.69 24.41 27.12
C ASP A 94 -3.80 25.24 26.47
N TYR A 95 -3.41 26.16 25.60
CA TYR A 95 -4.30 27.05 24.88
C TYR A 95 -5.48 26.35 24.19
N VAL A 96 -5.12 25.41 23.32
CA VAL A 96 -6.14 24.68 22.57
C VAL A 96 -7.15 23.90 23.45
N LYS A 97 -6.69 23.11 24.42
CA LYS A 97 -7.61 22.31 25.23
C LYS A 97 -8.56 23.27 26.01
N GLN A 98 -8.04 24.41 26.49
CA GLN A 98 -8.88 25.40 27.20
C GLN A 98 -9.98 25.99 26.36
N SER A 99 -9.82 26.01 25.05
CA SER A 99 -10.76 26.68 24.16
C SER A 99 -12.07 25.93 24.07
N PHE A 100 -12.08 24.66 24.48
CA PHE A 100 -13.28 23.86 24.39
C PHE A 100 -14.17 24.16 25.62
N PRO A 101 -15.50 24.06 25.48
CA PRO A 101 -16.19 23.50 24.33
C PRO A 101 -16.44 24.49 23.18
N GLU A 102 -16.28 25.79 23.36
CA GLU A 102 -16.46 26.69 22.21
C GLU A 102 -15.57 26.34 21.00
N GLY A 103 -14.31 25.99 21.24
CA GLY A 103 -13.45 25.49 20.19
C GLY A 103 -12.54 26.58 19.69
N PHE A 104 -11.91 26.33 18.56
CA PHE A 104 -10.89 27.27 18.07
C PHE A 104 -10.75 27.06 16.55
N THR A 105 -10.11 28.03 15.87
CA THR A 105 -9.71 27.89 14.51
C THR A 105 -8.17 27.99 14.39
N TRP A 106 -7.61 27.51 13.30
CA TRP A 106 -6.25 27.78 12.96
C TRP A 106 -6.09 28.24 11.47
N GLU A 107 -5.08 29.06 11.20
CA GLU A 107 -4.77 29.61 9.89
C GLU A 107 -3.30 29.32 9.68
N ARG A 108 -2.99 28.59 8.61
CA ARG A 108 -1.62 28.23 8.41
C ARG A 108 -1.11 28.76 7.07
N ILE A 109 0.12 29.28 7.02
CA ILE A 109 0.80 29.56 5.74
C ILE A 109 1.98 28.61 5.62
N MET A 110 2.15 28.00 4.45
CA MET A 110 3.31 27.15 4.22
C MET A 110 4.09 27.71 3.07
N ASN A 111 5.35 28.05 3.23
CA ASN A 111 6.15 28.58 2.14
C ASN A 111 7.25 27.57 1.81
N PHE A 112 7.18 27.01 0.61
CA PHE A 112 8.18 26.00 0.24
C PHE A 112 9.33 26.72 -0.43
N GLU A 113 10.53 26.11 -0.41
CA GLU A 113 11.77 26.80 -0.85
C GLU A 113 11.80 26.96 -2.40
N ASP A 114 11.02 26.19 -3.18
CA ASP A 114 11.00 26.42 -4.63
C ASP A 114 9.85 27.38 -5.08
N GLY A 115 9.25 28.15 -4.15
CA GLY A 115 8.26 29.17 -4.47
C GLY A 115 6.78 28.79 -4.27
N ALA A 116 6.51 27.54 -3.99
CA ALA A 116 5.11 27.14 -3.79
C ALA A 116 4.62 27.72 -2.48
N VAL A 117 3.35 28.11 -2.45
CA VAL A 117 2.74 28.60 -1.22
C VAL A 117 1.37 27.92 -1.01
N CYS A 118 1.07 27.54 0.25
CA CYS A 118 -0.28 27.09 0.63
C CYS A 118 -0.82 27.89 1.77
N THR A 119 -2.13 28.10 1.74
CA THR A 119 -2.86 28.66 2.82
C THR A 119 -3.92 27.66 3.24
N VAL A 120 -4.00 27.39 4.53
CA VAL A 120 -4.83 26.28 5.00
C VAL A 120 -5.62 26.81 6.17
N SER A 121 -6.91 26.60 6.19
CA SER A 121 -7.64 27.03 7.40
C SER A 121 -8.42 25.87 7.95
N ASN A 122 -8.52 25.83 9.27
CA ASN A 122 -9.18 24.78 10.02
C ASN A 122 -10.24 25.38 10.92
N ASP A 123 -11.38 24.70 11.02
CA ASP A 123 -12.27 24.98 12.13
C ASP A 123 -12.36 23.70 12.98
N SER A 124 -12.14 23.80 14.29
CA SER A 124 -12.29 22.60 15.14
C SER A 124 -13.41 22.71 16.16
N SER A 125 -14.29 21.70 16.20
CA SER A 125 -15.36 21.71 17.17
C SER A 125 -15.45 20.39 17.96
N ILE A 126 -16.27 20.36 19.01
CA ILE A 126 -16.46 19.16 19.82
C ILE A 126 -17.96 18.86 19.98
N GLN A 127 -18.30 17.58 19.76
CA GLN A 127 -19.63 17.06 19.96
C GLN A 127 -19.39 15.79 20.79
N GLY A 128 -19.63 15.90 22.11
CA GLY A 128 -19.46 14.81 23.09
C GLY A 128 -18.01 14.34 23.16
N ASN A 129 -17.76 13.19 22.55
CA ASN A 129 -16.53 12.44 22.64
C ASN A 129 -15.70 12.54 21.35
N CYS A 130 -16.13 13.44 20.46
CA CYS A 130 -15.69 13.44 19.07
C CYS A 130 -15.42 14.90 18.62
N PHE A 131 -14.21 15.19 18.14
CA PHE A 131 -13.93 16.46 17.52
C PHE A 131 -14.25 16.45 16.05
N THR A 132 -14.66 17.60 15.53
CA THR A 132 -14.79 17.71 14.11
C THR A 132 -13.86 18.76 13.56
N TYR A 133 -13.06 18.35 12.58
CA TYR A 133 -12.17 19.28 11.90
C TYR A 133 -12.64 19.54 10.46
N HIS A 134 -12.91 20.80 10.14
CA HIS A 134 -13.29 21.21 8.77
C HIS A 134 -12.12 22.00 8.21
N VAL A 135 -11.53 21.56 7.11
CA VAL A 135 -10.20 22.04 6.69
C VAL A 135 -10.32 22.47 5.24
N LYS A 136 -9.90 23.70 4.91
CA LYS A 136 -9.85 24.19 3.51
C LYS A 136 -8.39 24.45 3.12
N PHE A 137 -7.93 23.82 2.03
CA PHE A 137 -6.50 23.80 1.66
C PHE A 137 -6.40 24.50 0.29
N SER A 138 -5.45 25.38 0.11
CA SER A 138 -5.21 26.02 -1.17
C SER A 138 -3.73 26.11 -1.40
N GLY A 139 -3.19 25.32 -2.33
CA GLY A 139 -1.73 25.38 -2.64
C GLY A 139 -1.53 25.57 -4.14
N LEU A 140 -0.51 26.32 -4.54
CA LEU A 140 -0.32 26.65 -5.94
C LEU A 140 1.16 27.06 -6.14
N ASN A 141 1.51 27.29 -7.41
N ASN A 141 1.55 27.24 -7.40
CA ASN A 141 2.90 27.48 -7.88
CA ASN A 141 2.95 27.48 -7.80
C ASN A 141 3.85 26.33 -7.52
C ASN A 141 3.88 26.33 -7.42
N PHE A 142 3.34 25.11 -7.31
CA PHE A 142 4.21 23.92 -7.27
C PHE A 142 4.81 23.71 -8.69
N PRO A 143 6.14 23.83 -8.84
CA PRO A 143 6.73 23.57 -10.21
C PRO A 143 6.32 22.19 -10.78
N PRO A 144 5.90 22.15 -12.07
CA PRO A 144 5.44 20.91 -12.68
C PRO A 144 6.49 19.78 -12.63
N ASN A 145 7.77 20.17 -12.63
CA ASN A 145 8.82 19.16 -12.45
C ASN A 145 9.45 19.07 -11.07
N GLY A 146 8.84 19.67 -10.05
CA GLY A 146 9.41 19.66 -8.70
C GLY A 146 8.99 18.39 -7.98
N PRO A 147 9.47 18.19 -6.73
CA PRO A 147 9.21 16.94 -6.00
C PRO A 147 7.74 16.73 -5.55
N VAL A 148 6.93 17.78 -5.49
CA VAL A 148 5.54 17.61 -5.05
C VAL A 148 4.74 17.06 -6.24
N MET A 149 4.86 17.69 -7.41
CA MET A 149 4.16 17.24 -8.58
C MET A 149 4.68 15.96 -9.13
N GLN A 150 5.96 15.63 -8.87
CA GLN A 150 6.56 14.41 -9.43
C GLN A 150 6.51 13.30 -8.34
N LYS A 151 5.94 13.61 -7.17
CA LYS A 151 5.78 12.63 -6.07
C LYS A 151 7.10 11.97 -5.64
N LYS A 152 8.06 12.79 -5.28
CA LYS A 152 9.38 12.33 -4.92
C LYS A 152 9.63 12.52 -3.48
N THR A 153 8.59 12.78 -2.70
CA THR A 153 8.81 13.09 -1.26
C THR A 153 8.60 11.82 -0.42
N GLN A 154 9.32 11.70 0.71
CA GLN A 154 9.30 10.48 1.52
C GLN A 154 9.05 10.79 3.01
N GLY A 155 8.08 11.64 3.29
CA GLY A 155 7.69 11.97 4.64
C GLY A 155 8.46 13.17 5.23
N TRP A 156 7.90 13.71 6.30
CA TRP A 156 8.47 14.83 7.04
C TRP A 156 9.47 14.35 8.11
N GLU A 157 10.58 15.07 8.23
CA GLU A 157 11.44 14.99 9.40
C GLU A 157 10.57 15.35 10.63
N PRO A 158 10.89 14.73 11.78
CA PRO A 158 10.41 15.19 13.06
C PRO A 158 10.62 16.75 13.13
N HIS A 159 9.69 17.45 13.72
CA HIS A 159 9.74 18.90 13.67
C HIS A 159 9.33 19.51 15.01
N SER A 160 9.55 20.81 15.12
CA SER A 160 9.53 21.53 16.34
C SER A 160 8.83 22.83 16.06
N GLU A 161 7.89 23.19 16.89
CA GLU A 161 7.12 24.40 16.67
C GLU A 161 7.45 25.39 17.80
N ARG A 162 7.94 26.58 17.48
CA ARG A 162 8.09 27.67 18.45
C ARG A 162 6.73 28.38 18.63
N LEU A 163 6.26 28.42 19.87
CA LEU A 163 4.92 28.93 20.17
C LEU A 163 5.04 30.11 21.15
N PHE A 164 4.32 31.19 20.88
CA PHE A 164 4.18 32.27 21.85
C PHE A 164 2.81 32.93 21.72
N ALA A 165 2.48 33.70 22.77
CA ALA A 165 1.19 34.42 22.86
C ALA A 165 1.26 35.87 22.34
N ARG A 166 0.20 36.25 21.62
CA ARG A 166 0.12 37.60 21.12
C ARG A 166 -1.34 37.93 20.83
N GLY A 167 -1.82 38.99 21.43
CA GLY A 167 -3.23 39.45 21.27
C GLY A 167 -4.29 38.38 21.46
N GLY A 168 -4.10 37.48 22.44
CA GLY A 168 -5.11 36.46 22.76
C GLY A 168 -5.06 35.25 21.80
N MET A 169 -4.10 35.26 20.89
CA MET A 169 -3.87 34.20 19.89
C MET A 169 -2.56 33.52 20.18
N LEU A 170 -2.46 32.31 19.69
CA LEU A 170 -1.24 31.54 19.88
C LEU A 170 -0.62 31.47 18.50
N ILE A 171 0.65 31.90 18.41
N ILE A 171 0.66 31.88 18.43
CA ILE A 171 1.35 31.92 17.16
CA ILE A 171 1.38 31.93 17.19
C ILE A 171 2.48 30.88 17.14
C ILE A 171 2.49 30.87 17.14
N GLY A 172 2.43 29.98 16.17
CA GLY A 172 3.43 28.88 16.03
C GLY A 172 4.24 29.03 14.74
N ASN A 173 5.51 28.67 14.77
CA ASN A 173 6.39 28.67 13.57
C ASN A 173 7.22 27.40 13.59
N ASN A 174 7.43 26.77 12.42
CA ASN A 174 8.18 25.53 12.32
C ASN A 174 9.01 25.62 11.06
N PHE A 175 10.28 25.19 11.15
CA PHE A 175 11.10 24.80 9.97
C PHE A 175 10.87 23.33 9.68
N MET A 176 10.16 23.06 8.60
CA MET A 176 9.82 21.71 8.19
C MET A 176 10.73 21.28 7.03
N ALA A 177 10.86 19.98 6.85
CA ALA A 177 11.61 19.43 5.75
C ALA A 177 11.04 18.08 5.30
N LEU A 178 10.82 17.98 3.98
CA LEU A 178 10.39 16.71 3.33
C LEU A 178 11.65 15.97 2.91
N LYS A 179 11.72 14.71 3.24
CA LYS A 179 12.83 13.85 2.76
C LYS A 179 12.58 13.53 1.28
N LEU A 180 13.64 13.48 0.50
CA LEU A 180 13.51 13.33 -0.95
C LEU A 180 14.01 11.97 -1.34
N GLU A 181 13.36 11.41 -2.36
CA GLU A 181 13.81 10.15 -2.95
C GLU A 181 15.21 10.36 -3.57
N GLY A 182 16.16 9.48 -3.23
CA GLY A 182 17.53 9.71 -3.67
C GLY A 182 18.32 10.63 -2.74
N GLY A 183 17.68 11.23 -1.75
CA GLY A 183 18.48 11.92 -0.70
C GLY A 183 18.27 13.45 -0.75
N GLY A 184 18.62 14.12 0.33
CA GLY A 184 18.42 15.57 0.43
C GLY A 184 17.02 15.89 0.90
N HIS A 185 16.75 17.17 1.09
CA HIS A 185 15.54 17.63 1.72
C HIS A 185 14.91 18.68 0.86
N TYR A 186 13.61 18.85 1.09
CA TYR A 186 12.85 19.88 0.43
C TYR A 186 12.15 20.69 1.52
N LEU A 187 12.51 21.95 1.63
CA LEU A 187 12.20 22.71 2.82
C LEU A 187 10.88 23.46 2.70
N CYS A 188 10.23 23.59 3.84
CA CYS A 188 9.02 24.38 3.98
C CYS A 188 8.99 25.07 5.34
N GLU A 189 8.55 26.32 5.39
CA GLU A 189 8.38 27.02 6.68
C GLU A 189 6.88 27.14 6.96
N PHE A 190 6.42 26.72 8.16
CA PHE A 190 5.02 26.84 8.51
C PHE A 190 4.91 28.02 9.46
N LYS A 191 3.90 28.87 9.25
CA LYS A 191 3.37 29.80 10.26
C LYS A 191 1.90 29.44 10.53
N THR A 192 1.59 29.02 11.75
CA THR A 192 0.24 28.67 12.12
C THR A 192 -0.24 29.54 13.28
N THR A 193 -1.40 30.15 13.11
CA THR A 193 -1.99 30.97 14.15
C THR A 193 -3.26 30.30 14.68
N TYR A 194 -3.33 30.08 16.00
CA TYR A 194 -4.41 29.41 16.68
C TYR A 194 -5.31 30.43 17.38
N LYS A 195 -6.62 30.34 17.12
CA LYS A 195 -7.54 31.37 17.58
C LYS A 195 -8.67 30.75 18.39
N ALA A 196 -8.55 30.79 19.70
CA ALA A 196 -9.58 30.30 20.65
C ALA A 196 -10.86 31.12 20.43
N LYS A 197 -12.01 30.49 20.45
CA LYS A 197 -13.26 31.21 20.23
C LYS A 197 -13.77 31.93 21.48
N LYS A 198 -12.97 31.88 22.57
CA LYS A 198 -13.24 32.53 23.83
C LYS A 198 -11.87 32.87 24.49
N PRO A 199 -11.85 33.84 25.42
CA PRO A 199 -10.56 34.05 26.14
C PRO A 199 -10.08 32.82 27.00
N VAL A 200 -8.78 32.50 26.98
CA VAL A 200 -8.19 31.44 27.80
C VAL A 200 -6.94 31.99 28.48
N LYS A 201 -6.38 31.24 29.42
CA LYS A 201 -5.15 31.61 30.09
C LYS A 201 -3.98 31.36 29.11
N MET A 202 -3.25 32.42 28.77
CA MET A 202 -2.18 32.38 27.77
C MET A 202 -0.88 31.75 28.31
N PRO A 203 -0.28 30.80 27.55
CA PRO A 203 0.98 30.19 27.96
C PRO A 203 2.14 31.14 27.68
N GLY A 204 3.27 30.88 28.31
CA GLY A 204 4.53 31.56 27.98
C GLY A 204 5.22 30.94 26.73
N TYR A 205 6.38 31.48 26.43
CA TYR A 205 7.15 31.08 25.26
C TYR A 205 7.52 29.59 25.42
N HIS A 206 7.15 28.76 24.47
CA HIS A 206 7.51 27.34 24.54
C HIS A 206 7.55 26.66 23.17
N TYR A 207 7.74 25.34 23.16
CA TYR A 207 7.81 24.58 21.96
C TYR A 207 6.91 23.34 22.01
N VAL A 208 6.55 22.84 20.84
CA VAL A 208 5.97 21.50 20.72
C VAL A 208 6.80 20.63 19.74
N ASP A 209 7.27 19.47 20.17
CA ASP A 209 7.97 18.54 19.25
C ASP A 209 7.00 17.46 18.73
N ARG A 210 7.06 17.18 17.42
CA ARG A 210 6.17 16.23 16.80
C ARG A 210 6.94 15.33 15.85
N LYS A 211 6.37 14.15 15.59
CA LYS A 211 6.80 13.26 14.54
C LYS A 211 5.49 12.77 13.93
N LEU A 212 5.37 12.91 12.61
CA LEU A 212 4.23 12.50 11.79
C LEU A 212 4.75 11.40 10.89
N ASP A 213 4.12 10.24 10.96
CA ASP A 213 4.49 9.06 10.17
C ASP A 213 3.25 8.52 9.44
N VAL A 214 3.32 8.41 8.13
CA VAL A 214 2.39 7.64 7.32
C VAL A 214 2.73 6.19 7.53
N THR A 215 1.87 5.46 8.23
CA THR A 215 2.13 4.09 8.58
C THR A 215 1.56 3.06 7.62
N ASN A 216 0.62 3.49 6.74
CA ASN A 216 0.01 2.58 5.72
C ASN A 216 -0.52 3.45 4.60
N HIS A 217 -0.67 2.88 3.41
CA HIS A 217 -1.37 3.61 2.35
C HIS A 217 -1.64 2.62 1.26
N ASN A 218 -2.51 2.95 0.31
CA ASN A 218 -2.64 2.10 -0.85
C ASN A 218 -1.73 2.63 -1.97
N LYS A 219 -1.84 2.05 -3.16
CA LYS A 219 -0.80 2.19 -4.20
C LYS A 219 -0.70 3.64 -4.70
N ASP A 220 -1.84 4.34 -4.66
CA ASP A 220 -2.01 5.65 -5.28
C ASP A 220 -2.36 6.70 -4.23
N TYR A 221 -2.14 6.36 -2.95
CA TYR A 221 -2.40 7.26 -1.86
C TYR A 221 -3.84 7.80 -1.81
N THR A 222 -4.78 7.02 -2.32
CA THR A 222 -6.18 7.39 -2.11
C THR A 222 -6.72 6.88 -0.78
N SER A 223 -5.87 6.15 -0.07
CA SER A 223 -6.19 5.75 1.26
C SER A 223 -4.90 5.78 2.07
N VAL A 224 -4.93 6.40 3.25
CA VAL A 224 -3.71 6.67 4.01
C VAL A 224 -3.97 6.60 5.50
N GLU A 225 -3.06 6.01 6.23
CA GLU A 225 -3.12 5.98 7.72
C GLU A 225 -1.89 6.69 8.27
N GLN A 226 -2.08 7.54 9.26
CA GLN A 226 -0.92 8.21 9.84
C GLN A 226 -1.04 8.29 11.30
N CYS A 227 0.08 8.57 11.92
N CYS A 227 0.11 8.43 11.93
CA CYS A 227 0.21 8.46 13.35
CA CYS A 227 0.26 8.41 13.39
C CYS A 227 1.05 9.70 13.75
C CYS A 227 0.95 9.77 13.67
N GLU A 228 0.64 10.36 14.82
CA GLU A 228 1.38 11.53 15.26
C GLU A 228 1.59 11.50 16.77
N ILE A 229 2.80 11.84 17.24
CA ILE A 229 3.09 12.09 18.65
C ILE A 229 3.42 13.57 18.83
N SER A 230 2.77 14.28 19.77
CA SER A 230 3.07 15.72 20.03
C SER A 230 3.17 16.01 21.50
N ILE A 231 4.31 16.60 21.87
CA ILE A 231 4.68 16.89 23.23
C ILE A 231 5.25 18.30 23.39
N ALA A 232 4.61 19.05 24.27
CA ALA A 232 4.99 20.39 24.62
C ALA A 232 6.11 20.38 25.67
N ARG A 233 6.92 21.43 25.64
CA ARG A 233 8.02 21.60 26.60
C ARG A 233 8.50 23.01 26.67
N LYS A 234 9.19 23.30 27.76
CA LYS A 234 9.94 24.53 27.90
C LYS A 234 11.17 24.43 26.95
N PRO A 235 11.84 25.55 26.63
CA PRO A 235 13.21 25.44 26.03
C PRO A 235 14.17 24.41 26.77
N VAL A 236 15.01 23.70 25.99
CA VAL A 236 15.91 22.63 26.51
C VAL A 236 17.03 23.26 27.29
N VAL A 237 17.62 24.31 26.71
CA VAL A 237 18.69 25.06 27.36
C VAL A 237 18.03 26.39 27.70
N ALA A 238 17.97 26.68 28.99
CA ALA A 238 17.14 27.75 29.47
C ALA A 238 17.84 28.35 30.75
N MET B 20 40.26 18.25 17.54
CA MET B 20 40.31 16.99 18.32
C MET B 20 41.69 17.01 18.99
N SER B 21 42.73 16.75 18.19
CA SER B 21 44.03 17.25 18.56
C SER B 21 43.93 18.78 18.46
N VAL B 22 43.26 19.28 17.41
CA VAL B 22 43.35 20.72 17.05
C VAL B 22 42.78 21.68 18.12
N ILE B 23 41.68 21.26 18.72
CA ILE B 23 40.91 22.14 19.58
C ILE B 23 41.04 21.64 21.03
N ALA B 24 41.61 22.47 21.91
CA ALA B 24 41.81 22.08 23.31
C ALA B 24 40.51 22.24 24.13
N THR B 25 40.48 21.58 25.29
CA THR B 25 39.33 21.61 26.18
C THR B 25 39.04 23.00 26.79
N GLN B 26 40.06 23.86 26.89
CA GLN B 26 39.83 25.26 27.26
C GLN B 26 40.43 26.09 26.12
N MET B 27 39.71 27.04 25.56
CA MET B 27 40.25 27.85 24.45
C MET B 27 39.88 29.28 24.72
N THR B 28 40.62 30.23 24.16
CA THR B 28 40.20 31.61 24.21
C THR B 28 39.76 31.99 22.82
N TYR B 29 39.19 33.18 22.69
CA TYR B 29 39.11 33.74 21.37
C TYR B 29 39.13 35.28 21.29
N LYS B 30 39.29 35.80 20.08
CA LYS B 30 39.29 37.24 19.80
C LYS B 30 38.25 37.57 18.71
N VAL B 31 37.40 38.59 18.96
CA VAL B 31 36.36 38.97 18.02
C VAL B 31 36.74 40.35 17.50
N TYR B 32 36.70 40.51 16.20
CA TYR B 32 36.84 41.83 15.55
C TYR B 32 35.57 42.02 14.69
N MET B 33 34.71 42.92 15.12
CA MET B 33 33.47 43.19 14.37
C MET B 33 33.40 44.66 13.93
N SER B 34 32.94 44.87 12.71
CA SER B 34 32.67 46.20 12.24
C SER B 34 31.40 46.14 11.38
N GLY B 35 30.73 47.29 11.23
CA GLY B 35 29.64 47.37 10.26
C GLY B 35 28.77 48.58 10.48
N THR B 36 27.53 48.47 10.01
CA THR B 36 26.67 49.63 9.88
C THR B 36 25.28 49.19 10.23
N VAL B 37 24.58 50.05 10.96
CA VAL B 37 23.19 49.89 11.28
C VAL B 37 22.51 51.22 10.84
N ASN B 38 21.51 51.14 9.92
CA ASN B 38 20.85 52.31 9.39
C ASN B 38 21.94 53.30 8.98
N GLY B 39 23.00 52.75 8.39
CA GLY B 39 24.13 53.59 8.03
C GLY B 39 25.05 54.13 9.15
N HIS B 40 24.81 53.78 10.43
CA HIS B 40 25.69 54.23 11.51
C HIS B 40 26.87 53.23 11.61
N TYR B 41 28.08 53.67 11.32
CA TYR B 41 29.24 52.79 11.39
C TYR B 41 29.73 52.51 12.83
N PHE B 42 30.27 51.32 13.07
CA PHE B 42 30.77 50.97 14.42
C PHE B 42 31.87 49.91 14.27
N GLU B 43 32.74 49.79 15.29
CA GLU B 43 33.64 48.64 15.48
C GLU B 43 33.50 48.13 16.92
N VAL B 44 33.65 46.82 17.07
CA VAL B 44 33.60 46.18 18.36
C VAL B 44 34.79 45.23 18.41
N GLU B 45 35.44 45.11 19.57
CA GLU B 45 36.42 44.05 19.81
C GLU B 45 35.98 43.25 21.01
N GLY B 46 36.13 41.92 20.96
CA GLY B 46 35.99 41.10 22.16
C GLY B 46 37.11 40.14 22.52
N ASP B 47 37.16 39.75 23.79
CA ASP B 47 37.99 38.67 24.29
C ASP B 47 37.08 37.63 24.91
N GLY B 48 37.12 36.42 24.40
CA GLY B 48 36.20 35.35 24.93
C GLY B 48 37.07 34.20 25.42
N LYS B 49 36.41 33.23 26.03
CA LYS B 49 37.04 32.02 26.50
C LYS B 49 35.94 31.03 26.78
N GLY B 50 36.27 29.76 26.70
CA GLY B 50 35.30 28.75 27.09
C GLY B 50 35.81 27.37 26.84
N ARG B 51 34.87 26.43 26.87
CA ARG B 51 35.16 25.00 26.82
C ARG B 51 34.45 24.43 25.63
N PRO B 52 35.13 24.30 24.53
CA PRO B 52 34.45 23.99 23.28
C PRO B 52 33.64 22.69 23.33
N TYR B 53 34.07 21.69 24.10
CA TYR B 53 33.38 20.40 24.18
C TYR B 53 32.27 20.37 25.22
N GLU B 54 32.18 21.44 26.04
CA GLU B 54 31.09 21.54 27.02
C GLU B 54 29.99 22.49 26.52
N GLY B 55 30.25 23.18 25.42
CA GLY B 55 29.29 24.14 24.89
C GLY B 55 29.10 25.37 25.72
N GLU B 56 30.17 25.80 26.42
CA GLU B 56 30.07 26.90 27.41
C GLU B 56 31.09 27.92 27.01
N GLN B 57 30.67 29.17 26.98
CA GLN B 57 31.57 30.26 26.63
C GLN B 57 31.13 31.62 27.18
N THR B 58 32.11 32.49 27.45
N THR B 58 32.10 32.51 27.40
CA THR B 58 31.86 33.86 27.83
CA THR B 58 31.85 33.86 27.82
C THR B 58 32.77 34.84 27.07
C THR B 58 32.73 34.81 27.00
N VAL B 59 32.25 36.02 26.75
CA VAL B 59 33.02 37.00 26.01
C VAL B 59 32.83 38.40 26.60
N LYS B 60 33.84 39.24 26.47
CA LYS B 60 33.73 40.62 26.94
C LYS B 60 33.98 41.55 25.72
N LEU B 61 33.06 42.47 25.47
CA LEU B 61 33.03 43.24 24.24
C LEU B 61 33.19 44.72 24.57
N THR B 62 33.90 45.44 23.71
CA THR B 62 34.10 46.84 23.87
C THR B 62 33.69 47.46 22.51
N VAL B 63 32.84 48.49 22.53
CA VAL B 63 32.61 49.29 21.34
C VAL B 63 33.82 50.21 21.17
N THR B 64 34.65 49.97 20.16
CA THR B 64 35.91 50.72 19.99
C THR B 64 35.75 51.89 19.04
N LYS B 65 34.69 51.89 18.26
CA LYS B 65 34.45 52.98 17.33
C LYS B 65 32.96 53.18 17.10
N GLY B 66 32.55 54.43 16.97
CA GLY B 66 31.14 54.79 16.77
C GLY B 66 30.22 54.68 17.97
N GLY B 67 30.77 54.51 19.18
CA GLY B 67 29.94 54.48 20.40
C GLY B 67 29.67 55.87 20.96
N PRO B 68 28.64 56.04 21.79
CA PRO B 68 27.66 55.02 22.14
C PRO B 68 26.77 54.71 20.94
N LEU B 69 26.38 53.45 20.83
CA LEU B 69 25.60 52.96 19.70
C LEU B 69 24.15 53.45 19.88
N PRO B 70 23.57 54.04 18.84
CA PRO B 70 22.21 54.53 18.98
C PRO B 70 21.16 53.43 18.68
N PHE B 71 21.50 52.14 18.83
CA PHE B 71 20.55 51.05 18.63
C PHE B 71 20.77 49.98 19.72
N ALA B 72 19.81 49.05 19.84
CA ALA B 72 19.85 47.95 20.81
C ALA B 72 21.11 47.10 20.66
N TRP B 73 21.90 46.98 21.72
CA TRP B 73 22.99 46.00 21.75
C TRP B 73 22.54 44.62 21.25
N ASP B 74 21.31 44.23 21.58
CA ASP B 74 20.82 42.89 21.30
C ASP B 74 20.98 42.42 19.85
N ILE B 75 20.94 43.33 18.86
CA ILE B 75 21.06 42.84 17.52
C ILE B 75 22.46 42.37 17.22
N LEU B 76 23.45 42.83 18.01
CA LEU B 76 24.85 42.44 17.78
C LEU B 76 25.25 41.26 18.64
N SER B 77 24.55 41.00 19.76
CA SER B 77 25.08 39.99 20.68
C SER B 77 25.23 38.63 20.04
N PRO B 78 24.31 38.23 19.12
CA PRO B 78 24.54 36.85 18.65
C PRO B 78 25.59 36.78 17.54
N GLN B 79 26.21 37.89 17.16
CA GLN B 79 27.23 37.82 16.15
C GLN B 79 28.58 37.69 16.81
N CYS B 80 28.61 37.90 18.13
CA CYS B 80 29.84 37.73 18.91
C CYS B 80 30.09 36.29 19.31
C3 QFG B 81 29.94 33.03 16.81
N1 QFG B 81 29.61 35.07 19.42
O3 QFG B 81 30.99 33.27 16.19
C1 QFG B 81 27.53 33.92 18.91
C2 QFG B 81 26.54 33.04 17.18
N2 QFG B 81 26.32 33.49 19.41
O2 QFG B 81 26.23 32.69 16.00
N3 QFG B 81 27.67 33.64 17.53
CZ QFG B 81 22.32 30.29 15.36
CA1 QFG B 81 28.48 34.61 19.82
CA2 QFG B 81 25.66 32.96 18.34
CA3 QFG B 81 28.78 33.97 16.61
CB1 QFG B 81 28.02 34.76 21.30
CB2 QFG B 81 24.33 32.41 18.49
CD1 QFG B 81 22.35 32.12 16.92
CD2 QFG B 81 24.25 30.57 16.84
CD3 QFG B 81 28.92 34.50 23.57
CE1 QFG B 81 21.71 31.37 15.91
NE1 QFG B 81 29.93 34.14 24.37
OE1 QFG B 81 27.95 35.17 23.95
CE2 QFG B 81 23.61 29.87 15.79
CG1 QFG B 81 29.06 34.06 22.16
CG2 QFG B 81 23.64 31.73 17.37
N SER B 82 29.99 32.21 17.80
CA SER B 82 31.20 31.50 18.32
C SER B 82 30.88 30.00 18.29
N ILE B 83 30.76 29.49 17.05
CA ILE B 83 30.09 28.21 16.77
C ILE B 83 30.91 27.02 17.20
N PRO B 84 32.26 27.11 17.23
CA PRO B 84 33.01 25.91 17.71
C PRO B 84 32.75 25.53 19.16
N PHE B 85 32.10 26.40 19.95
CA PHE B 85 31.83 26.12 21.40
C PHE B 85 30.40 25.51 21.59
N THR B 86 30.13 24.40 20.89
CA THR B 86 28.84 23.77 20.91
C THR B 86 29.14 22.34 21.35
N LYS B 87 28.41 21.82 22.34
CA LYS B 87 28.65 20.47 22.81
C LYS B 87 27.94 19.48 21.86
N TYR B 88 28.69 18.75 21.03
CA TYR B 88 28.11 17.73 20.15
C TYR B 88 28.29 16.37 20.81
N PRO B 89 27.21 15.58 20.89
CA PRO B 89 27.28 14.19 21.34
C PRO B 89 28.12 13.42 20.31
N GLU B 90 28.67 12.30 20.75
CA GLU B 90 29.60 11.54 19.95
C GLU B 90 28.96 11.00 18.66
N ASP B 91 27.67 10.71 18.68
CA ASP B 91 27.06 10.15 17.47
C ASP B 91 26.51 11.18 16.46
N ILE B 92 26.73 12.47 16.70
CA ILE B 92 26.44 13.51 15.67
C ILE B 92 27.72 14.19 15.19
N PRO B 93 28.07 14.01 13.93
CA PRO B 93 29.26 14.72 13.42
C PRO B 93 29.19 16.21 13.70
N ASP B 94 30.31 16.79 14.12
CA ASP B 94 30.43 18.21 14.50
C ASP B 94 31.20 18.90 13.35
N TYR B 95 30.42 19.56 12.51
CA TYR B 95 30.88 20.05 11.24
C TYR B 95 31.92 21.10 11.47
N VAL B 96 31.62 22.06 12.33
CA VAL B 96 32.53 23.14 12.65
C VAL B 96 33.87 22.72 13.29
N LYS B 97 33.84 21.86 14.30
CA LYS B 97 35.07 21.43 14.93
C LYS B 97 35.88 20.66 13.86
N GLN B 98 35.22 19.84 13.06
CA GLN B 98 35.96 19.12 12.05
C GLN B 98 36.69 20.04 11.09
N SER B 99 36.19 21.26 10.86
CA SER B 99 36.67 22.12 9.78
C SER B 99 38.08 22.66 10.10
N PHE B 100 38.54 22.47 11.35
CA PHE B 100 39.87 22.97 11.68
C PHE B 100 40.97 21.95 11.34
N PRO B 101 42.23 22.42 11.15
CA PRO B 101 42.73 23.78 11.32
C PRO B 101 42.34 24.79 10.22
N GLU B 102 41.95 24.36 9.04
CA GLU B 102 41.64 25.33 7.98
C GLU B 102 40.55 26.31 8.41
N GLY B 103 39.52 25.81 9.11
CA GLY B 103 38.45 26.67 9.62
C GLY B 103 37.27 26.75 8.66
N PHE B 104 36.48 27.81 8.77
CA PHE B 104 35.15 27.88 8.16
C PHE B 104 34.70 29.37 8.10
N THR B 105 33.70 29.65 7.30
CA THR B 105 33.03 30.94 7.32
C THR B 105 31.57 30.69 7.64
N TRP B 106 30.86 31.71 8.09
CA TRP B 106 29.38 31.61 8.12
C TRP B 106 28.77 32.89 7.52
N GLU B 107 27.58 32.73 6.98
CA GLU B 107 26.83 33.78 6.31
C GLU B 107 25.41 33.73 6.92
N ARG B 108 24.99 34.85 7.48
CA ARG B 108 23.71 34.94 8.15
C ARG B 108 22.80 36.04 7.54
N ILE B 109 21.54 35.71 7.35
CA ILE B 109 20.46 36.62 7.09
C ILE B 109 19.53 36.69 8.34
N MET B 110 19.26 37.91 8.81
CA MET B 110 18.29 38.13 9.89
C MET B 110 17.11 38.98 9.38
N ASN B 111 15.88 38.45 9.44
CA ASN B 111 14.67 39.14 8.95
C ASN B 111 13.77 39.41 10.13
N PHE B 112 13.66 40.67 10.50
CA PHE B 112 12.89 41.08 11.64
C PHE B 112 11.48 41.36 11.17
N GLU B 113 10.48 41.26 12.08
CA GLU B 113 9.08 41.28 11.63
C GLU B 113 8.61 42.66 11.21
N ASP B 114 9.26 43.76 11.66
CA ASP B 114 8.90 45.12 11.20
C ASP B 114 9.64 45.54 9.88
N GLY B 115 10.24 44.58 9.19
CA GLY B 115 10.93 44.82 7.90
C GLY B 115 12.44 45.10 7.95
N ALA B 116 13.03 45.19 9.13
CA ALA B 116 14.47 45.34 9.14
C ALA B 116 15.14 44.06 8.65
N VAL B 117 16.28 44.21 7.98
CA VAL B 117 17.07 43.06 7.51
C VAL B 117 18.56 43.32 7.80
N CYS B 118 19.28 42.28 8.29
CA CYS B 118 20.71 42.31 8.48
C CYS B 118 21.36 41.16 7.70
N THR B 119 22.54 41.40 7.15
CA THR B 119 23.32 40.31 6.62
C THR B 119 24.67 40.38 7.38
N VAL B 120 25.15 39.24 7.82
CA VAL B 120 26.26 39.19 8.72
C VAL B 120 27.19 38.14 8.18
N SER B 121 28.51 38.44 8.09
CA SER B 121 29.41 37.40 7.66
C SER B 121 30.54 37.22 8.64
N ASN B 122 31.03 35.99 8.81
CA ASN B 122 32.12 35.70 9.75
C ASN B 122 33.17 34.89 9.04
N ASP B 123 34.44 35.21 9.23
CA ASP B 123 35.52 34.28 9.02
C ASP B 123 36.07 33.75 10.38
N SER B 124 36.29 32.45 10.51
CA SER B 124 36.76 31.88 11.77
C SER B 124 38.04 31.09 11.58
N SER B 125 39.10 31.45 12.29
CA SER B 125 40.39 30.77 12.11
C SER B 125 40.96 30.41 13.47
N ILE B 126 42.03 29.60 13.51
CA ILE B 126 42.60 29.13 14.79
C ILE B 126 44.05 29.45 14.80
N GLN B 127 44.55 29.95 15.92
CA GLN B 127 46.02 30.13 16.11
C GLN B 127 46.33 29.60 17.50
N GLY B 128 47.00 28.45 17.55
CA GLY B 128 47.23 27.71 18.79
C GLY B 128 45.95 27.45 19.58
N ASN B 129 45.89 28.08 20.73
CA ASN B 129 44.86 27.93 21.75
C ASN B 129 43.75 28.98 21.63
N CYS B 130 43.84 29.84 20.59
CA CYS B 130 42.96 31.01 20.38
C CYS B 130 42.22 30.89 19.03
N PHE B 131 40.92 31.13 18.98
CA PHE B 131 40.23 31.34 17.72
C PHE B 131 40.20 32.82 17.40
N THR B 132 40.24 33.19 16.11
CA THR B 132 39.96 34.56 15.75
C THR B 132 38.71 34.62 14.88
N TYR B 133 37.79 35.52 15.23
CA TYR B 133 36.56 35.76 14.45
C TYR B 133 36.58 37.16 13.87
N HIS B 134 36.45 37.28 12.56
CA HIS B 134 36.30 38.57 11.84
C HIS B 134 34.86 38.60 11.36
N VAL B 135 34.12 39.60 11.81
CA VAL B 135 32.68 39.69 11.60
C VAL B 135 32.35 41.02 10.91
N LYS B 136 31.63 40.96 9.81
CA LYS B 136 31.08 42.17 9.14
C LYS B 136 29.59 42.19 9.29
N PHE B 137 29.05 43.33 9.74
CA PHE B 137 27.62 43.43 10.06
C PHE B 137 27.00 44.58 9.26
N SER B 138 25.88 44.27 8.62
CA SER B 138 25.17 45.24 7.84
C SER B 138 23.66 45.15 8.12
N GLY B 139 23.08 46.11 8.80
CA GLY B 139 21.64 46.08 9.11
C GLY B 139 21.01 47.38 8.71
N LEU B 140 19.78 47.34 8.20
CA LEU B 140 19.10 48.58 7.86
C LEU B 140 17.56 48.37 7.82
N ASN B 141 16.83 49.44 7.49
N ASN B 141 16.80 49.43 7.49
CA ASN B 141 15.38 49.50 7.55
CA ASN B 141 15.34 49.41 7.47
C ASN B 141 14.85 49.11 8.94
C ASN B 141 14.78 49.22 8.92
N PHE B 142 15.58 49.49 9.98
CA PHE B 142 15.05 49.47 11.33
C PHE B 142 14.20 50.76 11.45
N PRO B 143 12.92 50.63 11.79
CA PRO B 143 12.07 51.83 11.92
C PRO B 143 12.57 52.74 13.04
N PRO B 144 12.62 54.07 12.79
CA PRO B 144 13.17 55.01 13.77
C PRO B 144 12.44 55.00 15.14
N ASN B 145 11.16 54.73 15.12
CA ASN B 145 10.40 54.63 16.39
C ASN B 145 10.22 53.15 16.81
N GLY B 146 10.95 52.22 16.19
CA GLY B 146 10.81 50.82 16.55
C GLY B 146 11.69 50.45 17.73
N PRO B 147 11.60 49.18 18.21
CA PRO B 147 12.26 48.83 19.47
C PRO B 147 13.84 48.72 19.39
N VAL B 148 14.42 48.58 18.21
CA VAL B 148 15.87 48.49 18.08
C VAL B 148 16.45 49.91 18.21
N MET B 149 15.89 50.87 17.48
CA MET B 149 16.33 52.23 17.50
C MET B 149 15.97 53.02 18.76
N GLN B 150 14.87 52.64 19.43
CA GLN B 150 14.48 53.16 20.74
C GLN B 150 15.06 52.34 21.89
N LYS B 151 15.77 51.25 21.62
CA LYS B 151 16.45 50.50 22.65
C LYS B 151 15.46 49.97 23.69
N LYS B 152 14.44 49.26 23.23
CA LYS B 152 13.41 48.78 24.13
C LYS B 152 13.50 47.28 24.28
N THR B 153 14.58 46.67 23.86
CA THR B 153 14.67 45.21 23.85
C THR B 153 15.33 44.75 25.15
N GLN B 154 15.02 43.54 25.59
CA GLN B 154 15.55 43.02 26.85
C GLN B 154 16.09 41.59 26.76
N GLY B 155 16.93 41.29 25.80
CA GLY B 155 17.45 39.93 25.65
C GLY B 155 16.63 39.01 24.70
N TRP B 156 17.29 38.00 24.15
CA TRP B 156 16.71 36.99 23.32
C TRP B 156 16.16 35.90 24.20
N GLU B 157 15.01 35.41 23.82
CA GLU B 157 14.55 34.18 24.36
C GLU B 157 15.60 33.08 23.98
N PRO B 158 15.71 32.03 24.79
CA PRO B 158 16.42 30.79 24.42
C PRO B 158 15.91 30.27 23.05
N HIS B 159 16.79 29.71 22.23
CA HIS B 159 16.38 29.45 20.91
C HIS B 159 16.94 28.12 20.46
N SER B 160 16.44 27.68 19.35
CA SER B 160 16.75 26.39 18.85
C SER B 160 17.06 26.51 17.33
N GLU B 161 18.17 25.95 16.89
CA GLU B 161 18.51 26.01 15.50
C GLU B 161 18.28 24.66 14.82
N ARG B 162 17.45 24.62 13.79
CA ARG B 162 17.31 23.42 12.93
C ARG B 162 18.49 23.38 11.94
N LEU B 163 19.23 22.25 11.93
CA LEU B 163 20.47 22.10 11.11
C LEU B 163 20.44 20.91 10.14
N PHE B 164 20.83 21.13 8.89
CA PHE B 164 20.89 19.99 7.99
C PHE B 164 22.00 20.22 6.97
N ALA B 165 22.46 19.12 6.34
CA ALA B 165 23.58 19.16 5.37
C ALA B 165 23.06 19.37 3.98
N ARG B 166 23.72 20.21 3.20
CA ARG B 166 23.36 20.40 1.80
C ARG B 166 24.57 20.93 1.06
N GLY B 167 24.92 20.23 -0.02
CA GLY B 167 26.10 20.58 -0.84
C GLY B 167 27.43 20.84 -0.09
N GLY B 168 27.74 20.05 0.94
CA GLY B 168 29.03 20.27 1.62
C GLY B 168 28.98 21.32 2.78
N MET B 169 27.84 21.98 2.86
CA MET B 169 27.59 23.11 3.77
C MET B 169 26.59 22.71 4.85
N LEU B 170 26.66 23.40 5.97
CA LEU B 170 25.69 23.21 7.01
C LEU B 170 24.75 24.40 7.03
N ILE B 171 23.46 24.13 6.98
CA ILE B 171 22.45 25.19 6.91
C ILE B 171 21.58 25.22 8.14
N GLY B 172 21.52 26.40 8.77
CA GLY B 172 20.75 26.50 10.01
C GLY B 172 19.65 27.54 9.94
N ASN B 173 18.54 27.32 10.65
CA ASN B 173 17.40 28.23 10.70
C ASN B 173 16.91 28.37 12.09
N ASN B 174 16.67 29.60 12.56
CA ASN B 174 16.16 29.78 13.96
C ASN B 174 15.01 30.74 13.92
N PHE B 175 13.94 30.43 14.65
CA PHE B 175 12.90 31.43 15.04
C PHE B 175 13.31 32.13 16.33
N MET B 176 13.75 33.35 16.20
CA MET B 176 14.22 34.08 17.36
C MET B 176 13.20 35.07 17.84
N ALA B 177 13.37 35.49 19.07
CA ALA B 177 12.46 36.48 19.61
C ALA B 177 13.21 37.32 20.66
N LEU B 178 13.11 38.62 20.53
CA LEU B 178 13.60 39.57 21.57
C LEU B 178 12.48 39.92 22.56
N LYS B 179 12.74 39.83 23.85
CA LYS B 179 11.78 40.32 24.87
C LYS B 179 11.70 41.84 24.84
N LEU B 180 10.51 42.39 25.05
CA LEU B 180 10.31 43.84 24.93
C LEU B 180 9.99 44.40 26.27
N GLU B 181 10.55 45.59 26.54
CA GLU B 181 10.24 46.35 27.74
C GLU B 181 8.73 46.56 27.75
N GLY B 182 8.08 46.25 28.86
CA GLY B 182 6.60 46.39 28.89
C GLY B 182 5.87 45.14 28.38
N GLY B 183 6.62 44.15 27.89
CA GLY B 183 6.01 42.85 27.61
C GLY B 183 5.85 42.61 26.10
N GLY B 184 5.69 41.36 25.70
CA GLY B 184 5.61 41.08 24.25
C GLY B 184 6.97 40.74 23.68
N HIS B 185 7.01 40.44 22.40
CA HIS B 185 8.15 39.91 21.74
C HIS B 185 8.32 40.63 20.44
N TYR B 186 9.56 40.71 19.96
CA TYR B 186 9.85 41.25 18.66
C TYR B 186 10.60 40.12 17.90
N LEU B 187 10.01 39.61 16.81
CA LEU B 187 10.48 38.40 16.15
C LEU B 187 11.53 38.70 15.12
N CYS B 188 12.44 37.73 14.99
CA CYS B 188 13.43 37.74 13.94
C CYS B 188 13.65 36.31 13.50
N GLU B 189 13.80 36.11 12.21
CA GLU B 189 14.23 34.86 11.69
C GLU B 189 15.69 34.89 11.21
N PHE B 190 16.49 33.90 11.66
CA PHE B 190 17.91 33.75 11.28
C PHE B 190 18.00 32.62 10.28
N LYS B 191 18.75 32.84 9.20
CA LYS B 191 19.26 31.76 8.38
C LYS B 191 20.76 31.91 8.40
N THR B 192 21.45 30.88 8.88
CA THR B 192 22.92 30.88 8.86
C THR B 192 23.46 29.69 8.06
N THR B 193 24.36 29.99 7.11
CA THR B 193 24.99 28.95 6.32
C THR B 193 26.47 28.87 6.76
N TYR B 194 26.92 27.69 7.23
CA TYR B 194 28.26 27.43 7.67
C TYR B 194 29.05 26.75 6.55
N LYS B 195 30.22 27.27 6.27
CA LYS B 195 30.99 26.79 5.14
C LYS B 195 32.40 26.43 5.56
N ALA B 196 32.66 25.11 5.67
CA ALA B 196 33.99 24.60 6.09
C ALA B 196 34.89 24.81 4.90
N LYS B 197 36.13 25.10 5.20
CA LYS B 197 37.11 25.39 4.15
C LYS B 197 37.74 24.12 3.62
N LYS B 198 37.33 22.95 4.14
CA LYS B 198 37.66 21.64 3.51
C LYS B 198 36.46 20.68 3.60
N PRO B 199 36.50 19.56 2.86
CA PRO B 199 35.42 18.58 3.07
C PRO B 199 35.48 17.94 4.47
N VAL B 200 34.33 17.78 5.13
CA VAL B 200 34.27 17.10 6.44
C VAL B 200 33.12 16.09 6.41
N LYS B 201 32.99 15.27 7.47
CA LYS B 201 31.91 14.29 7.55
C LYS B 201 30.67 15.05 7.96
N MET B 202 29.62 14.90 7.16
CA MET B 202 28.36 15.64 7.31
C MET B 202 27.42 15.03 8.32
N PRO B 203 26.84 15.87 9.20
CA PRO B 203 25.83 15.32 10.10
C PRO B 203 24.49 15.12 9.43
N GLY B 204 23.68 14.23 10.02
CA GLY B 204 22.25 14.15 9.72
C GLY B 204 21.47 15.36 10.26
N TYR B 205 20.16 15.32 10.11
CA TYR B 205 19.26 16.38 10.49
C TYR B 205 19.23 16.47 12.03
N HIS B 206 19.49 17.64 12.60
CA HIS B 206 19.62 17.78 14.07
C HIS B 206 19.35 19.23 14.55
N TYR B 207 19.48 19.50 15.86
CA TYR B 207 19.19 20.81 16.42
C TYR B 207 20.32 21.22 17.35
N VAL B 208 20.46 22.53 17.52
CA VAL B 208 21.26 23.11 18.57
C VAL B 208 20.39 24.05 19.44
N ASP B 209 20.32 23.74 20.75
CA ASP B 209 19.61 24.61 21.73
C ASP B 209 20.62 25.56 22.36
N ARG B 210 20.28 26.83 22.47
CA ARG B 210 21.17 27.85 23.02
C ARG B 210 20.43 28.75 23.94
N LYS B 211 21.15 29.33 24.88
CA LYS B 211 20.73 30.56 25.54
C LYS B 211 21.91 31.53 25.61
N LEU B 212 21.63 32.78 25.27
CA LEU B 212 22.59 33.82 25.17
C LEU B 212 22.11 34.82 26.25
N ASP B 213 22.95 35.12 27.24
CA ASP B 213 22.67 36.06 28.30
C ASP B 213 23.67 37.23 28.36
N VAL B 214 23.17 38.46 28.41
CA VAL B 214 24.01 39.60 28.79
C VAL B 214 24.09 39.63 30.25
N THR B 215 25.28 39.33 30.76
CA THR B 215 25.39 39.22 32.19
C THR B 215 25.93 40.49 32.88
N ASN B 216 26.49 41.41 32.07
CA ASN B 216 27.05 42.70 32.56
C ASN B 216 27.14 43.68 31.40
N HIS B 217 27.07 44.97 31.71
CA HIS B 217 27.19 46.01 30.72
C HIS B 217 27.32 47.32 31.49
N ASN B 218 27.86 48.33 30.82
CA ASN B 218 27.91 49.64 31.42
C ASN B 218 26.68 50.42 30.89
N LYS B 219 26.57 51.71 31.20
CA LYS B 219 25.27 52.37 31.11
C LYS B 219 24.81 52.49 29.64
N ASP B 220 25.77 52.65 28.74
CA ASP B 220 25.46 52.92 27.35
C ASP B 220 25.92 51.76 26.50
N TYR B 221 26.15 50.63 27.16
CA TYR B 221 26.40 49.36 26.43
C TYR B 221 27.63 49.46 25.51
N THR B 222 28.56 50.36 25.87
CA THR B 222 29.86 50.41 25.20
C THR B 222 30.79 49.33 25.76
N SER B 223 30.33 48.62 26.80
CA SER B 223 31.03 47.48 27.34
C SER B 223 30.00 46.48 27.65
N VAL B 224 30.24 45.23 27.29
CA VAL B 224 29.23 44.22 27.55
C VAL B 224 29.91 42.91 27.85
N GLU B 225 29.38 42.16 28.81
CA GLU B 225 29.81 40.78 29.00
C GLU B 225 28.67 39.80 28.72
N GLN B 226 28.91 38.72 27.96
CA GLN B 226 27.86 37.79 27.55
C GLN B 226 28.22 36.38 27.85
N CYS B 227 27.24 35.55 28.12
CA CYS B 227 27.41 34.11 28.44
CA CYS B 227 27.45 34.12 28.35
C CYS B 227 26.58 33.35 27.40
N GLU B 228 27.08 32.22 26.92
CA GLU B 228 26.25 31.35 26.05
C GLU B 228 26.39 29.87 26.35
N ILE B 229 25.31 29.14 26.23
CA ILE B 229 25.39 27.67 26.35
C ILE B 229 24.79 27.12 25.06
N SER B 230 25.51 26.21 24.38
CA SER B 230 25.03 25.56 23.15
C SER B 230 25.25 24.10 23.16
N ILE B 231 24.17 23.36 22.96
CA ILE B 231 24.18 21.93 23.02
C ILE B 231 23.43 21.33 21.81
N ALA B 232 24.14 20.52 21.02
CA ALA B 232 23.50 19.83 19.91
C ALA B 232 22.73 18.61 20.45
N ARG B 233 21.67 18.25 19.73
CA ARG B 233 20.91 17.01 20.04
C ARG B 233 20.16 16.50 18.81
N LYS B 234 19.68 15.28 18.91
CA LYS B 234 18.74 14.69 17.94
C LYS B 234 17.33 15.28 18.14
N PRO B 235 16.43 15.11 17.14
CA PRO B 235 15.04 15.54 17.46
C PRO B 235 14.52 14.90 18.76
N VAL B 236 13.72 15.64 19.53
CA VAL B 236 13.28 15.20 20.84
C VAL B 236 12.27 14.07 20.69
N VAL B 237 11.36 14.21 19.71
CA VAL B 237 10.33 13.21 19.41
C VAL B 237 10.75 12.66 18.07
N ALA B 238 11.06 11.37 18.05
CA ALA B 238 11.53 10.65 16.82
C ALA B 238 11.18 9.11 16.86
N MET C 20 -8.68 37.49 -34.76
CA MET C 20 -9.99 37.84 -34.08
C MET C 20 -11.09 36.78 -34.32
N SER C 21 -10.68 35.55 -34.66
CA SER C 21 -11.68 34.51 -35.02
C SER C 21 -12.24 33.77 -33.78
N VAL C 22 -11.42 33.59 -32.72
CA VAL C 22 -12.01 33.01 -31.46
C VAL C 22 -12.61 34.11 -30.50
N ILE C 23 -11.96 35.26 -30.47
CA ILE C 23 -12.33 36.30 -29.50
C ILE C 23 -12.94 37.51 -30.19
N ALA C 24 -14.21 37.76 -29.95
CA ALA C 24 -14.89 38.84 -30.64
C ALA C 24 -14.46 40.19 -30.05
N THR C 25 -14.68 41.28 -30.81
CA THR C 25 -14.28 42.63 -30.37
C THR C 25 -15.18 43.13 -29.24
N GLN C 26 -16.35 42.51 -29.13
CA GLN C 26 -17.20 42.68 -27.95
C GLN C 26 -17.51 41.31 -27.28
N MET C 27 -17.18 41.13 -26.01
CA MET C 27 -17.46 39.88 -25.29
C MET C 27 -18.18 40.10 -23.98
N THR C 28 -18.84 39.06 -23.50
CA THR C 28 -19.39 39.02 -22.15
C THR C 28 -18.60 38.01 -21.33
N TYR C 29 -18.86 38.02 -20.04
CA TYR C 29 -18.31 37.02 -19.18
C TYR C 29 -19.06 36.83 -17.88
N LYS C 30 -18.87 35.66 -17.32
CA LYS C 30 -19.50 35.26 -16.10
C LYS C 30 -18.37 34.94 -15.15
N VAL C 31 -18.42 35.47 -13.92
CA VAL C 31 -17.51 35.07 -12.83
C VAL C 31 -18.22 34.23 -11.73
N TYR C 32 -17.62 33.11 -11.32
CA TYR C 32 -18.06 32.41 -10.14
C TYR C 32 -16.89 32.35 -9.20
N MET C 33 -17.02 32.97 -8.03
CA MET C 33 -15.95 32.95 -7.06
C MET C 33 -16.41 32.42 -5.74
N SER C 34 -15.58 31.61 -5.11
CA SER C 34 -15.86 31.19 -3.74
C SER C 34 -14.56 31.17 -2.98
N GLY C 35 -14.65 31.18 -1.66
CA GLY C 35 -13.45 31.14 -0.87
C GLY C 35 -13.64 31.49 0.58
N THR C 36 -12.53 31.69 1.26
CA THR C 36 -12.55 31.98 2.70
C THR C 36 -11.59 33.11 3.05
N VAL C 37 -11.98 33.99 3.94
CA VAL C 37 -11.10 35.02 4.46
C VAL C 37 -11.10 34.89 5.99
N ASN C 38 -9.95 34.58 6.58
CA ASN C 38 -9.83 34.33 8.02
C ASN C 38 -10.88 33.31 8.44
N GLY C 39 -11.03 32.26 7.65
CA GLY C 39 -12.03 31.27 7.92
C GLY C 39 -13.47 31.63 7.53
N HIS C 40 -13.77 32.89 7.16
CA HIS C 40 -15.16 33.27 6.69
C HIS C 40 -15.44 32.86 5.24
N TYR C 41 -16.37 31.92 5.06
CA TYR C 41 -16.69 31.39 3.73
C TYR C 41 -17.59 32.35 2.90
N PHE C 42 -17.39 32.49 1.60
CA PHE C 42 -18.34 33.33 0.85
C PHE C 42 -18.47 32.81 -0.56
N GLU C 43 -19.53 33.22 -1.31
CA GLU C 43 -19.60 33.03 -2.75
C GLU C 43 -19.93 34.37 -3.43
N VAL C 44 -19.45 34.58 -4.65
CA VAL C 44 -19.70 35.76 -5.44
C VAL C 44 -20.00 35.34 -6.91
N GLU C 45 -21.02 35.93 -7.54
CA GLU C 45 -21.25 35.81 -9.00
C GLU C 45 -21.19 37.16 -9.67
N GLY C 46 -20.68 37.17 -10.90
CA GLY C 46 -20.53 38.37 -11.71
C GLY C 46 -20.93 38.21 -13.15
N ASP C 47 -21.42 39.30 -13.71
CA ASP C 47 -21.70 39.46 -15.15
C ASP C 47 -20.85 40.60 -15.63
N GLY C 48 -20.01 40.33 -16.62
CA GLY C 48 -19.10 41.31 -17.15
C GLY C 48 -19.30 41.40 -18.64
N LYS C 49 -18.77 42.48 -19.22
CA LYS C 49 -18.79 42.74 -20.64
C LYS C 49 -17.56 43.61 -20.94
N GLY C 50 -17.10 43.60 -22.18
CA GLY C 50 -15.98 44.45 -22.51
C GLY C 50 -15.44 44.28 -23.90
N ARG C 51 -14.35 45.01 -24.18
CA ARG C 51 -13.77 45.01 -25.50
C ARG C 51 -12.35 44.49 -25.34
N PRO C 52 -12.17 43.19 -25.61
CA PRO C 52 -10.88 42.52 -25.33
C PRO C 52 -9.67 43.23 -25.99
N TYR C 53 -9.87 43.79 -27.20
CA TYR C 53 -8.77 44.43 -27.95
C TYR C 53 -8.54 45.90 -27.56
N GLU C 54 -9.55 46.51 -26.92
CA GLU C 54 -9.41 47.84 -26.36
C GLU C 54 -8.87 47.84 -24.93
N GLY C 55 -8.91 46.67 -24.30
CA GLY C 55 -8.46 46.53 -22.91
C GLY C 55 -9.44 47.18 -21.93
N GLU C 56 -10.73 47.34 -22.30
CA GLU C 56 -11.74 47.91 -21.39
C GLU C 56 -12.76 46.88 -20.96
N GLN C 57 -13.14 46.93 -19.70
CA GLN C 57 -14.16 46.01 -19.24
C GLN C 57 -14.82 46.55 -17.98
N THR C 58 -16.04 46.08 -17.76
N THR C 58 -16.03 46.05 -17.75
CA THR C 58 -16.86 46.45 -16.62
CA THR C 58 -16.92 46.44 -16.65
C THR C 58 -17.50 45.14 -16.15
C THR C 58 -17.51 45.12 -16.16
N VAL C 59 -17.74 45.02 -14.85
CA VAL C 59 -18.33 43.82 -14.26
C VAL C 59 -19.22 44.22 -13.10
N LYS C 60 -20.33 43.51 -12.96
CA LYS C 60 -21.21 43.71 -11.82
C LYS C 60 -21.24 42.44 -10.96
N LEU C 61 -21.04 42.61 -9.65
CA LEU C 61 -20.85 41.48 -8.76
C LEU C 61 -21.90 41.49 -7.66
N THR C 62 -22.23 40.30 -7.21
CA THR C 62 -23.17 40.06 -6.14
C THR C 62 -22.52 39.08 -5.19
N VAL C 63 -22.56 39.36 -3.90
CA VAL C 63 -22.20 38.35 -2.92
C VAL C 63 -23.40 37.43 -2.74
N THR C 64 -23.29 36.21 -3.25
CA THR C 64 -24.46 35.32 -3.27
C THR C 64 -24.52 34.46 -1.99
N LYS C 65 -23.38 34.29 -1.31
CA LYS C 65 -23.37 33.54 -0.06
C LYS C 65 -22.37 34.12 0.90
N GLY C 66 -22.71 34.17 2.18
CA GLY C 66 -21.76 34.58 3.20
C GLY C 66 -21.75 36.07 3.48
N GLY C 67 -22.64 36.86 2.86
CA GLY C 67 -22.67 38.33 3.04
C GLY C 67 -23.59 38.72 4.21
N PRO C 68 -23.45 39.96 4.75
CA PRO C 68 -22.45 40.97 4.39
C PRO C 68 -21.06 40.44 4.77
N LEU C 69 -20.09 40.66 3.90
CA LEU C 69 -18.72 40.23 4.15
C LEU C 69 -18.09 41.10 5.26
N PRO C 70 -17.46 40.45 6.24
CA PRO C 70 -16.83 41.19 7.32
C PRO C 70 -15.40 41.68 7.05
N PHE C 71 -15.03 41.91 5.80
CA PHE C 71 -13.71 42.38 5.39
C PHE C 71 -13.85 43.24 4.11
N ALA C 72 -12.82 44.02 3.83
CA ALA C 72 -12.77 45.00 2.73
C ALA C 72 -13.07 44.27 1.39
N TRP C 73 -14.05 44.76 0.65
CA TRP C 73 -14.30 44.25 -0.70
C TRP C 73 -13.01 44.33 -1.56
N ASP C 74 -12.20 45.35 -1.33
CA ASP C 74 -10.99 45.56 -2.14
C ASP C 74 -10.05 44.34 -2.28
N ILE C 75 -9.96 43.42 -1.30
CA ILE C 75 -9.08 42.24 -1.49
C ILE C 75 -9.59 41.28 -2.54
N LEU C 76 -10.90 41.35 -2.83
CA LEU C 76 -11.52 40.48 -3.79
C LEU C 76 -11.62 41.11 -5.18
N SER C 77 -11.55 42.43 -5.27
CA SER C 77 -11.80 43.07 -6.55
C SER C 77 -10.86 42.71 -7.68
N PRO C 78 -9.58 42.49 -7.41
CA PRO C 78 -8.70 42.12 -8.52
C PRO C 78 -8.87 40.73 -9.02
N GLN C 79 -9.63 39.88 -8.33
CA GLN C 79 -9.77 38.48 -8.75
C GLN C 79 -10.93 38.32 -9.75
N CYS C 80 -11.81 39.32 -9.84
CA CYS C 80 -12.94 39.35 -10.75
C CYS C 80 -12.57 39.89 -12.11
C3 QFG C 81 -9.21 38.18 -14.20
N1 QFG C 81 -11.66 40.59 -12.73
O3 QFG C 81 -9.78 37.08 -14.38
C1 QFG C 81 -9.31 41.32 -12.55
C2 QFG C 81 -7.31 40.49 -12.52
N2 QFG C 81 -8.48 42.45 -12.38
O2 QFG C 81 -6.34 39.68 -12.47
N3 QFG C 81 -8.58 40.12 -12.69
CZ QFG C 81 -2.05 41.41 -12.02
CA1 QFG C 81 -10.82 41.52 -12.63
CA2 QFG C 81 -7.21 41.95 -12.35
CA3 QFG C 81 -9.07 38.71 -12.78
CB1 QFG C 81 -11.34 42.95 -12.53
CB2 QFG C 81 -6.09 42.84 -12.13
CD1 QFG C 81 -3.84 42.66 -11.03
CD2 QFG C 81 -4.19 41.55 -13.21
CD3 QFG C 81 -13.10 44.30 -13.61
CE1 QFG C 81 -2.51 42.20 -10.97
NE1 QFG C 81 -13.86 44.53 -14.71
OE1 QFG C 81 -13.01 45.06 -12.65
CE2 QFG C 81 -2.86 41.10 -13.12
CG1 QFG C 81 -12.36 42.99 -13.62
CG2 QFG C 81 -4.68 42.33 -12.12
N SER C 82 -9.53 39.03 -15.08
CA SER C 82 -10.20 38.93 -16.43
C SER C 82 -9.15 39.40 -17.48
N ILE C 83 -8.09 38.58 -17.60
CA ILE C 83 -6.86 38.89 -18.36
C ILE C 83 -7.02 39.01 -19.87
N PRO C 84 -7.99 38.29 -20.47
CA PRO C 84 -8.16 38.46 -21.93
C PRO C 84 -8.54 39.89 -22.38
N PHE C 85 -8.89 40.77 -21.45
CA PHE C 85 -9.31 42.11 -21.84
C PHE C 85 -8.13 43.05 -21.60
N THR C 86 -6.99 42.79 -22.25
CA THR C 86 -5.81 43.60 -22.05
C THR C 86 -5.45 43.99 -23.47
N LYS C 87 -5.30 45.28 -23.73
CA LYS C 87 -4.90 45.75 -25.07
C LYS C 87 -3.40 45.48 -25.34
N TYR C 88 -3.09 44.52 -26.24
CA TYR C 88 -1.69 44.25 -26.63
C TYR C 88 -1.39 44.93 -27.96
N PRO C 89 -0.28 45.70 -28.03
CA PRO C 89 0.14 46.14 -29.37
C PRO C 89 0.51 44.91 -30.20
N GLU C 90 0.49 45.08 -31.51
CA GLU C 90 0.69 44.01 -32.45
C GLU C 90 2.05 43.35 -32.35
N ASP C 91 3.07 44.10 -31.94
CA ASP C 91 4.42 43.53 -31.86
C ASP C 91 4.76 42.91 -30.50
N ILE C 92 3.79 42.74 -29.62
CA ILE C 92 4.01 41.96 -28.38
C ILE C 92 3.03 40.79 -28.37
N PRO C 93 3.54 39.55 -28.44
CA PRO C 93 2.66 38.35 -28.43
C PRO C 93 1.72 38.36 -27.21
N ASP C 94 0.47 38.01 -27.43
CA ASP C 94 -0.57 38.12 -26.40
C ASP C 94 -0.80 36.67 -25.92
N TYR C 95 -0.10 36.30 -24.87
CA TYR C 95 -0.10 34.96 -24.37
C TYR C 95 -1.50 34.44 -24.10
N VAL C 96 -2.26 35.26 -23.40
CA VAL C 96 -3.59 34.86 -22.97
C VAL C 96 -4.59 34.69 -24.15
N LYS C 97 -4.63 35.64 -25.10
CA LYS C 97 -5.61 35.51 -26.17
C LYS C 97 -5.27 34.31 -27.04
N GLN C 98 -3.96 34.03 -27.20
CA GLN C 98 -3.50 32.91 -28.03
C GLN C 98 -3.96 31.55 -27.47
N SER C 99 -4.09 31.47 -26.15
CA SER C 99 -4.45 30.23 -25.47
C SER C 99 -5.89 29.76 -25.85
N PHE C 100 -6.71 30.66 -26.38
CA PHE C 100 -8.09 30.30 -26.71
C PHE C 100 -8.22 29.59 -28.06
N PRO C 101 -9.20 28.69 -28.24
CA PRO C 101 -10.32 28.32 -27.35
C PRO C 101 -9.99 27.42 -26.14
N GLU C 102 -8.87 26.70 -26.16
CA GLU C 102 -8.54 25.78 -25.06
C GLU C 102 -8.55 26.49 -23.71
N GLY C 103 -7.98 27.68 -23.69
CA GLY C 103 -8.02 28.56 -22.54
C GLY C 103 -6.78 28.43 -21.67
N PHE C 104 -6.91 28.87 -20.42
CA PHE C 104 -5.74 28.96 -19.55
C PHE C 104 -6.18 29.01 -18.09
N THR C 105 -5.19 28.90 -17.19
CA THR C 105 -5.46 29.10 -15.81
C THR C 105 -4.50 30.16 -15.27
N TRP C 106 -4.78 30.72 -14.10
CA TRP C 106 -3.80 31.50 -13.39
C TRP C 106 -3.80 31.16 -11.89
N GLU C 107 -2.65 31.46 -11.25
CA GLU C 107 -2.38 31.13 -9.86
C GLU C 107 -1.71 32.34 -9.28
N ARG C 108 -2.27 32.86 -8.20
CA ARG C 108 -1.80 34.11 -7.72
C ARG C 108 -1.48 34.03 -6.23
N ILE C 109 -0.37 34.64 -5.82
CA ILE C 109 -0.03 34.80 -4.41
C ILE C 109 -0.09 36.29 -4.08
N MET C 110 -0.73 36.62 -2.96
CA MET C 110 -0.81 38.00 -2.52
C MET C 110 -0.15 38.11 -1.14
N ASN C 111 0.90 38.92 -1.02
CA ASN C 111 1.58 39.10 0.29
C ASN C 111 1.38 40.50 0.80
N PHE C 112 0.63 40.64 1.88
CA PHE C 112 0.32 41.98 2.42
C PHE C 112 1.37 42.33 3.41
N GLU C 113 1.67 43.63 3.52
CA GLU C 113 2.82 44.07 4.41
C GLU C 113 2.56 43.81 5.93
N ASP C 114 1.31 43.65 6.37
CA ASP C 114 1.09 43.24 7.78
C ASP C 114 1.03 41.68 8.02
N GLY C 115 1.51 40.88 7.07
CA GLY C 115 1.58 39.43 7.25
C GLY C 115 0.45 38.61 6.61
N ALA C 116 -0.64 39.24 6.19
CA ALA C 116 -1.72 38.50 5.55
C ALA C 116 -1.23 37.87 4.26
N VAL C 117 -1.64 36.65 3.95
CA VAL C 117 -1.32 36.00 2.64
C VAL C 117 -2.59 35.49 1.98
N CYS C 118 -2.78 35.71 0.67
CA CYS C 118 -3.86 35.04 -0.05
C CYS C 118 -3.26 34.20 -1.19
N THR C 119 -3.94 33.11 -1.54
CA THR C 119 -3.62 32.35 -2.75
C THR C 119 -4.93 32.22 -3.56
N VAL C 120 -4.86 32.51 -4.86
CA VAL C 120 -6.06 32.61 -5.67
C VAL C 120 -5.82 31.80 -6.92
N SER C 121 -6.78 30.94 -7.27
CA SER C 121 -6.67 30.26 -8.54
C SER C 121 -7.87 30.48 -9.45
N ASN C 122 -7.59 30.66 -10.74
CA ASN C 122 -8.60 30.84 -11.77
C ASN C 122 -8.49 29.82 -12.89
N ASP C 123 -9.67 29.43 -13.40
CA ASP C 123 -9.77 28.70 -14.64
C ASP C 123 -10.61 29.56 -15.58
N SER C 124 -10.09 29.81 -16.80
CA SER C 124 -10.82 30.58 -17.79
C SER C 124 -11.08 29.78 -19.05
N SER C 125 -12.35 29.75 -19.46
CA SER C 125 -12.78 28.99 -20.63
C SER C 125 -13.61 29.89 -21.52
N ILE C 126 -13.92 29.44 -22.73
CA ILE C 126 -14.71 30.28 -23.65
C ILE C 126 -15.84 29.42 -24.21
N GLN C 127 -17.03 30.01 -24.35
CA GLN C 127 -18.19 29.35 -25.01
C GLN C 127 -18.82 30.44 -25.88
N GLY C 128 -18.67 30.32 -27.20
CA GLY C 128 -19.07 31.40 -28.12
C GLY C 128 -18.45 32.75 -27.74
N ASN C 129 -19.29 33.61 -27.18
CA ASN C 129 -19.09 35.03 -27.04
C ASN C 129 -18.90 35.40 -25.57
N CYS C 130 -18.85 34.35 -24.76
CA CYS C 130 -18.81 34.44 -23.32
C CYS C 130 -17.57 33.72 -22.77
N PHE C 131 -16.82 34.36 -21.86
CA PHE C 131 -15.81 33.67 -21.10
C PHE C 131 -16.42 33.21 -19.80
N THR C 132 -15.92 32.13 -19.24
CA THR C 132 -16.31 31.77 -17.90
C THR C 132 -15.04 31.72 -17.09
N TYR C 133 -15.07 32.38 -15.92
CA TYR C 133 -14.00 32.37 -14.92
C TYR C 133 -14.45 31.67 -13.69
N HIS C 134 -13.75 30.61 -13.30
CA HIS C 134 -14.01 29.97 -11.98
C HIS C 134 -12.84 30.34 -11.06
N VAL C 135 -13.13 30.99 -9.94
CA VAL C 135 -12.12 31.54 -9.04
C VAL C 135 -12.27 30.99 -7.61
N LYS C 136 -11.15 30.48 -7.04
CA LYS C 136 -11.07 29.97 -5.61
C LYS C 136 -10.12 30.87 -4.84
N PHE C 137 -10.63 31.46 -3.76
CA PHE C 137 -9.92 32.50 -3.04
C PHE C 137 -9.71 31.98 -1.66
N SER C 138 -8.49 32.13 -1.14
CA SER C 138 -8.18 31.67 0.21
C SER C 138 -7.30 32.73 0.82
N GLY C 139 -7.79 33.49 1.80
CA GLY C 139 -6.94 34.56 2.43
C GLY C 139 -6.96 34.37 3.94
N LEU C 140 -5.83 34.62 4.61
CA LEU C 140 -5.81 34.47 6.06
C LEU C 140 -4.67 35.30 6.71
N ASN C 141 -4.59 35.25 8.03
N ASN C 141 -4.59 35.25 8.03
CA ASN C 141 -3.67 36.08 8.83
CA ASN C 141 -3.66 36.07 8.82
C ASN C 141 -3.88 37.62 8.70
C ASN C 141 -3.85 37.61 8.57
N PHE C 142 -5.08 38.03 8.29
CA PHE C 142 -5.42 39.48 8.27
C PHE C 142 -5.64 39.88 9.75
N PRO C 143 -4.82 40.80 10.30
CA PRO C 143 -5.00 41.26 11.70
C PRO C 143 -6.43 41.73 11.94
N PRO C 144 -7.04 41.30 13.05
CA PRO C 144 -8.41 41.71 13.42
C PRO C 144 -8.64 43.24 13.48
N ASN C 145 -7.62 43.99 13.84
CA ASN C 145 -7.76 45.43 13.90
C ASN C 145 -7.04 46.09 12.71
N GLY C 146 -6.64 45.31 11.73
CA GLY C 146 -6.01 45.87 10.60
C GLY C 146 -7.01 46.47 9.62
N PRO C 147 -6.52 47.04 8.52
CA PRO C 147 -7.41 47.77 7.61
C PRO C 147 -8.39 46.91 6.79
N VAL C 148 -8.07 45.64 6.60
CA VAL C 148 -8.97 44.80 5.81
C VAL C 148 -10.17 44.39 6.64
N MET C 149 -9.93 43.92 7.87
CA MET C 149 -10.99 43.42 8.74
C MET C 149 -11.82 44.54 9.31
N GLN C 150 -11.20 45.73 9.42
CA GLN C 150 -11.88 46.96 9.86
C GLN C 150 -12.44 47.76 8.68
N LYS C 151 -12.31 47.27 7.47
CA LYS C 151 -12.87 47.99 6.30
C LYS C 151 -12.40 49.45 6.14
N LYS C 152 -11.09 49.68 6.14
CA LYS C 152 -10.56 51.02 6.11
C LYS C 152 -9.95 51.36 4.76
N THR C 153 -10.14 50.47 3.78
CA THR C 153 -9.46 50.61 2.46
C THR C 153 -10.33 51.36 1.50
N GLN C 154 -9.69 52.07 0.55
CA GLN C 154 -10.39 53.01 -0.36
C GLN C 154 -9.94 52.85 -1.79
N GLY C 155 -9.78 51.60 -2.23
CA GLY C 155 -9.43 51.29 -3.63
C GLY C 155 -7.92 51.14 -3.85
N TRP C 156 -7.58 50.60 -5.00
CA TRP C 156 -6.18 50.26 -5.34
C TRP C 156 -5.61 51.42 -6.12
N GLU C 157 -4.35 51.77 -5.86
CA GLU C 157 -3.66 52.70 -6.71
C GLU C 157 -3.60 52.02 -8.12
N PRO C 158 -3.54 52.82 -9.18
CA PRO C 158 -3.21 52.26 -10.52
C PRO C 158 -1.90 51.48 -10.39
N HIS C 159 -1.76 50.41 -11.14
CA HIS C 159 -0.62 49.51 -10.92
C HIS C 159 -0.03 49.01 -12.26
N SER C 160 1.13 48.42 -12.13
CA SER C 160 1.90 47.92 -13.23
C SER C 160 2.36 46.49 -13.02
N GLU C 161 2.12 45.60 -13.96
CA GLU C 161 2.63 44.27 -13.92
C GLU C 161 3.91 44.09 -14.80
N ARG C 162 4.98 43.63 -14.16
CA ARG C 162 6.16 43.17 -14.87
C ARG C 162 5.98 41.70 -15.33
N LEU C 163 6.03 41.49 -16.66
CA LEU C 163 5.71 40.16 -17.27
C LEU C 163 6.87 39.59 -18.08
N PHE C 164 7.24 38.33 -17.83
CA PHE C 164 8.27 37.64 -18.65
C PHE C 164 7.89 36.17 -18.84
N ALA C 165 8.44 35.53 -19.87
CA ALA C 165 8.21 34.11 -20.19
C ALA C 165 9.17 33.19 -19.46
N ARG C 166 8.66 32.05 -18.94
CA ARG C 166 9.55 31.02 -18.39
C ARG C 166 8.80 29.71 -18.38
N GLY C 167 9.41 28.65 -18.95
CA GLY C 167 8.89 27.28 -18.91
C GLY C 167 7.53 27.11 -19.59
N GLY C 168 7.29 27.92 -20.65
CA GLY C 168 6.03 27.97 -21.41
C GLY C 168 4.92 28.75 -20.67
N MET C 169 5.27 29.37 -19.56
CA MET C 169 4.37 30.14 -18.72
C MET C 169 4.63 31.65 -18.79
N LEU C 170 3.63 32.46 -18.43
CA LEU C 170 3.85 33.87 -18.32
C LEU C 170 3.83 34.17 -16.85
N ILE C 171 4.86 34.90 -16.41
CA ILE C 171 4.98 35.22 -14.99
C ILE C 171 4.89 36.70 -14.75
N GLY C 172 3.96 37.10 -13.88
CA GLY C 172 3.71 38.51 -13.59
C GLY C 172 3.92 38.88 -12.13
N ASN C 173 4.40 40.09 -11.86
CA ASN C 173 4.68 40.59 -10.50
C ASN C 173 4.17 41.99 -10.45
N ASN C 174 3.47 42.35 -9.37
CA ASN C 174 2.98 43.73 -9.22
C ASN C 174 3.26 44.20 -7.85
N PHE C 175 3.75 45.43 -7.70
CA PHE C 175 3.68 46.12 -6.39
C PHE C 175 2.35 46.89 -6.29
N MET C 176 1.49 46.47 -5.40
CA MET C 176 0.14 47.03 -5.32
C MET C 176 0.06 47.86 -4.03
N ALA C 177 -0.89 48.75 -3.97
CA ALA C 177 -1.13 49.61 -2.79
C ALA C 177 -2.63 49.93 -2.73
N LEU C 178 -3.18 49.65 -1.57
CA LEU C 178 -4.53 50.09 -1.15
C LEU C 178 -4.49 51.47 -0.50
N LYS C 179 -5.40 52.34 -0.88
CA LYS C 179 -5.48 53.64 -0.19
C LYS C 179 -6.26 53.48 1.12
N LEU C 180 -5.83 54.18 2.16
CA LEU C 180 -6.42 54.05 3.48
C LEU C 180 -7.27 55.29 3.82
N GLU C 181 -8.35 55.07 4.57
CA GLU C 181 -9.15 56.13 5.09
C GLU C 181 -8.23 56.90 6.02
N GLY C 182 -8.23 58.21 5.84
CA GLY C 182 -7.30 59.11 6.55
C GLY C 182 -5.89 59.31 5.95
N GLY C 183 -5.57 58.74 4.79
CA GLY C 183 -4.25 58.94 4.27
C GLY C 183 -3.37 57.69 4.46
N GLY C 184 -2.35 57.57 3.60
CA GLY C 184 -1.40 56.49 3.67
C GLY C 184 -1.81 55.31 2.78
N HIS C 185 -0.91 54.34 2.72
CA HIS C 185 -1.11 53.15 1.91
C HIS C 185 -0.90 51.89 2.72
N TYR C 186 -1.53 50.85 2.25
CA TYR C 186 -1.41 49.51 2.73
C TYR C 186 -0.91 48.65 1.59
N LEU C 187 0.28 48.10 1.75
CA LEU C 187 0.98 47.49 0.61
C LEU C 187 0.72 46.03 0.46
N CYS C 188 0.74 45.59 -0.80
CA CYS C 188 0.59 44.19 -1.12
C CYS C 188 1.42 43.86 -2.37
N GLU C 189 2.10 42.71 -2.36
CA GLU C 189 2.82 42.27 -3.53
C GLU C 189 2.04 41.10 -4.17
N PHE C 190 1.78 41.15 -5.48
CA PHE C 190 1.10 40.05 -6.16
C PHE C 190 2.16 39.31 -7.00
N LYS C 191 2.05 38.00 -7.04
CA LYS C 191 2.75 37.23 -8.07
C LYS C 191 1.71 36.35 -8.73
N THR C 192 1.58 36.48 -10.04
CA THR C 192 0.56 35.75 -10.79
C THR C 192 1.26 34.96 -11.86
N THR C 193 1.01 33.63 -11.88
CA THR C 193 1.46 32.77 -12.97
C THR C 193 0.32 32.38 -13.94
N TYR C 194 0.48 32.69 -15.24
CA TYR C 194 -0.54 32.39 -16.27
C TYR C 194 -0.12 31.13 -16.99
N LYS C 195 -1.02 30.15 -17.09
CA LYS C 195 -0.66 28.84 -17.71
C LYS C 195 -1.59 28.51 -18.85
N ALA C 196 -1.13 28.73 -20.08
CA ALA C 196 -1.92 28.45 -21.27
C ALA C 196 -2.14 26.92 -21.34
N LYS C 197 -3.30 26.44 -21.75
CA LYS C 197 -3.58 25.01 -21.82
C LYS C 197 -3.04 24.37 -23.13
N LYS C 198 -2.36 25.17 -23.96
CA LYS C 198 -1.70 24.67 -25.18
C LYS C 198 -0.46 25.54 -25.40
N PRO C 199 0.53 25.05 -26.16
CA PRO C 199 1.69 25.92 -26.40
C PRO C 199 1.32 27.16 -27.24
N VAL C 200 1.92 28.33 -26.93
CA VAL C 200 1.65 29.57 -27.70
C VAL C 200 2.99 30.31 -27.95
N LYS C 201 2.97 31.33 -28.82
CA LYS C 201 4.15 32.14 -29.03
C LYS C 201 4.40 33.06 -27.81
N MET C 202 5.60 32.97 -27.25
CA MET C 202 5.96 33.61 -25.97
C MET C 202 6.39 35.09 -26.19
N PRO C 203 5.91 36.01 -25.34
CA PRO C 203 6.27 37.41 -25.48
C PRO C 203 7.63 37.68 -24.85
N GLY C 204 8.32 38.74 -25.29
CA GLY C 204 9.50 39.21 -24.55
C GLY C 204 9.08 39.85 -23.19
N TYR C 205 10.06 40.46 -22.54
CA TYR C 205 9.94 41.11 -21.27
C TYR C 205 9.15 42.41 -21.50
N HIS C 206 8.03 42.53 -20.80
CA HIS C 206 7.15 43.69 -21.04
C HIS C 206 6.31 44.03 -19.80
N TYR C 207 5.44 45.05 -19.91
CA TYR C 207 4.55 45.49 -18.82
C TYR C 207 3.05 45.62 -19.21
N VAL C 208 2.17 45.52 -18.23
CA VAL C 208 0.74 45.88 -18.35
C VAL C 208 0.41 46.89 -17.25
N ASP C 209 -0.07 48.07 -17.67
CA ASP C 209 -0.54 49.12 -16.80
C ASP C 209 -2.08 48.95 -16.63
N ARG C 210 -2.58 48.93 -15.39
CA ARG C 210 -4.04 48.86 -15.16
C ARG C 210 -4.50 49.92 -14.20
N LYS C 211 -5.79 50.27 -14.23
CA LYS C 211 -6.37 50.92 -13.09
C LYS C 211 -7.69 50.22 -12.86
N LEU C 212 -7.90 49.71 -11.65
CA LEU C 212 -9.14 49.10 -11.22
C LEU C 212 -9.93 50.12 -10.39
N ASP C 213 -11.17 50.44 -10.80
CA ASP C 213 -12.05 51.37 -10.12
C ASP C 213 -13.37 50.68 -9.67
N VAL C 214 -13.67 50.66 -8.36
CA VAL C 214 -15.06 50.44 -7.92
C VAL C 214 -15.92 51.65 -8.25
N THR C 215 -16.83 51.50 -9.19
CA THR C 215 -17.64 52.63 -9.56
C THR C 215 -19.04 52.67 -8.89
N ASN C 216 -19.51 51.58 -8.26
CA ASN C 216 -20.79 51.64 -7.54
C ASN C 216 -20.79 50.50 -6.56
N HIS C 217 -21.58 50.63 -5.50
CA HIS C 217 -21.71 49.54 -4.54
C HIS C 217 -22.87 49.92 -3.62
N ASN C 218 -23.48 48.93 -2.99
CA ASN C 218 -24.45 49.23 -1.95
C ASN C 218 -23.64 49.36 -0.62
N LYS C 219 -24.34 49.51 0.47
CA LYS C 219 -23.80 50.06 1.70
C LYS C 219 -22.90 49.03 2.34
N ASP C 220 -23.19 47.74 2.10
CA ASP C 220 -22.44 46.63 2.72
C ASP C 220 -21.63 45.85 1.70
N TYR C 221 -21.54 46.41 0.47
CA TYR C 221 -20.72 45.81 -0.61
C TYR C 221 -21.21 44.39 -0.99
N THR C 222 -22.50 44.11 -0.78
CA THR C 222 -23.07 42.87 -1.30
C THR C 222 -23.37 42.94 -2.82
N SER C 223 -23.36 44.18 -3.36
CA SER C 223 -23.35 44.44 -4.80
C SER C 223 -22.26 45.41 -5.13
N VAL C 224 -21.52 45.09 -6.18
CA VAL C 224 -20.41 45.96 -6.59
C VAL C 224 -20.36 46.06 -8.12
N GLU C 225 -20.09 47.27 -8.61
CA GLU C 225 -19.77 47.44 -10.03
C GLU C 225 -18.32 47.96 -10.14
N GLN C 226 -17.49 47.33 -10.99
CA GLN C 226 -16.06 47.68 -11.22
C GLN C 226 -15.75 47.92 -12.67
N CYS C 227 -14.80 48.81 -12.97
CA CYS C 227 -14.27 49.09 -14.34
C CYS C 227 -12.75 48.85 -14.26
N GLU C 228 -12.17 48.31 -15.33
CA GLU C 228 -10.75 48.12 -15.43
C GLU C 228 -10.28 48.49 -16.83
N ILE C 229 -9.22 49.31 -16.94
CA ILE C 229 -8.49 49.51 -18.19
C ILE C 229 -7.12 48.77 -18.06
N SER C 230 -6.69 48.01 -19.09
CA SER C 230 -5.37 47.28 -19.06
C SER C 230 -4.76 47.37 -20.42
N ILE C 231 -3.55 47.91 -20.45
CA ILE C 231 -2.82 48.12 -21.70
C ILE C 231 -1.38 47.64 -21.51
N ALA C 232 -0.94 46.71 -22.34
CA ALA C 232 0.45 46.26 -22.44
C ALA C 232 1.35 47.24 -23.19
N ARG C 233 2.62 47.23 -22.81
CA ARG C 233 3.60 48.10 -23.46
C ARG C 233 4.99 47.54 -23.28
N LYS C 234 5.90 48.09 -24.05
CA LYS C 234 7.33 47.86 -23.83
C LYS C 234 7.82 48.75 -22.64
N PRO C 235 9.00 48.44 -22.07
CA PRO C 235 9.62 49.38 -21.10
C PRO C 235 9.57 50.85 -21.64
N VAL C 236 9.25 51.82 -20.78
CA VAL C 236 9.14 53.21 -21.23
C VAL C 236 10.54 53.70 -21.64
N VAL C 237 11.52 53.37 -20.82
CA VAL C 237 12.90 53.79 -21.01
C VAL C 237 13.65 52.52 -21.35
N ALA C 238 14.16 52.45 -22.58
CA ALA C 238 14.81 51.26 -23.10
C ALA C 238 15.99 51.64 -24.05
N MET D 20 16.89 76.66 -5.59
CA MET D 20 16.85 75.25 -6.10
C MET D 20 18.13 75.02 -6.98
N SER D 21 18.78 76.14 -7.35
CA SER D 21 20.12 75.98 -7.93
C SER D 21 21.23 75.99 -6.87
N VAL D 22 21.11 74.99 -5.96
CA VAL D 22 22.24 74.30 -5.31
C VAL D 22 22.82 73.19 -6.26
N ILE D 23 21.90 72.64 -7.10
CA ILE D 23 22.20 71.60 -8.08
C ILE D 23 22.27 72.20 -9.49
N ALA D 24 23.47 72.22 -10.08
CA ALA D 24 23.70 72.71 -11.46
C ALA D 24 23.20 71.77 -12.57
N THR D 25 23.01 72.33 -13.75
CA THR D 25 22.51 71.58 -14.89
C THR D 25 23.56 70.56 -15.41
N GLN D 26 24.83 70.76 -15.10
CA GLN D 26 25.84 69.76 -15.36
C GLN D 26 26.58 69.50 -14.08
N MET D 27 26.75 68.25 -13.72
CA MET D 27 27.43 67.96 -12.46
C MET D 27 28.31 66.73 -12.55
N THR D 28 29.33 66.66 -11.69
CA THR D 28 30.13 65.48 -11.56
C THR D 28 29.81 64.73 -10.23
N TYR D 29 30.38 63.55 -10.08
CA TYR D 29 30.35 62.88 -8.82
C TYR D 29 31.48 61.91 -8.62
N LYS D 30 31.66 61.54 -7.37
CA LYS D 30 32.66 60.57 -6.91
C LYS D 30 31.94 59.49 -6.11
N VAL D 31 32.19 58.22 -6.46
CA VAL D 31 31.68 57.11 -5.71
C VAL D 31 32.83 56.39 -4.96
N TYR D 32 32.61 56.10 -3.68
CA TYR D 32 33.50 55.26 -2.87
C TYR D 32 32.65 54.13 -2.36
N MET D 33 32.93 52.93 -2.84
CA MET D 33 32.12 51.77 -2.43
C MET D 33 33.04 50.73 -1.82
N SER D 34 32.61 50.17 -0.71
CA SER D 34 33.32 49.03 -0.14
C SER D 34 32.32 48.00 0.32
N GLY D 35 32.72 46.74 0.41
CA GLY D 35 31.78 45.72 0.88
C GLY D 35 32.29 44.30 0.73
N THR D 36 31.38 43.33 0.91
CA THR D 36 31.76 41.93 0.88
C THR D 36 30.65 41.17 0.18
N VAL D 37 31.03 40.18 -0.62
CA VAL D 37 30.07 39.33 -1.30
C VAL D 37 30.56 37.92 -0.97
N ASN D 38 29.71 37.13 -0.30
CA ASN D 38 30.10 35.79 0.21
C ASN D 38 31.42 35.83 1.00
N GLY D 39 31.57 36.84 1.84
CA GLY D 39 32.79 36.95 2.57
C GLY D 39 33.94 37.67 1.88
N HIS D 40 33.90 37.90 0.55
CA HIS D 40 35.02 38.46 -0.20
C HIS D 40 35.01 40.00 -0.15
N TYR D 41 36.01 40.57 0.48
CA TYR D 41 36.09 42.05 0.64
C TYR D 41 36.50 42.75 -0.66
N PHE D 42 35.94 43.92 -0.96
CA PHE D 42 36.33 44.69 -2.16
C PHE D 42 36.14 46.20 -1.96
N GLU D 43 36.84 46.99 -2.74
CA GLU D 43 36.59 48.43 -2.77
C GLU D 43 36.52 48.82 -4.23
N VAL D 44 35.70 49.81 -4.50
CA VAL D 44 35.49 50.38 -5.81
C VAL D 44 35.49 51.94 -5.75
N GLU D 45 36.17 52.62 -6.69
CA GLU D 45 36.04 54.06 -6.82
C GLU D 45 35.51 54.37 -8.15
N GLY D 46 34.71 55.43 -8.24
CA GLY D 46 34.18 55.82 -9.55
C GLY D 46 34.15 57.30 -9.73
N ASP D 47 34.18 57.73 -10.99
CA ASP D 47 34.10 59.13 -11.38
C ASP D 47 32.95 59.29 -12.34
N GLY D 48 31.94 60.05 -11.97
CA GLY D 48 30.74 60.18 -12.80
C GLY D 48 30.51 61.61 -13.25
N LYS D 49 29.60 61.79 -14.21
CA LYS D 49 29.14 63.09 -14.69
C LYS D 49 27.78 62.91 -15.34
N GLY D 50 27.01 63.97 -15.35
CA GLY D 50 25.71 63.94 -15.97
C GLY D 50 24.90 65.21 -15.90
N ARG D 51 23.63 65.12 -16.25
CA ARG D 51 22.77 66.28 -16.23
C ARG D 51 21.59 65.98 -15.40
N PRO D 52 21.61 66.44 -14.17
CA PRO D 52 20.64 66.00 -13.12
C PRO D 52 19.18 66.29 -13.54
N TYR D 53 18.95 67.38 -14.29
CA TYR D 53 17.58 67.68 -14.75
C TYR D 53 17.16 66.86 -15.94
N GLU D 54 18.13 66.29 -16.70
CA GLU D 54 17.79 65.40 -17.84
C GLU D 54 17.70 63.91 -17.52
N GLY D 55 17.99 63.54 -16.28
CA GLY D 55 18.05 62.14 -15.88
C GLY D 55 19.09 61.31 -16.66
N GLU D 56 20.21 61.92 -17.12
CA GLU D 56 21.29 61.26 -17.89
C GLU D 56 22.60 61.31 -17.13
N GLN D 57 23.32 60.21 -17.12
CA GLN D 57 24.54 60.20 -16.33
C GLN D 57 25.39 59.06 -16.79
N THR D 58 26.69 59.19 -16.57
N THR D 58 26.69 59.17 -16.52
CA THR D 58 27.61 58.13 -16.93
CA THR D 58 27.72 58.26 -17.01
C THR D 58 28.63 58.09 -15.83
C THR D 58 28.77 58.15 -15.93
N VAL D 59 29.26 56.95 -15.62
CA VAL D 59 30.26 56.78 -14.57
C VAL D 59 31.37 55.79 -15.03
N LYS D 60 32.60 56.06 -14.60
CA LYS D 60 33.71 55.14 -14.82
C LYS D 60 34.13 54.51 -13.46
N LEU D 61 34.11 53.20 -13.38
CA LEU D 61 34.46 52.50 -12.13
C LEU D 61 35.78 51.69 -12.22
N THR D 62 36.53 51.67 -11.10
CA THR D 62 37.79 50.96 -10.96
C THR D 62 37.61 50.11 -9.67
N VAL D 63 37.88 48.79 -9.73
CA VAL D 63 37.96 47.96 -8.54
C VAL D 63 39.31 48.26 -7.96
N THR D 64 39.37 48.87 -6.79
CA THR D 64 40.65 49.33 -6.25
C THR D 64 41.25 48.35 -5.21
N LYS D 65 40.40 47.53 -4.59
CA LYS D 65 40.86 46.49 -3.62
C LYS D 65 40.08 45.25 -3.87
N GLY D 66 40.75 44.10 -3.76
CA GLY D 66 40.07 42.82 -3.80
C GLY D 66 39.78 42.31 -5.20
N GLY D 67 40.28 42.98 -6.24
CA GLY D 67 40.02 42.48 -7.62
C GLY D 67 41.06 41.46 -8.08
N PRO D 68 40.76 40.67 -9.11
CA PRO D 68 39.48 40.67 -9.84
C PRO D 68 38.36 40.08 -8.95
N LEU D 69 37.16 40.59 -9.05
CA LEU D 69 36.11 40.10 -8.23
C LEU D 69 35.66 38.72 -8.70
N PRO D 70 35.43 37.79 -7.76
CA PRO D 70 34.94 36.45 -8.17
C PRO D 70 33.41 36.32 -8.32
N PHE D 71 32.70 37.42 -8.62
CA PHE D 71 31.25 37.43 -8.84
C PHE D 71 30.89 38.43 -9.94
N ALA D 72 29.71 38.28 -10.54
CA ALA D 72 29.15 39.25 -11.51
C ALA D 72 29.23 40.70 -11.10
N TRP D 73 29.91 41.52 -11.91
CA TRP D 73 29.88 42.97 -11.76
C TRP D 73 28.42 43.53 -11.62
N ASP D 74 27.49 42.93 -12.35
CA ASP D 74 26.11 43.34 -12.39
C ASP D 74 25.41 43.52 -11.04
N ILE D 75 25.78 42.78 -10.00
CA ILE D 75 25.16 43.06 -8.74
C ILE D 75 25.60 44.32 -8.05
N LEU D 76 26.75 44.84 -8.44
CA LEU D 76 27.30 46.15 -7.99
C LEU D 76 26.83 47.33 -8.89
N SER D 77 26.54 47.07 -10.14
CA SER D 77 26.34 48.22 -11.05
C SER D 77 25.19 49.12 -10.65
N PRO D 78 24.07 48.63 -10.06
CA PRO D 78 23.05 49.59 -9.64
C PRO D 78 23.34 50.30 -8.32
N GLN D 79 24.47 50.02 -7.67
CA GLN D 79 24.79 50.75 -6.43
C GLN D 79 25.67 51.94 -6.70
N CYS D 80 26.20 52.01 -7.92
CA CYS D 80 27.01 53.10 -8.39
C CYS D 80 26.21 54.28 -8.84
C3 QFG D 81 23.15 56.01 -7.13
N1 QFG D 81 25.12 54.68 -9.41
O3 QFG D 81 23.52 56.66 -6.17
C1 QFG D 81 22.81 53.79 -9.51
C2 QFG D 81 21.02 53.46 -8.26
N2 QFG D 81 21.89 53.18 -10.38
O2 QFG D 81 20.21 53.39 -7.21
N3 QFG D 81 22.27 53.99 -8.21
CZ QFG D 81 16.07 51.64 -7.91
CA1 QFG D 81 24.19 54.14 -10.09
CA2 QFG D 81 20.80 52.91 -9.62
CA3 QFG D 81 22.83 54.53 -6.96
CB1 QFG D 81 24.48 53.78 -11.58
CB2 QFG D 81 19.65 52.25 -10.23
CD1 QFG D 81 17.86 50.75 -9.35
CD2 QFG D 81 17.81 53.11 -8.71
CD3 QFG D 81 25.41 54.94 -13.59
CE1 QFG D 81 16.65 50.58 -8.61
NE1 QFG D 81 26.03 56.04 -14.10
OE1 QFG D 81 25.33 53.89 -14.20
CE2 QFG D 81 16.65 52.92 -7.93
CG1 QFG D 81 24.72 55.09 -12.26
CG2 QFG D 81 18.41 52.04 -9.41
N SER D 82 22.59 56.67 -8.05
CA SER D 82 22.93 58.07 -8.31
C SER D 82 21.57 58.83 -8.57
N ILE D 83 20.81 58.92 -7.45
CA ILE D 83 19.42 59.31 -7.45
C ILE D 83 19.11 60.78 -7.87
N PRO D 84 20.00 61.76 -7.54
CA PRO D 84 19.79 63.13 -8.02
C PRO D 84 19.68 63.32 -9.54
N PHE D 85 20.09 62.32 -10.33
CA PHE D 85 20.08 62.45 -11.81
C PHE D 85 18.84 61.71 -12.36
N THR D 86 17.66 62.18 -11.94
CA THR D 86 16.43 61.66 -12.42
C THR D 86 15.66 62.86 -12.88
N LYS D 87 15.14 62.79 -14.09
CA LYS D 87 14.32 63.84 -14.62
C LYS D 87 12.90 63.78 -14.03
N TYR D 88 12.59 64.79 -13.22
CA TYR D 88 11.25 65.00 -12.68
C TYR D 88 10.37 66.02 -13.44
N PRO D 89 9.16 65.63 -13.85
CA PRO D 89 8.25 66.67 -14.33
C PRO D 89 8.03 67.66 -13.19
N GLU D 90 7.66 68.88 -13.56
CA GLU D 90 7.45 69.99 -12.64
C GLU D 90 6.31 69.69 -11.67
N ASP D 91 5.31 68.94 -12.12
CA ASP D 91 4.20 68.67 -11.23
C ASP D 91 4.38 67.40 -10.35
N ILE D 92 5.58 66.84 -10.29
CA ILE D 92 5.90 65.80 -9.29
C ILE D 92 7.04 66.34 -8.40
N PRO D 93 6.80 66.53 -7.09
CA PRO D 93 7.92 66.91 -6.20
C PRO D 93 9.07 65.92 -6.33
N ASP D 94 10.27 66.44 -6.43
CA ASP D 94 11.51 65.66 -6.61
C ASP D 94 12.17 65.60 -5.19
N TYR D 95 11.89 64.56 -4.48
CA TYR D 95 12.29 64.39 -3.10
C TYR D 95 13.80 64.53 -2.88
N VAL D 96 14.58 63.85 -3.74
CA VAL D 96 16.02 63.82 -3.63
C VAL D 96 16.65 65.17 -3.95
N LYS D 97 16.31 65.77 -5.09
CA LYS D 97 16.88 67.08 -5.34
C LYS D 97 16.53 68.11 -4.23
N GLN D 98 15.28 68.14 -3.78
CA GLN D 98 14.92 69.06 -2.68
C GLN D 98 15.82 68.82 -1.43
N SER D 99 16.39 67.62 -1.27
CA SER D 99 17.08 67.33 0.00
C SER D 99 18.36 68.16 0.15
N PHE D 100 18.87 68.69 -0.96
CA PHE D 100 20.17 69.34 -0.91
C PHE D 100 20.01 70.83 -0.49
N PRO D 101 21.05 71.44 0.12
CA PRO D 101 22.42 70.93 0.34
C PRO D 101 22.59 69.88 1.45
N GLU D 102 21.64 69.69 2.36
CA GLU D 102 21.85 68.75 3.49
C GLU D 102 22.09 67.33 2.93
N GLY D 103 21.36 66.97 1.87
CA GLY D 103 21.47 65.68 1.21
C GLY D 103 20.54 64.63 1.81
N PHE D 104 20.91 63.36 1.57
CA PHE D 104 20.07 62.20 1.89
C PHE D 104 20.89 60.91 2.00
N THR D 105 20.28 59.89 2.57
CA THR D 105 20.82 58.55 2.58
C THR D 105 19.80 57.63 1.90
N TRP D 106 20.27 56.47 1.47
CA TRP D 106 19.33 55.42 1.07
C TRP D 106 19.77 54.03 1.60
N GLU D 107 18.79 53.16 1.81
CA GLU D 107 19.01 51.88 2.40
C GLU D 107 18.27 50.90 1.49
N ARG D 108 18.95 49.91 0.96
CA ARG D 108 18.38 49.09 -0.08
C ARG D 108 18.50 47.60 0.34
N ILE D 109 17.41 46.83 0.17
CA ILE D 109 17.44 45.37 0.33
C ILE D 109 17.25 44.74 -1.07
N MET D 110 18.10 43.79 -1.44
CA MET D 110 17.98 43.00 -2.72
C MET D 110 17.76 41.56 -2.36
N ASN D 111 16.61 41.02 -2.80
CA ASN D 111 16.27 39.66 -2.64
C ASN D 111 16.29 38.92 -3.97
N PHE D 112 17.29 38.08 -4.17
CA PHE D 112 17.39 37.30 -5.37
C PHE D 112 16.59 36.00 -5.28
N GLU D 113 16.13 35.53 -6.45
CA GLU D 113 15.15 34.43 -6.40
C GLU D 113 15.80 33.10 -5.97
N ASP D 114 17.15 32.99 -5.99
CA ASP D 114 17.82 31.77 -5.55
C ASP D 114 18.30 31.87 -4.05
N GLY D 115 17.79 32.86 -3.30
CA GLY D 115 18.02 32.97 -1.87
C GLY D 115 19.10 33.95 -1.43
N ALA D 116 19.85 34.46 -2.40
CA ALA D 116 20.83 35.49 -2.09
C ALA D 116 20.20 36.78 -1.59
N VAL D 117 20.83 37.44 -0.63
CA VAL D 117 20.31 38.69 -0.06
C VAL D 117 21.48 39.67 0.07
N CYS D 118 21.27 40.90 -0.37
CA CYS D 118 22.25 41.99 -0.13
C CYS D 118 21.60 43.15 0.63
N THR D 119 22.37 43.80 1.49
CA THR D 119 21.92 45.04 2.10
C THR D 119 22.94 46.14 1.69
N VAL D 120 22.46 47.29 1.19
CA VAL D 120 23.27 48.32 0.65
C VAL D 120 22.85 49.64 1.26
N SER D 121 23.82 50.40 1.78
CA SER D 121 23.48 51.73 2.19
C SER D 121 24.36 52.77 1.53
N ASN D 122 23.80 53.96 1.41
CA ASN D 122 24.48 55.06 0.69
C ASN D 122 24.28 56.33 1.50
N ASP D 123 25.34 57.14 1.56
CA ASP D 123 25.21 58.49 2.04
C ASP D 123 25.52 59.40 0.85
N SER D 124 24.64 60.33 0.52
CA SER D 124 24.89 61.22 -0.61
C SER D 124 25.02 62.68 -0.16
N SER D 125 26.15 63.29 -0.47
CA SER D 125 26.37 64.69 -0.10
C SER D 125 26.78 65.57 -1.32
N ILE D 126 26.87 66.89 -1.16
CA ILE D 126 27.20 67.75 -2.27
C ILE D 126 28.29 68.70 -1.83
N GLN D 127 29.27 68.92 -2.71
CA GLN D 127 30.23 69.97 -2.47
C GLN D 127 30.44 70.71 -3.78
N GLY D 128 30.01 71.97 -3.83
CA GLY D 128 30.00 72.75 -5.06
C GLY D 128 29.24 72.08 -6.21
N ASN D 129 29.97 71.72 -7.25
CA ASN D 129 29.48 71.11 -8.45
C ASN D 129 29.57 69.58 -8.49
N CYS D 130 29.97 68.97 -7.38
CA CYS D 130 30.25 67.55 -7.31
C CYS D 130 29.41 66.87 -6.20
N PHE D 131 28.70 65.78 -6.51
CA PHE D 131 28.19 64.88 -5.46
C PHE D 131 29.24 63.87 -4.97
N THR D 132 29.16 63.47 -3.69
CA THR D 132 29.96 62.36 -3.18
C THR D 132 29.05 61.26 -2.64
N TYR D 133 29.20 60.06 -3.16
CA TYR D 133 28.43 58.86 -2.72
C TYR D 133 29.32 57.91 -1.95
N HIS D 134 29.00 57.66 -0.71
CA HIS D 134 29.70 56.64 0.06
C HIS D 134 28.76 55.44 0.16
N VAL D 135 29.20 54.27 -0.31
CA VAL D 135 28.31 53.14 -0.42
C VAL D 135 28.93 51.96 0.27
N LYS D 136 28.14 51.26 1.09
CA LYS D 136 28.56 50.02 1.82
C LYS D 136 27.70 48.85 1.36
N PHE D 137 28.34 47.81 0.85
CA PHE D 137 27.62 46.73 0.18
C PHE D 137 27.88 45.43 0.93
N SER D 138 26.80 44.71 1.25
CA SER D 138 26.92 43.43 1.93
C SER D 138 26.03 42.45 1.22
N GLY D 139 26.65 41.50 0.52
CA GLY D 139 25.91 40.43 -0.18
C GLY D 139 26.33 39.03 0.31
N LEU D 140 25.39 38.08 0.41
CA LEU D 140 25.80 36.70 0.79
C LEU D 140 24.75 35.66 0.40
N ASN D 141 25.04 34.37 0.65
N ASN D 141 25.08 34.37 0.62
CA ASN D 141 24.18 33.27 0.19
CA ASN D 141 24.20 33.23 0.23
C ASN D 141 23.92 33.30 -1.33
C ASN D 141 23.99 33.15 -1.30
N PHE D 142 24.92 33.72 -2.09
CA PHE D 142 24.95 33.42 -3.53
C PHE D 142 25.45 31.96 -3.66
N PRO D 143 24.63 31.06 -4.28
CA PRO D 143 25.09 29.64 -4.45
C PRO D 143 26.37 29.55 -5.27
N PRO D 144 27.29 28.65 -4.92
CA PRO D 144 28.55 28.65 -5.67
C PRO D 144 28.38 28.37 -7.19
N ASN D 145 27.34 27.64 -7.55
CA ASN D 145 27.15 27.28 -8.94
C ASN D 145 26.07 28.17 -9.57
N GLY D 146 25.68 29.25 -8.87
CA GLY D 146 24.66 30.14 -9.42
C GLY D 146 25.27 31.08 -10.44
N PRO D 147 24.41 31.88 -11.08
CA PRO D 147 24.85 32.75 -12.18
C PRO D 147 25.70 33.95 -11.72
N VAL D 148 25.57 34.38 -10.45
CA VAL D 148 26.39 35.47 -9.95
C VAL D 148 27.86 34.94 -9.71
N MET D 149 28.02 33.85 -8.96
CA MET D 149 29.36 33.31 -8.67
C MET D 149 30.03 32.66 -9.89
N GLN D 150 29.25 32.25 -10.91
CA GLN D 150 29.76 31.67 -12.13
C GLN D 150 29.81 32.75 -13.22
N LYS D 151 29.37 33.99 -12.91
CA LYS D 151 29.49 35.12 -13.87
C LYS D 151 28.74 34.83 -15.21
N LYS D 152 27.47 34.46 -15.10
CA LYS D 152 26.64 34.16 -16.27
C LYS D 152 25.66 35.26 -16.58
N THR D 153 25.80 36.42 -15.93
CA THR D 153 24.78 37.46 -16.09
C THR D 153 25.14 38.40 -17.24
N GLN D 154 24.16 38.92 -17.96
CA GLN D 154 24.48 39.82 -19.10
C GLN D 154 23.70 41.14 -19.05
N GLY D 155 23.70 41.81 -17.90
CA GLY D 155 23.04 43.08 -17.73
C GLY D 155 21.62 42.97 -17.20
N TRP D 156 21.11 44.08 -16.65
CA TRP D 156 19.75 44.21 -16.16
C TRP D 156 18.76 44.64 -17.24
N GLU D 157 17.56 44.07 -17.20
CA GLU D 157 16.53 44.58 -18.06
C GLU D 157 16.26 46.00 -17.57
N PRO D 158 15.76 46.87 -18.43
CA PRO D 158 15.23 48.16 -18.00
C PRO D 158 14.14 47.96 -16.96
N HIS D 159 14.06 48.87 -16.03
CA HIS D 159 13.23 48.62 -14.88
C HIS D 159 12.46 49.83 -14.44
N SER D 160 11.57 49.61 -13.49
CA SER D 160 10.60 50.62 -13.16
C SER D 160 10.40 50.61 -11.61
N GLU D 161 10.65 51.70 -10.93
CA GLU D 161 10.52 51.74 -9.52
C GLU D 161 9.18 52.36 -9.16
N ARG D 162 8.41 51.68 -8.29
CA ARG D 162 7.22 52.24 -7.68
C ARG D 162 7.59 53.01 -6.44
N LEU D 163 7.25 54.33 -6.41
CA LEU D 163 7.62 55.23 -5.31
C LEU D 163 6.39 55.84 -4.62
N PHE D 164 6.36 55.87 -3.30
CA PHE D 164 5.33 56.63 -2.59
C PHE D 164 5.98 57.16 -1.30
N ALA D 165 5.35 58.19 -0.73
CA ALA D 165 5.80 58.83 0.52
C ALA D 165 5.32 58.12 1.78
N ARG D 166 6.15 58.01 2.80
CA ARG D 166 5.68 57.44 4.06
C ARG D 166 6.55 57.95 5.21
N GLY D 167 5.93 58.57 6.20
CA GLY D 167 6.70 59.05 7.38
C GLY D 167 7.89 59.96 7.01
N GLY D 168 7.68 60.87 6.05
CA GLY D 168 8.76 61.78 5.67
C GLY D 168 9.84 61.12 4.83
N MET D 169 9.74 59.80 4.62
CA MET D 169 10.66 59.12 3.75
C MET D 169 10.03 58.78 2.35
N LEU D 170 10.89 58.50 1.39
CA LEU D 170 10.44 58.00 0.10
C LEU D 170 10.72 56.51 -0.05
N ILE D 171 9.70 55.71 -0.34
CA ILE D 171 9.88 54.28 -0.42
C ILE D 171 9.75 53.79 -1.85
N GLY D 172 10.73 53.03 -2.32
CA GLY D 172 10.76 52.51 -3.69
C GLY D 172 10.79 50.99 -3.82
N ASN D 173 10.18 50.41 -4.85
CA ASN D 173 10.19 48.94 -5.04
C ASN D 173 10.34 48.65 -6.53
N ASN D 174 11.20 47.72 -6.92
CA ASN D 174 11.44 47.36 -8.31
C ASN D 174 11.49 45.90 -8.41
N PHE D 175 10.86 45.37 -9.45
CA PHE D 175 11.13 43.99 -9.85
C PHE D 175 12.20 44.03 -10.91
N MET D 176 13.35 43.48 -10.59
CA MET D 176 14.50 43.53 -11.50
C MET D 176 14.74 42.21 -12.11
N ALA D 177 15.49 42.17 -13.19
CA ALA D 177 15.83 40.88 -13.80
C ALA D 177 17.16 41.00 -14.53
N LEU D 178 18.05 40.05 -14.26
CA LEU D 178 19.30 39.98 -14.92
C LEU D 178 19.14 39.02 -16.08
N LYS D 179 19.69 39.34 -17.24
CA LYS D 179 19.58 38.46 -18.39
C LYS D 179 20.69 37.45 -18.27
N LEU D 180 20.45 36.22 -18.70
CA LEU D 180 21.40 35.15 -18.52
C LEU D 180 22.03 34.72 -19.83
N GLU D 181 23.31 34.29 -19.74
CA GLU D 181 24.02 33.67 -20.83
C GLU D 181 23.20 32.45 -21.20
N GLY D 182 22.86 32.32 -22.47
CA GLY D 182 22.07 31.16 -22.89
C GLY D 182 20.54 31.44 -22.92
N GLY D 183 20.12 32.61 -22.43
CA GLY D 183 18.67 32.87 -22.41
C GLY D 183 18.09 32.67 -20.99
N GLY D 184 16.93 33.26 -20.75
CA GLY D 184 16.32 33.24 -19.42
C GLY D 184 16.68 34.46 -18.57
N HIS D 185 16.04 34.57 -17.41
CA HIS D 185 16.22 35.74 -16.56
C HIS D 185 16.54 35.20 -15.16
N TYR D 186 17.28 35.97 -14.38
CA TYR D 186 17.53 35.71 -12.98
C TYR D 186 16.95 36.89 -12.22
N LEU D 187 15.97 36.64 -11.37
CA LEU D 187 15.17 37.69 -10.79
C LEU D 187 15.68 38.20 -9.45
N CYS D 188 15.46 39.49 -9.24
CA CYS D 188 15.79 40.15 -7.98
C CYS D 188 14.69 41.17 -7.62
N GLU D 189 14.26 41.25 -6.35
CA GLU D 189 13.47 42.41 -5.90
C GLU D 189 14.34 43.41 -5.08
N PHE D 190 14.20 44.69 -5.40
CA PHE D 190 14.88 45.79 -4.72
C PHE D 190 13.79 46.51 -3.88
N LYS D 191 14.10 46.75 -2.61
CA LYS D 191 13.34 47.67 -1.81
C LYS D 191 14.31 48.79 -1.43
N THR D 192 14.05 50.03 -1.86
CA THR D 192 15.01 51.12 -1.51
C THR D 192 14.28 52.21 -0.69
N THR D 193 14.83 52.59 0.48
CA THR D 193 14.25 53.68 1.27
C THR D 193 15.17 54.88 1.20
N TYR D 194 14.64 55.98 0.66
CA TYR D 194 15.32 57.26 0.63
C TYR D 194 15.00 58.15 1.86
N LYS D 195 16.03 58.67 2.50
CA LYS D 195 15.82 59.46 3.72
C LYS D 195 16.53 60.81 3.59
N ALA D 196 15.76 61.83 3.32
CA ALA D 196 16.29 63.20 3.23
C ALA D 196 16.72 63.63 4.68
N LYS D 197 17.77 64.40 4.80
CA LYS D 197 18.30 64.88 6.04
C LYS D 197 17.64 66.22 6.47
N LYS D 198 16.66 66.70 5.71
CA LYS D 198 15.75 67.72 6.20
C LYS D 198 14.36 67.43 5.63
N PRO D 199 13.30 68.03 6.22
CA PRO D 199 11.95 67.79 5.64
C PRO D 199 11.85 68.45 4.26
N VAL D 200 11.11 67.81 3.36
CA VAL D 200 10.90 68.34 2.02
C VAL D 200 9.43 68.10 1.61
N LYS D 201 9.00 68.71 0.53
CA LYS D 201 7.66 68.46 0.01
C LYS D 201 7.57 67.05 -0.60
N MET D 202 6.61 66.26 -0.11
CA MET D 202 6.51 64.84 -0.42
C MET D 202 5.75 64.66 -1.75
N PRO D 203 6.22 63.78 -2.65
CA PRO D 203 5.47 63.52 -3.90
C PRO D 203 4.29 62.54 -3.61
N GLY D 204 3.27 62.53 -4.48
CA GLY D 204 2.27 61.41 -4.50
C GLY D 204 2.89 60.13 -5.14
N TYR D 205 2.03 59.13 -5.35
CA TYR D 205 2.42 57.82 -5.80
C TYR D 205 2.87 57.97 -7.25
N HIS D 206 4.07 57.53 -7.61
CA HIS D 206 4.57 57.71 -8.97
C HIS D 206 5.64 56.61 -9.28
N TYR D 207 6.28 56.64 -10.46
CA TYR D 207 7.24 55.64 -10.89
C TYR D 207 8.43 56.35 -11.47
N VAL D 208 9.56 55.65 -11.47
CA VAL D 208 10.72 56.09 -12.21
C VAL D 208 11.16 54.93 -13.11
N ASP D 209 11.27 55.19 -14.41
CA ASP D 209 11.77 54.19 -15.41
C ASP D 209 13.26 54.43 -15.66
N ARG D 210 14.07 53.38 -15.60
CA ARG D 210 15.53 53.44 -15.80
C ARG D 210 15.95 52.39 -16.80
N LYS D 211 17.05 52.66 -17.52
CA LYS D 211 17.90 51.64 -18.16
C LYS D 211 19.35 51.89 -17.76
N LEU D 212 20.02 50.81 -17.35
CA LEU D 212 21.37 50.82 -16.90
C LEU D 212 22.13 49.96 -17.90
N ASP D 213 23.09 50.55 -18.62
CA ASP D 213 23.90 49.87 -19.63
C ASP D 213 25.39 49.93 -19.31
N VAL D 214 26.04 48.77 -19.23
CA VAL D 214 27.50 48.75 -19.10
C VAL D 214 27.95 48.96 -20.54
N THR D 215 28.54 50.13 -20.85
CA THR D 215 28.95 50.43 -22.20
C THR D 215 30.42 50.01 -22.53
N ASN D 216 31.24 49.80 -21.51
CA ASN D 216 32.60 49.31 -21.72
C ASN D 216 33.07 48.61 -20.44
N HIS D 217 34.07 47.77 -20.54
CA HIS D 217 34.58 47.10 -19.34
C HIS D 217 35.83 46.39 -19.83
N ASN D 218 36.71 45.99 -18.90
CA ASN D 218 37.83 45.14 -19.30
C ASN D 218 37.47 43.67 -19.00
N LYS D 219 38.39 42.74 -19.21
CA LYS D 219 38.06 41.31 -19.30
C LYS D 219 37.52 40.73 -17.97
N ASP D 220 38.09 41.16 -16.84
CA ASP D 220 37.67 40.70 -15.51
C ASP D 220 36.83 41.74 -14.76
N TYR D 221 36.32 42.72 -15.48
CA TYR D 221 35.47 43.76 -14.86
C TYR D 221 36.13 44.56 -13.73
N THR D 222 37.45 44.72 -13.77
CA THR D 222 38.12 45.60 -12.81
C THR D 222 38.02 47.05 -13.22
N SER D 223 37.64 47.31 -14.47
CA SER D 223 37.30 48.65 -14.91
C SER D 223 35.97 48.56 -15.62
N VAL D 224 35.07 49.50 -15.38
CA VAL D 224 33.76 49.44 -16.01
C VAL D 224 33.23 50.88 -16.34
N GLU D 225 32.63 51.01 -17.51
CA GLU D 225 31.96 52.26 -17.85
C GLU D 225 30.44 51.99 -17.93
N GLN D 226 29.62 52.83 -17.27
CA GLN D 226 28.14 52.64 -17.29
C GLN D 226 27.41 53.92 -17.58
N CYS D 227 26.25 53.78 -18.20
CA CYS D 227 25.39 54.87 -18.58
CA CYS D 227 25.38 54.86 -18.58
C CYS D 227 24.05 54.57 -17.93
N GLU D 228 23.37 55.56 -17.44
CA GLU D 228 22.01 55.34 -16.95
C GLU D 228 21.06 56.46 -17.42
N ILE D 229 19.87 56.11 -17.87
CA ILE D 229 18.80 57.10 -18.04
C ILE D 229 17.70 56.87 -17.00
N SER D 230 17.24 57.91 -16.29
CA SER D 230 16.14 57.77 -15.33
C SER D 230 15.15 58.89 -15.51
N ILE D 231 13.90 58.53 -15.62
CA ILE D 231 12.85 59.50 -15.82
C ILE D 231 11.59 59.20 -14.96
N ALA D 232 11.19 60.16 -14.13
CA ALA D 232 9.95 59.97 -13.30
C ALA D 232 8.67 60.31 -14.09
N ARG D 233 7.55 59.69 -13.70
CA ARG D 233 6.27 59.90 -14.36
C ARG D 233 5.14 59.50 -13.45
N LYS D 234 3.96 60.00 -13.75
CA LYS D 234 2.75 59.48 -13.13
C LYS D 234 2.42 58.06 -13.69
N PRO D 235 1.53 57.29 -13.00
CA PRO D 235 1.04 55.98 -13.64
C PRO D 235 0.59 56.18 -15.09
N VAL D 236 0.92 55.23 -15.98
CA VAL D 236 0.57 55.36 -17.42
C VAL D 236 -0.94 55.35 -17.64
N VAL D 237 -1.58 54.45 -16.93
CA VAL D 237 -3.03 54.29 -17.02
C VAL D 237 -3.50 54.77 -15.67
N ALA D 238 -4.23 55.89 -15.65
CA ALA D 238 -4.70 56.47 -14.40
C ALA D 238 -6.12 57.04 -14.56
N SER E 21 -35.46 -6.23 -15.44
CA SER E 21 -36.79 -6.18 -14.67
C SER E 21 -36.60 -6.07 -13.10
N VAL E 22 -36.30 -7.20 -12.43
CA VAL E 22 -35.79 -7.15 -11.02
C VAL E 22 -34.28 -6.75 -10.88
N ILE E 23 -33.45 -7.10 -11.86
CA ILE E 23 -32.01 -6.80 -11.78
C ILE E 23 -31.72 -5.67 -12.76
N ALA E 24 -31.29 -4.51 -12.26
CA ALA E 24 -31.07 -3.38 -13.13
C ALA E 24 -29.73 -3.59 -13.87
N THR E 25 -29.55 -2.85 -14.96
CA THR E 25 -28.32 -3.00 -15.74
C THR E 25 -27.11 -2.42 -14.99
N GLN E 26 -27.39 -1.55 -14.01
CA GLN E 26 -26.36 -1.10 -13.08
C GLN E 26 -26.79 -1.38 -11.65
N MET E 27 -25.97 -2.13 -10.90
CA MET E 27 -26.31 -2.51 -9.52
C MET E 27 -25.15 -2.20 -8.54
N THR E 28 -25.50 -2.06 -7.28
CA THR E 28 -24.49 -2.01 -6.24
C THR E 28 -24.59 -3.32 -5.44
N TYR E 29 -23.59 -3.57 -4.61
CA TYR E 29 -23.76 -4.55 -3.58
C TYR E 29 -22.97 -4.30 -2.32
N LYS E 30 -23.40 -4.98 -1.28
CA LYS E 30 -22.71 -5.00 -0.02
C LYS E 30 -22.36 -6.46 0.42
N VAL E 31 -21.13 -6.66 0.89
CA VAL E 31 -20.65 -7.97 1.36
C VAL E 31 -20.32 -7.85 2.85
N TYR E 32 -20.72 -8.85 3.63
CA TYR E 32 -20.36 -8.99 5.04
C TYR E 32 -19.81 -10.38 5.14
N MET E 33 -18.52 -10.51 5.47
CA MET E 33 -17.90 -11.83 5.49
C MET E 33 -17.32 -11.99 6.88
N SER E 34 -17.47 -13.18 7.46
CA SER E 34 -16.73 -13.46 8.69
C SER E 34 -16.23 -14.86 8.66
N GLY E 35 -15.18 -15.10 9.40
CA GLY E 35 -14.70 -16.48 9.46
C GLY E 35 -13.41 -16.70 10.19
N THR E 36 -12.83 -17.89 10.01
CA THR E 36 -11.59 -18.23 10.67
C THR E 36 -10.66 -18.90 9.70
N VAL E 37 -9.38 -18.64 9.83
CA VAL E 37 -8.36 -19.32 9.06
C VAL E 37 -7.31 -19.87 10.04
N ASN E 38 -7.06 -21.17 10.02
CA ASN E 38 -6.26 -21.82 11.08
C ASN E 38 -6.64 -21.24 12.43
N GLY E 39 -7.93 -21.05 12.63
CA GLY E 39 -8.38 -20.53 13.92
C GLY E 39 -8.27 -19.04 14.18
N HIS E 40 -7.85 -18.23 13.21
CA HIS E 40 -7.74 -16.80 13.43
C HIS E 40 -9.02 -16.16 12.85
N TYR E 41 -9.80 -15.50 13.71
CA TYR E 41 -11.10 -14.92 13.38
C TYR E 41 -10.94 -13.55 12.66
N PHE E 42 -11.81 -13.26 11.70
CA PHE E 42 -11.73 -11.97 10.99
C PHE E 42 -13.14 -11.60 10.52
N GLU E 43 -13.32 -10.33 10.19
CA GLU E 43 -14.53 -9.85 9.54
C GLU E 43 -14.08 -8.92 8.48
N VAL E 44 -14.76 -8.95 7.35
CA VAL E 44 -14.49 -8.13 6.19
C VAL E 44 -15.81 -7.53 5.80
N GLU E 45 -15.82 -6.24 5.39
CA GLU E 45 -16.97 -5.63 4.77
C GLU E 45 -16.58 -5.05 3.41
N GLY E 46 -17.46 -5.20 2.41
CA GLY E 46 -17.24 -4.69 1.07
C GLY E 46 -18.40 -3.89 0.48
N ASP E 47 -18.04 -2.88 -0.34
CA ASP E 47 -18.98 -2.19 -1.22
C ASP E 47 -18.61 -2.42 -2.67
N GLY E 48 -19.57 -2.95 -3.41
CA GLY E 48 -19.38 -3.35 -4.78
C GLY E 48 -20.33 -2.61 -5.73
N LYS E 49 -19.98 -2.66 -6.99
CA LYS E 49 -20.85 -2.19 -8.00
C LYS E 49 -20.47 -2.84 -9.31
N GLY E 50 -21.39 -2.83 -10.25
CA GLY E 50 -21.13 -3.42 -11.53
C GLY E 50 -22.32 -3.57 -12.42
N ARG E 51 -22.14 -4.33 -13.47
CA ARG E 51 -23.17 -4.50 -14.46
C ARG E 51 -23.42 -5.94 -14.73
N PRO E 52 -24.54 -6.44 -14.17
CA PRO E 52 -24.85 -7.86 -14.07
C PRO E 52 -24.88 -8.45 -15.45
N TYR E 53 -25.49 -7.77 -16.43
CA TYR E 53 -25.62 -8.31 -17.78
C TYR E 53 -24.34 -8.24 -18.61
N GLU E 54 -23.39 -7.40 -18.21
CA GLU E 54 -22.09 -7.31 -18.92
C GLU E 54 -21.02 -8.18 -18.30
N GLY E 55 -21.27 -8.70 -17.09
CA GLY E 55 -20.34 -9.58 -16.36
C GLY E 55 -19.15 -8.80 -15.79
N GLU E 56 -19.32 -7.51 -15.51
CA GLU E 56 -18.25 -6.65 -14.91
C GLU E 56 -18.61 -6.17 -13.54
N GLN E 57 -17.66 -6.22 -12.63
CA GLN E 57 -17.90 -5.68 -11.30
C GLN E 57 -16.60 -5.33 -10.60
N THR E 58 -16.68 -4.42 -9.65
N THR E 58 -16.72 -4.48 -9.59
CA THR E 58 -15.55 -4.07 -8.81
CA THR E 58 -15.61 -3.88 -8.84
C THR E 58 -16.09 -4.04 -7.37
C THR E 58 -16.05 -3.81 -7.35
N VAL E 59 -15.20 -4.22 -6.41
CA VAL E 59 -15.51 -4.14 -4.98
C VAL E 59 -14.35 -3.58 -4.19
N LYS E 60 -14.65 -2.77 -3.17
CA LYS E 60 -13.58 -2.32 -2.23
C LYS E 60 -13.87 -2.98 -0.90
N LEU E 61 -12.88 -3.74 -0.39
CA LEU E 61 -13.03 -4.47 0.87
C LEU E 61 -12.19 -3.83 1.94
N THR E 62 -12.64 -3.98 3.18
CA THR E 62 -11.97 -3.50 4.42
C THR E 62 -11.98 -4.66 5.41
N VAL E 63 -10.83 -4.97 6.01
CA VAL E 63 -10.83 -5.92 7.12
C VAL E 63 -11.28 -5.14 8.36
N THR E 64 -12.45 -5.45 8.93
CA THR E 64 -13.01 -4.63 9.99
C THR E 64 -12.71 -5.24 11.35
N LYS E 65 -12.36 -6.51 11.38
CA LYS E 65 -12.04 -7.17 12.65
C LYS E 65 -10.95 -8.22 12.44
N GLY E 66 -10.00 -8.34 13.37
CA GLY E 66 -8.90 -9.29 13.22
C GLY E 66 -7.75 -8.99 12.25
N GLY E 67 -7.67 -7.76 11.73
CA GLY E 67 -6.55 -7.40 10.87
C GLY E 67 -5.36 -6.91 11.70
N PRO E 68 -4.13 -6.93 11.13
CA PRO E 68 -3.85 -7.44 9.80
C PRO E 68 -3.96 -8.97 9.83
N LEU E 69 -4.45 -9.53 8.74
CA LEU E 69 -4.66 -10.99 8.65
C LEU E 69 -3.28 -11.65 8.53
N PRO E 70 -3.01 -12.70 9.31
CA PRO E 70 -1.73 -13.35 9.16
C PRO E 70 -1.62 -14.36 7.98
N PHE E 71 -2.48 -14.24 6.97
CA PHE E 71 -2.50 -15.19 5.86
C PHE E 71 -2.82 -14.40 4.57
N ALA E 72 -2.52 -15.01 3.43
CA ALA E 72 -2.69 -14.38 2.12
C ALA E 72 -4.12 -13.90 1.89
N TRP E 73 -4.27 -12.63 1.55
CA TRP E 73 -5.55 -12.09 1.06
C TRP E 73 -6.22 -12.96 -0.03
N ASP E 74 -5.42 -13.51 -0.93
CA ASP E 74 -5.92 -14.23 -2.11
C ASP E 74 -6.92 -15.36 -1.84
N ILE E 75 -6.86 -16.04 -0.67
CA ILE E 75 -7.79 -17.11 -0.37
C ILE E 75 -9.17 -16.55 -0.10
N LEU E 76 -9.27 -15.29 0.33
CA LEU E 76 -10.58 -14.61 0.58
C LEU E 76 -11.16 -13.92 -0.66
N SER E 77 -10.30 -13.60 -1.63
CA SER E 77 -10.77 -12.74 -2.75
C SER E 77 -11.85 -13.34 -3.60
N PRO E 78 -11.82 -14.68 -3.91
CA PRO E 78 -12.95 -15.17 -4.71
C PRO E 78 -14.26 -15.35 -3.88
N GLN E 79 -14.24 -15.14 -2.56
CA GLN E 79 -15.48 -15.24 -1.77
C GLN E 79 -16.19 -13.94 -1.73
N CYS E 80 -15.54 -12.87 -2.19
CA CYS E 80 -16.23 -11.55 -2.24
C CYS E 80 -16.93 -11.22 -3.54
C3 QFG E 81 -19.72 -13.69 -5.10
N1 QFG E 81 -17.25 -11.64 -4.73
O3 QFG E 81 -20.75 -13.76 -4.34
C1 QFG E 81 -16.57 -13.50 -6.19
C2 QFG E 81 -17.08 -15.59 -6.54
N2 QFG E 81 -15.63 -13.93 -7.17
O2 QFG E 81 -17.61 -16.73 -6.41
N3 QFG E 81 -17.46 -14.54 -5.78
CZ QFG E 81 -16.49 -20.13 -9.08
CA1 QFG E 81 -16.48 -12.11 -5.65
CA2 QFG E 81 -15.89 -15.26 -7.38
CA3 QFG E 81 -18.52 -14.56 -4.78
CB1 QFG E 81 -15.37 -11.24 -6.30
CB2 QFG E 81 -15.13 -16.05 -8.36
CD1 QFG E 81 -14.65 -18.54 -8.67
CD2 QFG E 81 -16.94 -17.74 -8.85
CD3 QFG E 81 -15.12 -9.00 -7.28
CE1 QFG E 81 -15.12 -19.87 -8.90
NE1 QFG E 81 -15.66 -7.83 -7.78
OE1 QFG E 81 -13.91 -9.26 -7.21
CE2 QFG E 81 -17.44 -19.07 -9.05
CG1 QFG E 81 -16.09 -10.01 -6.71
CG2 QFG E 81 -15.57 -17.48 -8.61
N SER E 82 -19.72 -13.36 -6.35
CA SER E 82 -20.74 -12.34 -6.58
C SER E 82 -21.33 -12.73 -7.98
N ILE E 83 -22.08 -13.83 -7.97
CA ILE E 83 -22.40 -14.60 -9.15
C ILE E 83 -23.44 -13.94 -10.05
N PRO E 84 -24.29 -13.04 -9.53
CA PRO E 84 -25.23 -12.40 -10.47
C PRO E 84 -24.56 -11.57 -11.57
N PHE E 85 -23.28 -11.20 -11.38
CA PHE E 85 -22.62 -10.32 -12.35
C PHE E 85 -21.83 -11.19 -13.37
N THR E 86 -22.49 -12.22 -13.93
CA THR E 86 -21.91 -13.06 -14.97
C THR E 86 -22.72 -12.75 -16.25
N LYS E 87 -22.02 -12.48 -17.36
CA LYS E 87 -22.70 -12.26 -18.63
C LYS E 87 -23.11 -13.61 -19.26
N TYR E 88 -24.43 -13.87 -19.31
CA TYR E 88 -25.00 -15.07 -19.92
C TYR E 88 -25.53 -14.76 -21.29
N PRO E 89 -25.12 -15.57 -22.28
CA PRO E 89 -25.78 -15.52 -23.59
C PRO E 89 -27.28 -15.80 -23.44
N GLU E 90 -28.07 -15.35 -24.39
CA GLU E 90 -29.50 -15.46 -24.30
C GLU E 90 -30.00 -16.88 -24.45
N ASP E 91 -29.25 -17.69 -25.21
CA ASP E 91 -29.55 -19.12 -25.35
C ASP E 91 -28.96 -20.01 -24.25
N ILE E 92 -28.46 -19.44 -23.15
CA ILE E 92 -28.11 -20.27 -22.00
C ILE E 92 -28.86 -19.74 -20.75
N PRO E 93 -29.78 -20.55 -20.19
CA PRO E 93 -30.55 -20.07 -19.03
C PRO E 93 -29.61 -19.64 -17.89
N ASP E 94 -29.94 -18.54 -17.20
CA ASP E 94 -29.00 -17.90 -16.24
C ASP E 94 -29.63 -18.24 -14.88
N TYR E 95 -29.13 -19.28 -14.25
CA TYR E 95 -29.73 -19.88 -13.05
C TYR E 95 -29.90 -18.86 -11.96
N VAL E 96 -28.77 -18.25 -11.61
CA VAL E 96 -28.70 -17.27 -10.55
C VAL E 96 -29.55 -16.01 -10.80
N LYS E 97 -29.56 -15.45 -12.01
CA LYS E 97 -30.37 -14.26 -12.21
C LYS E 97 -31.85 -14.60 -12.14
N GLN E 98 -32.23 -15.80 -12.61
CA GLN E 98 -33.62 -16.23 -12.53
C GLN E 98 -34.10 -16.42 -11.08
N SER E 99 -33.19 -16.73 -10.15
CA SER E 99 -33.54 -16.91 -8.76
C SER E 99 -34.11 -15.62 -8.06
N PHE E 100 -33.83 -14.44 -8.61
CA PHE E 100 -34.25 -13.22 -7.97
C PHE E 100 -35.72 -12.89 -8.28
N PRO E 101 -36.45 -12.20 -7.36
CA PRO E 101 -35.98 -11.56 -6.12
C PRO E 101 -35.84 -12.51 -4.96
N GLU E 102 -36.23 -13.76 -5.11
CA GLU E 102 -36.23 -14.64 -3.95
C GLU E 102 -34.76 -14.91 -3.53
N GLY E 103 -33.83 -14.98 -4.49
CA GLY E 103 -32.42 -15.18 -4.18
C GLY E 103 -31.94 -16.63 -4.12
N PHE E 104 -30.74 -16.83 -3.62
CA PHE E 104 -30.09 -18.13 -3.73
C PHE E 104 -29.01 -18.16 -2.65
N THR E 105 -28.49 -19.35 -2.39
CA THR E 105 -27.34 -19.49 -1.51
C THR E 105 -26.29 -20.21 -2.36
N TRP E 106 -25.05 -20.14 -1.95
CA TRP E 106 -24.06 -21.04 -2.49
C TRP E 106 -23.16 -21.62 -1.39
N GLU E 107 -22.61 -22.82 -1.68
CA GLU E 107 -21.84 -23.62 -0.80
C GLU E 107 -20.55 -24.06 -1.53
N ARG E 108 -19.40 -23.79 -0.93
CA ARG E 108 -18.15 -23.99 -1.64
C ARG E 108 -17.15 -24.78 -0.82
N ILE E 109 -16.50 -25.76 -1.44
CA ILE E 109 -15.39 -26.49 -0.89
C ILE E 109 -14.15 -26.11 -1.68
N MET E 110 -13.08 -25.76 -0.98
CA MET E 110 -11.80 -25.49 -1.65
C MET E 110 -10.76 -26.46 -1.12
N ASN E 111 -10.10 -27.22 -1.99
CA ASN E 111 -9.14 -28.21 -1.58
C ASN E 111 -7.83 -27.81 -2.18
N PHE E 112 -6.88 -27.41 -1.33
CA PHE E 112 -5.57 -26.99 -1.78
C PHE E 112 -4.66 -28.20 -1.83
N GLU E 113 -3.65 -28.18 -2.73
CA GLU E 113 -2.76 -29.33 -2.91
C GLU E 113 -1.88 -29.69 -1.71
N ASP E 114 -1.64 -28.75 -0.79
CA ASP E 114 -0.86 -29.04 0.36
C ASP E 114 -1.75 -29.49 1.58
N GLY E 115 -3.02 -29.80 1.35
CA GLY E 115 -3.84 -30.41 2.44
C GLY E 115 -4.82 -29.46 3.13
N ALA E 116 -4.64 -28.16 2.87
CA ALA E 116 -5.55 -27.16 3.39
C ALA E 116 -6.95 -27.36 2.79
N VAL E 117 -7.99 -27.17 3.59
CA VAL E 117 -9.40 -27.19 3.11
C VAL E 117 -10.18 -25.97 3.67
N CYS E 118 -10.94 -25.27 2.79
CA CYS E 118 -11.92 -24.28 3.19
C CYS E 118 -13.35 -24.70 2.80
N THR E 119 -14.32 -24.38 3.68
CA THR E 119 -15.75 -24.47 3.36
C THR E 119 -16.30 -23.06 3.48
N VAL E 120 -17.12 -22.66 2.53
CA VAL E 120 -17.57 -21.29 2.44
C VAL E 120 -19.03 -21.32 2.05
N SER E 121 -19.83 -20.54 2.76
CA SER E 121 -21.23 -20.43 2.41
C SER E 121 -21.65 -18.99 2.33
N ASN E 122 -22.54 -18.76 1.36
CA ASN E 122 -22.99 -17.46 0.99
C ASN E 122 -24.52 -17.47 1.03
N ASP E 123 -25.09 -16.37 1.47
CA ASP E 123 -26.52 -16.11 1.25
C ASP E 123 -26.58 -14.78 0.48
N SER E 124 -27.23 -14.80 -0.69
CA SER E 124 -27.49 -13.60 -1.53
C SER E 124 -28.96 -13.17 -1.64
N SER E 125 -29.24 -11.92 -1.28
CA SER E 125 -30.58 -11.36 -1.34
C SER E 125 -30.50 -10.06 -2.12
N ILE E 126 -31.67 -9.49 -2.50
CA ILE E 126 -31.75 -8.25 -3.30
C ILE E 126 -32.68 -7.31 -2.59
N GLN E 127 -32.31 -6.03 -2.48
CA GLN E 127 -33.28 -5.04 -2.11
C GLN E 127 -33.15 -3.78 -3.02
N GLY E 128 -34.17 -3.52 -3.84
CA GLY E 128 -34.10 -2.45 -4.87
C GLY E 128 -32.89 -2.72 -5.80
N ASN E 129 -31.89 -1.83 -5.73
CA ASN E 129 -30.78 -1.76 -6.64
C ASN E 129 -29.51 -2.35 -6.11
N CYS E 130 -29.60 -3.03 -4.97
CA CYS E 130 -28.47 -3.47 -4.20
C CYS E 130 -28.63 -4.98 -3.90
N PHE E 131 -27.57 -5.78 -4.11
CA PHE E 131 -27.45 -7.12 -3.53
C PHE E 131 -26.79 -7.08 -2.16
N THR E 132 -27.22 -7.94 -1.26
CA THR E 132 -26.47 -8.17 -0.01
C THR E 132 -25.95 -9.60 -0.01
N TYR E 133 -24.68 -9.79 0.30
CA TYR E 133 -24.07 -11.11 0.41
C TYR E 133 -23.59 -11.30 1.83
N HIS E 134 -24.03 -12.38 2.49
CA HIS E 134 -23.52 -12.75 3.81
C HIS E 134 -22.74 -13.99 3.67
N VAL E 135 -21.46 -13.93 4.04
CA VAL E 135 -20.46 -14.95 3.71
C VAL E 135 -19.82 -15.46 5.00
N LYS E 136 -19.80 -16.78 5.21
CA LYS E 136 -19.09 -17.42 6.33
C LYS E 136 -17.96 -18.27 5.79
N PHE E 137 -16.76 -18.02 6.28
CA PHE E 137 -15.56 -18.63 5.69
C PHE E 137 -14.87 -19.44 6.78
N SER E 138 -14.52 -20.67 6.47
CA SER E 138 -13.80 -21.56 7.43
C SER E 138 -12.65 -22.30 6.69
N GLY E 139 -11.39 -21.93 6.97
CA GLY E 139 -10.22 -22.46 6.32
C GLY E 139 -9.25 -22.96 7.36
N LEU E 140 -8.65 -24.13 7.13
CA LEU E 140 -7.74 -24.68 8.12
C LEU E 140 -6.75 -25.68 7.49
N ASN E 141 -5.80 -26.15 8.29
N ASN E 141 -5.77 -26.15 8.28
CA ASN E 141 -4.69 -27.01 7.82
CA ASN E 141 -4.71 -27.06 7.78
C ASN E 141 -3.81 -26.34 6.76
C ASN E 141 -3.87 -26.35 6.68
N PHE E 142 -3.78 -25.02 6.71
CA PHE E 142 -2.72 -24.31 5.99
C PHE E 142 -1.38 -24.49 6.69
N PRO E 143 -0.39 -25.11 6.00
CA PRO E 143 0.92 -25.32 6.65
C PRO E 143 1.56 -23.97 7.10
N PRO E 144 2.15 -23.91 8.31
CA PRO E 144 2.67 -22.69 8.84
C PRO E 144 3.78 -22.13 7.94
N ASN E 145 4.50 -23.01 7.23
CA ASN E 145 5.53 -22.53 6.31
C ASN E 145 5.10 -22.52 4.85
N GLY E 146 3.79 -22.70 4.55
CA GLY E 146 3.30 -22.72 3.18
C GLY E 146 3.00 -21.33 2.64
N PRO E 147 2.64 -21.25 1.35
CA PRO E 147 2.54 -19.95 0.72
C PRO E 147 1.41 -19.08 1.21
N VAL E 148 0.38 -19.71 1.76
CA VAL E 148 -0.71 -18.94 2.42
C VAL E 148 -0.29 -18.27 3.74
N MET E 149 0.31 -19.03 4.69
CA MET E 149 0.62 -18.42 5.97
C MET E 149 1.85 -17.53 5.83
N GLN E 150 2.68 -17.76 4.79
CA GLN E 150 3.90 -16.95 4.60
C GLN E 150 3.64 -15.85 3.54
N LYS E 151 2.42 -15.79 2.99
CA LYS E 151 1.99 -14.69 2.15
C LYS E 151 2.85 -14.56 0.87
N LYS E 152 3.03 -15.69 0.19
CA LYS E 152 3.85 -15.74 -1.01
C LYS E 152 3.01 -15.82 -2.29
N THR E 153 1.72 -15.54 -2.23
CA THR E 153 0.88 -15.69 -3.40
C THR E 153 0.75 -14.38 -4.13
N GLN E 154 0.46 -14.43 -5.43
CA GLN E 154 0.44 -13.20 -6.21
C GLN E 154 -0.71 -13.24 -7.20
N GLY E 155 -1.90 -13.52 -6.69
CA GLY E 155 -3.10 -13.50 -7.53
C GLY E 155 -3.40 -14.84 -8.18
N TRP E 156 -4.66 -15.00 -8.53
CA TRP E 156 -5.12 -16.22 -9.22
C TRP E 156 -4.98 -16.13 -10.70
N GLU E 157 -4.64 -17.26 -11.34
CA GLU E 157 -4.73 -17.36 -12.79
C GLU E 157 -6.23 -17.18 -13.17
N PRO E 158 -6.51 -16.69 -14.38
CA PRO E 158 -7.86 -16.70 -14.97
C PRO E 158 -8.35 -18.14 -14.95
N HIS E 159 -9.63 -18.32 -14.69
CA HIS E 159 -10.12 -19.65 -14.42
C HIS E 159 -11.42 -19.88 -15.11
N SER E 160 -11.79 -21.12 -15.20
CA SER E 160 -12.94 -21.48 -15.97
C SER E 160 -13.76 -22.47 -15.10
N GLU E 161 -15.04 -22.24 -14.93
CA GLU E 161 -15.89 -23.13 -14.15
C GLU E 161 -16.79 -24.02 -15.04
N ARG E 162 -16.66 -25.35 -14.89
CA ARG E 162 -17.59 -26.32 -15.50
C ARG E 162 -18.88 -26.38 -14.67
N LEU E 163 -20.01 -26.11 -15.32
CA LEU E 163 -21.29 -25.97 -14.65
C LEU E 163 -22.32 -26.91 -15.29
N PHE E 164 -23.04 -27.68 -14.46
CA PHE E 164 -24.19 -28.49 -14.98
C PHE E 164 -25.32 -28.50 -13.93
N ALA E 165 -26.49 -28.96 -14.35
CA ALA E 165 -27.73 -28.99 -13.52
C ALA E 165 -27.85 -30.31 -12.84
N ARG E 166 -28.19 -30.31 -11.56
CA ARG E 166 -28.52 -31.55 -10.88
C ARG E 166 -29.48 -31.34 -9.73
N GLY E 167 -30.58 -32.09 -9.72
CA GLY E 167 -31.61 -31.99 -8.66
C GLY E 167 -32.07 -30.55 -8.33
N GLY E 168 -32.25 -29.73 -9.38
CA GLY E 168 -32.73 -28.35 -9.17
C GLY E 168 -31.64 -27.37 -8.72
N MET E 169 -30.40 -27.86 -8.61
CA MET E 169 -29.23 -27.07 -8.22
C MET E 169 -28.23 -26.91 -9.37
N LEU E 170 -27.36 -25.90 -9.32
CA LEU E 170 -26.33 -25.74 -10.34
C LEU E 170 -24.99 -26.13 -9.67
N ILE E 171 -24.24 -27.03 -10.29
CA ILE E 171 -22.98 -27.48 -9.70
C ILE E 171 -21.86 -27.06 -10.51
N GLY E 172 -20.92 -26.40 -9.85
CA GLY E 172 -19.75 -25.82 -10.52
C GLY E 172 -18.43 -26.41 -9.99
N ASN E 173 -17.42 -26.57 -10.87
CA ASN E 173 -16.09 -27.11 -10.49
C ASN E 173 -15.04 -26.28 -11.21
N ASN E 174 -13.97 -25.88 -10.51
CA ASN E 174 -12.87 -25.20 -11.17
C ASN E 174 -11.54 -25.69 -10.63
N PHE E 175 -10.59 -25.76 -11.56
CA PHE E 175 -9.18 -25.95 -11.22
C PHE E 175 -8.58 -24.58 -11.10
N MET E 176 -8.21 -24.16 -9.91
CA MET E 176 -7.72 -22.83 -9.75
C MET E 176 -6.25 -22.96 -9.53
N ALA E 177 -5.55 -21.85 -9.60
CA ALA E 177 -4.10 -21.78 -9.42
C ALA E 177 -3.67 -20.38 -8.93
N LEU E 178 -2.99 -20.35 -7.78
CA LEU E 178 -2.35 -19.15 -7.29
C LEU E 178 -0.93 -19.07 -7.80
N LYS E 179 -0.56 -17.90 -8.29
CA LYS E 179 0.80 -17.63 -8.64
C LYS E 179 1.69 -17.38 -7.42
N LEU E 180 2.91 -17.87 -7.48
CA LEU E 180 3.82 -17.81 -6.37
C LEU E 180 4.94 -16.86 -6.63
N GLU E 181 5.37 -16.20 -5.57
CA GLU E 181 6.51 -15.30 -5.62
C GLU E 181 7.73 -16.15 -6.01
N GLY E 182 8.46 -15.68 -7.02
CA GLY E 182 9.56 -16.45 -7.58
C GLY E 182 9.17 -17.58 -8.53
N GLY E 183 7.88 -17.73 -8.87
CA GLY E 183 7.52 -18.56 -10.01
C GLY E 183 6.89 -19.84 -9.52
N GLY E 184 6.13 -20.45 -10.41
CA GLY E 184 5.37 -21.64 -10.03
C GLY E 184 3.94 -21.33 -9.54
N HIS E 185 3.21 -22.39 -9.23
CA HIS E 185 1.83 -22.26 -8.93
C HIS E 185 1.54 -23.06 -7.69
N TYR E 186 0.51 -22.62 -6.99
CA TYR E 186 -0.10 -23.33 -5.90
C TYR E 186 -1.55 -23.63 -6.23
N LEU E 187 -1.90 -24.91 -6.30
CA LEU E 187 -3.17 -25.37 -6.87
C LEU E 187 -4.28 -25.52 -5.85
N CYS E 188 -5.50 -25.30 -6.30
CA CYS E 188 -6.63 -25.42 -5.47
C CYS E 188 -7.79 -25.89 -6.37
N GLU E 189 -8.55 -26.85 -5.88
CA GLU E 189 -9.77 -27.22 -6.55
C GLU E 189 -11.03 -26.62 -5.80
N PHE E 190 -11.90 -25.94 -6.54
CA PHE E 190 -13.16 -25.39 -6.06
C PHE E 190 -14.31 -26.35 -6.48
N LYS E 191 -15.22 -26.66 -5.56
CA LYS E 191 -16.54 -27.16 -5.89
C LYS E 191 -17.57 -26.19 -5.29
N THR E 192 -18.40 -25.59 -6.12
CA THR E 192 -19.46 -24.67 -5.65
C THR E 192 -20.84 -25.17 -6.07
N THR E 193 -21.76 -25.25 -5.09
CA THR E 193 -23.16 -25.57 -5.38
C THR E 193 -24.01 -24.38 -5.15
N TYR E 194 -24.79 -24.00 -6.18
CA TYR E 194 -25.69 -22.85 -6.18
C TYR E 194 -27.12 -23.35 -6.04
N LYS E 195 -27.85 -22.81 -5.06
CA LYS E 195 -29.20 -23.29 -4.67
C LYS E 195 -30.18 -22.13 -4.73
N ALA E 196 -30.93 -22.04 -5.83
CA ALA E 196 -31.96 -21.01 -6.00
C ALA E 196 -33.06 -21.32 -4.93
N LYS E 197 -33.73 -20.29 -4.46
CA LYS E 197 -34.77 -20.45 -3.40
C LYS E 197 -36.14 -20.72 -4.01
N LYS E 198 -36.16 -20.94 -5.32
CA LYS E 198 -37.40 -21.30 -6.04
C LYS E 198 -36.98 -22.02 -7.29
N PRO E 199 -37.87 -22.84 -7.87
CA PRO E 199 -37.49 -23.58 -9.10
C PRO E 199 -37.22 -22.59 -10.25
N VAL E 200 -36.22 -22.88 -11.07
CA VAL E 200 -35.94 -22.02 -12.21
C VAL E 200 -35.69 -22.85 -13.49
N LYS E 201 -35.61 -22.20 -14.65
CA LYS E 201 -35.21 -22.95 -15.86
C LYS E 201 -33.72 -23.36 -15.76
N MET E 202 -33.45 -24.65 -15.82
CA MET E 202 -32.13 -25.16 -15.69
C MET E 202 -31.35 -25.07 -16.99
N PRO E 203 -30.07 -24.68 -16.92
CA PRO E 203 -29.29 -24.65 -18.17
C PRO E 203 -28.72 -26.03 -18.50
N GLY E 204 -28.29 -26.23 -19.75
CA GLY E 204 -27.39 -27.30 -20.13
C GLY E 204 -25.97 -27.17 -19.54
N TYR E 205 -25.12 -28.11 -19.90
CA TYR E 205 -23.72 -28.14 -19.53
C TYR E 205 -22.98 -26.95 -20.21
N HIS E 206 -22.27 -26.15 -19.44
CA HIS E 206 -21.65 -24.95 -19.95
C HIS E 206 -20.47 -24.53 -19.02
N TYR E 207 -19.82 -23.41 -19.32
CA TYR E 207 -18.67 -22.91 -18.61
C TYR E 207 -18.85 -21.43 -18.36
N VAL E 208 -18.17 -20.95 -17.33
CA VAL E 208 -18.02 -19.54 -17.07
C VAL E 208 -16.52 -19.29 -16.98
N ASP E 209 -16.02 -18.39 -17.82
CA ASP E 209 -14.61 -17.96 -17.72
C ASP E 209 -14.56 -16.65 -16.95
N ARG E 210 -13.55 -16.52 -16.10
CA ARG E 210 -13.44 -15.43 -15.15
C ARG E 210 -12.02 -14.98 -15.04
N LYS E 211 -11.85 -13.78 -14.57
CA LYS E 211 -10.52 -13.27 -14.30
C LYS E 211 -10.77 -12.40 -13.09
N LEU E 212 -10.03 -12.61 -12.04
CA LEU E 212 -10.22 -11.85 -10.83
C LEU E 212 -8.87 -11.10 -10.58
N ASP E 213 -8.86 -9.77 -10.52
CA ASP E 213 -7.62 -8.99 -10.34
C ASP E 213 -7.73 -8.09 -9.11
N VAL E 214 -6.78 -8.16 -8.16
CA VAL E 214 -6.64 -7.14 -7.11
C VAL E 214 -6.01 -5.92 -7.74
N THR E 215 -6.71 -4.79 -7.84
CA THR E 215 -6.13 -3.69 -8.57
C THR E 215 -5.62 -2.64 -7.60
N ASN E 216 -5.91 -2.73 -6.33
CA ASN E 216 -5.32 -1.79 -5.34
C ASN E 216 -5.37 -2.47 -3.98
N HIS E 217 -4.54 -2.03 -3.05
CA HIS E 217 -4.53 -2.59 -1.68
C HIS E 217 -3.53 -1.74 -0.90
N ASN E 218 -3.60 -1.81 0.43
CA ASN E 218 -2.67 -1.05 1.25
C ASN E 218 -1.61 -2.07 1.66
N LYS E 219 -0.71 -1.74 2.57
CA LYS E 219 0.50 -2.56 2.71
C LYS E 219 0.30 -3.97 3.31
N ASP E 220 -0.68 -4.08 4.20
CA ASP E 220 -0.96 -5.29 4.93
C ASP E 220 -2.34 -5.91 4.51
N TYR E 221 -2.87 -5.51 3.35
CA TYR E 221 -4.13 -5.99 2.78
C TYR E 221 -5.33 -5.89 3.75
N THR E 222 -5.35 -4.85 4.60
CA THR E 222 -6.52 -4.55 5.40
C THR E 222 -7.51 -3.70 4.59
N SER E 223 -7.05 -3.24 3.43
CA SER E 223 -7.90 -2.61 2.45
C SER E 223 -7.57 -3.15 1.05
N VAL E 224 -8.56 -3.45 0.22
CA VAL E 224 -8.30 -4.11 -1.07
C VAL E 224 -9.38 -3.71 -2.10
N GLU E 225 -8.94 -3.44 -3.31
CA GLU E 225 -9.88 -3.21 -4.36
C GLU E 225 -9.69 -4.30 -5.41
N GLN E 226 -10.78 -4.83 -5.94
CA GLN E 226 -10.77 -6.05 -6.78
C GLN E 226 -11.74 -5.84 -7.93
N CYS E 227 -11.39 -6.36 -9.08
CA CYS E 227 -12.24 -6.25 -10.23
CA CYS E 227 -12.15 -6.21 -10.34
C CYS E 227 -12.42 -7.64 -10.78
N GLU E 228 -13.58 -7.92 -11.36
CA GLU E 228 -13.88 -9.28 -11.92
C GLU E 228 -14.68 -9.22 -13.22
N ILE E 229 -14.26 -10.05 -14.17
CA ILE E 229 -14.99 -10.22 -15.43
C ILE E 229 -15.42 -11.67 -15.46
N SER E 230 -16.73 -11.91 -15.64
CA SER E 230 -17.31 -13.26 -15.74
C SER E 230 -18.19 -13.40 -16.95
N ILE E 231 -17.87 -14.38 -17.80
CA ILE E 231 -18.63 -14.62 -19.02
C ILE E 231 -18.96 -16.07 -19.27
N ALA E 232 -20.24 -16.35 -19.47
CA ALA E 232 -20.66 -17.72 -19.72
C ALA E 232 -20.60 -18.07 -21.19
N ARG E 233 -20.43 -19.36 -21.42
CA ARG E 233 -20.36 -19.88 -22.83
C ARG E 233 -20.64 -21.38 -22.91
N LYS E 234 -21.02 -21.80 -24.10
CA LYS E 234 -21.06 -23.22 -24.51
C LYS E 234 -19.61 -23.78 -24.63
N PRO E 235 -19.43 -25.11 -24.57
CA PRO E 235 -18.11 -25.72 -24.85
C PRO E 235 -17.45 -25.16 -26.16
N VAL E 236 -16.16 -24.81 -26.12
CA VAL E 236 -15.48 -24.20 -27.29
C VAL E 236 -15.49 -25.19 -28.46
N VAL E 237 -15.26 -26.48 -28.17
CA VAL E 237 -15.22 -27.56 -29.15
C VAL E 237 -16.38 -28.47 -28.81
N ALA E 238 -17.34 -28.56 -29.73
CA ALA E 238 -18.63 -29.21 -29.42
C ALA E 238 -19.07 -30.10 -30.61
N MET F 20 6.80 -29.53 -38.67
CA MET F 20 8.13 -30.19 -38.33
C MET F 20 8.64 -31.02 -39.53
N SER F 21 9.92 -31.35 -39.40
CA SER F 21 10.59 -32.40 -40.19
C SER F 21 10.43 -33.76 -39.45
N VAL F 22 9.93 -33.71 -38.18
CA VAL F 22 9.70 -34.99 -37.40
C VAL F 22 8.25 -35.46 -37.53
N ILE F 23 7.30 -34.54 -37.35
CA ILE F 23 5.89 -34.90 -37.33
C ILE F 23 5.22 -34.43 -38.62
N ALA F 24 4.81 -35.39 -39.48
CA ALA F 24 4.18 -35.03 -40.79
C ALA F 24 2.78 -34.40 -40.57
N THR F 25 2.24 -33.75 -41.61
CA THR F 25 0.95 -33.10 -41.51
C THR F 25 -0.20 -34.14 -41.58
N GLN F 26 0.11 -35.35 -42.02
CA GLN F 26 -0.82 -36.47 -41.97
C GLN F 26 -0.06 -37.69 -41.40
N MET F 27 -0.55 -38.26 -40.30
CA MET F 27 0.11 -39.36 -39.63
C MET F 27 -0.89 -40.49 -39.35
N THR F 28 -0.35 -41.67 -39.04
CA THR F 28 -1.14 -42.79 -38.56
C THR F 28 -0.65 -43.11 -37.18
N TYR F 29 -1.39 -43.97 -36.50
CA TYR F 29 -0.87 -44.55 -35.30
C TYR F 29 -1.44 -45.93 -35.04
N LYS F 30 -0.82 -46.64 -34.10
CA LYS F 30 -1.23 -47.93 -33.66
C LYS F 30 -1.33 -47.86 -32.13
N VAL F 31 -2.42 -48.43 -31.56
CA VAL F 31 -2.66 -48.43 -30.13
C VAL F 31 -2.62 -49.90 -29.67
N TYR F 32 -1.85 -50.17 -28.65
CA TYR F 32 -1.90 -51.46 -27.98
C TYR F 32 -2.27 -51.20 -26.53
N MET F 33 -3.45 -51.66 -26.13
CA MET F 33 -3.91 -51.39 -24.78
C MET F 33 -4.20 -52.73 -24.08
N SER F 34 -3.82 -52.81 -22.82
CA SER F 34 -4.24 -53.96 -22.05
C SER F 34 -4.52 -53.51 -20.63
N GLY F 35 -5.35 -54.25 -19.91
CA GLY F 35 -5.58 -53.93 -18.51
C GLY F 35 -6.64 -54.76 -17.83
N THR F 36 -7.13 -54.23 -16.71
CA THR F 36 -8.14 -54.93 -15.92
C THR F 36 -9.19 -53.93 -15.43
N VAL F 37 -10.45 -54.35 -15.40
CA VAL F 37 -11.54 -53.60 -14.78
C VAL F 37 -12.27 -54.52 -13.80
N ASN F 38 -12.28 -54.11 -12.52
CA ASN F 38 -12.85 -54.92 -11.44
C ASN F 38 -12.35 -56.33 -11.67
N GLY F 39 -11.04 -56.47 -11.93
CA GLY F 39 -10.47 -57.79 -12.16
C GLY F 39 -10.65 -58.47 -13.53
N HIS F 40 -11.41 -57.87 -14.45
CA HIS F 40 -11.63 -58.50 -15.77
C HIS F 40 -10.52 -58.02 -16.73
N TYR F 41 -9.68 -58.93 -17.14
CA TYR F 41 -8.58 -58.68 -18.11
C TYR F 41 -9.09 -58.44 -19.54
N PHE F 42 -8.48 -57.52 -20.27
CA PHE F 42 -8.84 -57.29 -21.68
C PHE F 42 -7.60 -56.83 -22.42
N GLU F 43 -7.63 -56.94 -23.77
CA GLU F 43 -6.66 -56.31 -24.67
C GLU F 43 -7.45 -55.63 -25.77
N VAL F 44 -6.91 -54.51 -26.25
CA VAL F 44 -7.48 -53.73 -27.31
C VAL F 44 -6.33 -53.38 -28.25
N GLU F 45 -6.60 -53.40 -29.55
CA GLU F 45 -5.67 -52.85 -30.55
C GLU F 45 -6.46 -51.88 -31.39
N GLY F 46 -5.85 -50.75 -31.75
CA GLY F 46 -6.46 -49.77 -32.65
C GLY F 46 -5.53 -49.29 -33.76
N ASP F 47 -6.11 -48.82 -34.87
CA ASP F 47 -5.41 -48.19 -35.97
C ASP F 47 -6.06 -46.85 -36.13
N GLY F 48 -5.25 -45.81 -36.09
CA GLY F 48 -5.73 -44.45 -36.18
C GLY F 48 -5.00 -43.66 -37.23
N LYS F 49 -5.53 -42.52 -37.55
CA LYS F 49 -4.90 -41.60 -38.45
C LYS F 49 -5.46 -40.22 -38.18
N GLY F 50 -4.71 -39.18 -38.53
CA GLY F 50 -5.22 -37.84 -38.37
C GLY F 50 -4.28 -36.77 -38.86
N ARG F 51 -4.55 -35.53 -38.48
CA ARG F 51 -3.73 -34.38 -38.87
C ARG F 51 -3.24 -33.71 -37.63
N PRO F 52 -2.00 -34.00 -37.24
CA PRO F 52 -1.52 -33.52 -35.93
C PRO F 52 -1.65 -32.03 -35.76
N TYR F 53 -1.45 -31.24 -36.81
CA TYR F 53 -1.47 -29.80 -36.66
C TYR F 53 -2.87 -29.16 -36.80
N GLU F 54 -3.85 -29.91 -37.28
CA GLU F 54 -5.27 -29.47 -37.27
C GLU F 54 -6.05 -29.96 -35.99
N GLY F 55 -5.35 -30.72 -35.16
CA GLY F 55 -5.96 -31.44 -34.00
C GLY F 55 -7.16 -32.31 -34.35
N GLU F 56 -7.12 -33.05 -35.45
CA GLU F 56 -8.19 -33.99 -35.80
C GLU F 56 -7.64 -35.38 -35.96
N GLN F 57 -8.38 -36.35 -35.45
CA GLN F 57 -7.99 -37.73 -35.58
C GLN F 57 -9.18 -38.66 -35.45
N THR F 58 -8.99 -39.86 -35.98
CA THR F 58 -9.97 -40.91 -35.93
C THR F 58 -9.24 -42.25 -35.69
N VAL F 59 -9.89 -43.18 -35.01
CA VAL F 59 -9.29 -44.47 -34.66
C VAL F 59 -10.34 -45.59 -34.70
N LYS F 60 -9.94 -46.75 -35.19
CA LYS F 60 -10.79 -47.95 -35.17
C LYS F 60 -10.19 -48.97 -34.16
N LEU F 61 -10.98 -49.34 -33.15
CA LEU F 61 -10.50 -50.20 -32.08
C LEU F 61 -11.16 -51.57 -32.18
N THR F 62 -10.45 -52.59 -31.73
CA THR F 62 -10.91 -53.97 -31.67
C THR F 62 -10.55 -54.50 -30.29
N VAL F 63 -11.51 -55.07 -29.58
CA VAL F 63 -11.22 -55.80 -28.35
C VAL F 63 -10.70 -57.16 -28.80
N THR F 64 -9.43 -57.41 -28.61
CA THR F 64 -8.83 -58.63 -29.12
C THR F 64 -8.78 -59.73 -28.04
N LYS F 65 -8.88 -59.37 -26.76
CA LYS F 65 -8.92 -60.39 -25.71
C LYS F 65 -9.86 -60.01 -24.59
N GLY F 66 -10.58 -60.97 -23.99
CA GLY F 66 -11.52 -60.65 -22.91
C GLY F 66 -12.86 -60.07 -23.32
N GLY F 67 -13.18 -60.03 -24.61
CA GLY F 67 -14.48 -59.51 -25.06
C GLY F 67 -15.48 -60.64 -24.99
N PRO F 68 -16.79 -60.32 -24.94
CA PRO F 68 -17.25 -58.89 -24.84
C PRO F 68 -16.98 -58.34 -23.42
N LEU F 69 -16.73 -57.05 -23.33
CA LEU F 69 -16.34 -56.50 -22.04
C LEU F 69 -17.58 -56.34 -21.16
N PRO F 70 -17.50 -56.70 -19.87
CA PRO F 70 -18.70 -56.54 -19.08
C PRO F 70 -18.89 -55.13 -18.48
N PHE F 71 -18.24 -54.12 -19.02
CA PHE F 71 -18.36 -52.74 -18.55
C PHE F 71 -18.44 -51.77 -19.76
N ALA F 72 -18.78 -50.51 -19.48
CA ALA F 72 -19.03 -49.50 -20.52
C ALA F 72 -17.73 -49.21 -21.25
N TRP F 73 -17.81 -49.24 -22.56
CA TRP F 73 -16.68 -48.86 -23.40
C TRP F 73 -16.16 -47.46 -23.05
N ASP F 74 -17.08 -46.56 -22.68
CA ASP F 74 -16.73 -45.15 -22.49
C ASP F 74 -15.54 -44.94 -21.54
N ILE F 75 -15.35 -45.82 -20.55
CA ILE F 75 -14.22 -45.61 -19.63
C ILE F 75 -12.91 -45.82 -20.35
N LEU F 76 -12.89 -46.57 -21.45
CA LEU F 76 -11.66 -46.81 -22.20
C LEU F 76 -11.44 -45.81 -23.33
N SER F 77 -12.49 -45.13 -23.78
CA SER F 77 -12.37 -44.36 -25.04
C SER F 77 -11.36 -43.21 -24.95
N PRO F 78 -11.24 -42.52 -23.81
CA PRO F 78 -10.22 -41.43 -23.79
C PRO F 78 -8.79 -41.95 -23.59
N GLN F 79 -8.59 -43.27 -23.41
CA GLN F 79 -7.21 -43.78 -23.29
C GLN F 79 -6.63 -44.20 -24.64
N CYS F 80 -7.49 -44.22 -25.67
CA CYS F 80 -7.09 -44.55 -27.01
C CYS F 80 -6.62 -43.34 -27.86
C3 QFG F 81 -3.96 -40.59 -26.56
N1 QFG F 81 -6.60 -42.01 -27.89
O3 QFG F 81 -2.85 -41.16 -26.54
C1 QFG F 81 -7.32 -40.13 -26.47
C2 QFG F 81 -6.60 -39.03 -24.72
N2 QFG F 81 -8.34 -39.21 -26.21
O2 QFG F 81 -5.95 -38.63 -23.71
N3 QFG F 81 -6.21 -39.98 -25.58
CZ QFG F 81 -7.03 -35.27 -21.13
CA1 QFG F 81 -7.48 -41.10 -27.60
CA2 QFG F 81 -7.93 -38.51 -25.12
CA3 QFG F 81 -4.98 -40.79 -25.44
CB1 QFG F 81 -8.78 -40.98 -28.43
CB2 QFG F 81 -8.74 -37.45 -24.50
CD1 QFG F 81 -8.83 -36.59 -22.10
CD2 QFG F 81 -6.85 -36.11 -23.45
CD3 QFG F 81 -9.48 -40.79 -30.78
CE1 QFG F 81 -8.28 -35.86 -21.02
NE1 QFG F 81 -9.12 -40.88 -32.06
OE1 QFG F 81 -10.65 -40.80 -30.38
CE2 QFG F 81 -6.30 -35.40 -22.34
CG1 QFG F 81 -8.32 -40.71 -29.83
CG2 QFG F 81 -8.13 -36.71 -23.33
N SER F 82 -4.19 -39.60 -27.31
CA SER F 82 -3.43 -39.47 -28.60
C SER F 82 -3.02 -37.99 -28.70
N ILE F 83 -2.15 -37.58 -27.80
CA ILE F 83 -1.99 -36.17 -27.48
C ILE F 83 -1.25 -35.41 -28.55
N PRO F 84 -0.51 -36.08 -29.45
CA PRO F 84 0.19 -35.24 -30.41
C PRO F 84 -0.74 -34.60 -31.43
N PHE F 85 -2.01 -35.06 -31.48
CA PHE F 85 -2.98 -34.56 -32.46
C PHE F 85 -3.82 -33.43 -31.84
N THR F 86 -3.15 -32.39 -31.34
CA THR F 86 -3.79 -31.23 -30.73
C THR F 86 -3.31 -30.02 -31.56
N LYS F 87 -4.24 -29.17 -32.01
CA LYS F 87 -3.87 -27.97 -32.71
C LYS F 87 -3.33 -26.97 -31.65
N TYR F 88 -2.04 -26.66 -31.74
CA TYR F 88 -1.42 -25.62 -30.92
C TYR F 88 -1.24 -24.35 -31.72
N PRO F 89 -1.77 -23.21 -31.19
CA PRO F 89 -1.38 -21.95 -31.85
C PRO F 89 0.16 -21.79 -31.72
N GLU F 90 0.70 -21.00 -32.62
CA GLU F 90 2.12 -20.74 -32.75
C GLU F 90 2.68 -20.11 -31.52
N ASP F 91 1.89 -19.30 -30.82
CA ASP F 91 2.45 -18.63 -29.65
C ASP F 91 2.31 -19.42 -28.32
N ILE F 92 1.89 -20.70 -28.38
CA ILE F 92 1.95 -21.55 -27.21
C ILE F 92 2.78 -22.77 -27.50
N PRO F 93 3.90 -22.95 -26.76
CA PRO F 93 4.78 -24.11 -27.00
C PRO F 93 3.95 -25.41 -26.82
N ASP F 94 4.21 -26.37 -27.70
CA ASP F 94 3.48 -27.61 -27.79
C ASP F 94 4.46 -28.64 -27.22
N TYR F 95 4.23 -28.98 -25.98
CA TYR F 95 5.14 -29.75 -25.17
C TYR F 95 5.28 -31.14 -25.78
N VAL F 96 4.15 -31.74 -26.17
CA VAL F 96 4.14 -33.06 -26.65
C VAL F 96 4.83 -33.16 -28.02
N LYS F 97 4.50 -32.28 -28.96
CA LYS F 97 5.12 -32.38 -30.26
C LYS F 97 6.67 -32.18 -30.16
N GLN F 98 7.13 -31.26 -29.32
CA GLN F 98 8.53 -31.01 -29.22
C GLN F 98 9.26 -32.23 -28.69
N SER F 99 8.54 -33.11 -27.97
CA SER F 99 9.18 -34.25 -27.32
C SER F 99 9.71 -35.29 -28.34
N PHE F 100 9.16 -35.27 -29.56
CA PHE F 100 9.59 -36.24 -30.62
C PHE F 100 10.90 -35.85 -31.27
N PRO F 101 11.65 -36.82 -31.76
CA PRO F 101 11.29 -38.22 -31.85
C PRO F 101 11.55 -39.08 -30.61
N GLU F 102 12.27 -38.59 -29.60
CA GLU F 102 12.42 -39.38 -28.37
C GLU F 102 11.05 -39.81 -27.83
N GLY F 103 10.07 -38.90 -27.90
CA GLY F 103 8.73 -39.22 -27.42
C GLY F 103 8.49 -38.85 -25.96
N PHE F 104 7.47 -39.45 -25.38
CA PHE F 104 6.93 -39.02 -24.09
C PHE F 104 6.09 -40.11 -23.45
N THR F 105 5.86 -40.00 -22.14
CA THR F 105 4.92 -40.90 -21.52
C THR F 105 3.81 -40.07 -20.89
N TRP F 106 2.71 -40.72 -20.52
CA TRP F 106 1.72 -40.07 -19.65
C TRP F 106 1.14 -40.98 -18.61
N GLU F 107 0.76 -40.36 -17.51
CA GLU F 107 0.24 -41.06 -16.34
C GLU F 107 -1.09 -40.36 -15.97
N ARG F 108 -2.16 -41.13 -15.86
CA ARG F 108 -3.45 -40.57 -15.66
C ARG F 108 -4.15 -41.22 -14.46
N ILE F 109 -4.73 -40.37 -13.61
CA ILE F 109 -5.61 -40.83 -12.55
C ILE F 109 -7.07 -40.45 -12.86
N MET F 110 -7.99 -41.40 -12.80
CA MET F 110 -9.39 -41.10 -13.01
C MET F 110 -10.15 -41.40 -11.73
N ASN F 111 -10.82 -40.38 -11.19
CA ASN F 111 -11.55 -40.49 -9.96
C ASN F 111 -13.04 -40.31 -10.28
N PHE F 112 -13.81 -41.39 -10.21
CA PHE F 112 -15.26 -41.24 -10.48
C PHE F 112 -16.04 -40.88 -9.22
N GLU F 113 -17.21 -40.24 -9.35
CA GLU F 113 -17.93 -39.77 -8.17
C GLU F 113 -18.56 -40.91 -7.33
N ASP F 114 -18.75 -42.13 -7.87
CA ASP F 114 -19.21 -43.26 -7.01
C ASP F 114 -18.02 -44.08 -6.41
N GLY F 115 -16.80 -43.53 -6.35
CA GLY F 115 -15.68 -44.20 -5.65
C GLY F 115 -14.76 -45.04 -6.54
N ALA F 116 -15.12 -45.28 -7.80
CA ALA F 116 -14.27 -46.02 -8.75
C ALA F 116 -13.05 -45.17 -9.04
N VAL F 117 -11.91 -45.84 -9.14
CA VAL F 117 -10.65 -45.19 -9.50
C VAL F 117 -9.92 -45.99 -10.59
N CYS F 118 -9.40 -45.28 -11.60
CA CYS F 118 -8.48 -45.90 -12.59
C CYS F 118 -7.12 -45.24 -12.61
N THR F 119 -6.09 -46.05 -12.84
CA THR F 119 -4.78 -45.54 -13.19
C THR F 119 -4.41 -46.05 -14.53
N VAL F 120 -3.93 -45.14 -15.37
CA VAL F 120 -3.63 -45.43 -16.76
C VAL F 120 -2.25 -44.89 -17.14
N SER F 121 -1.45 -45.73 -17.79
CA SER F 121 -0.18 -45.19 -18.21
C SER F 121 0.05 -45.43 -19.72
N ASN F 122 0.66 -44.43 -20.38
CA ASN F 122 0.94 -44.51 -21.79
C ASN F 122 2.44 -44.31 -22.04
N ASP F 123 2.96 -45.06 -23.02
CA ASP F 123 4.22 -44.75 -23.66
C ASP F 123 3.95 -44.39 -25.14
N SER F 124 4.41 -43.23 -25.61
CA SER F 124 4.23 -42.85 -27.02
C SER F 124 5.60 -42.76 -27.78
N SER F 125 5.73 -43.50 -28.87
CA SER F 125 6.96 -43.44 -29.64
C SER F 125 6.55 -43.11 -31.08
N ILE F 126 7.55 -42.80 -31.92
CA ILE F 126 7.34 -42.48 -33.32
C ILE F 126 8.25 -43.36 -34.20
N GLN F 127 7.73 -43.80 -35.33
CA GLN F 127 8.56 -44.43 -36.34
C GLN F 127 8.13 -43.93 -37.72
N GLY F 128 8.99 -43.15 -38.38
CA GLY F 128 8.63 -42.51 -39.65
C GLY F 128 7.30 -41.74 -39.49
N ASN F 129 6.28 -42.27 -40.15
CA ASN F 129 4.99 -41.68 -40.33
C ASN F 129 3.94 -42.13 -39.31
N CYS F 130 4.34 -42.95 -38.35
CA CYS F 130 3.40 -43.69 -37.49
C CYS F 130 3.79 -43.48 -36.03
N PHE F 131 2.84 -43.06 -35.19
CA PHE F 131 3.00 -43.15 -33.72
C PHE F 131 2.61 -44.54 -33.22
N THR F 132 3.28 -45.04 -32.18
CA THR F 132 2.77 -46.24 -31.46
C THR F 132 2.52 -45.86 -30.04
N TYR F 133 1.34 -46.24 -29.54
CA TYR F 133 0.93 -46.00 -28.16
C TYR F 133 0.79 -47.33 -27.45
N HIS F 134 1.51 -47.48 -26.34
CA HIS F 134 1.36 -48.62 -25.46
C HIS F 134 0.69 -48.14 -24.19
N VAL F 135 -0.49 -48.68 -23.91
CA VAL F 135 -1.34 -48.22 -22.83
C VAL F 135 -1.59 -49.33 -21.79
N LYS F 136 -1.40 -49.05 -20.51
CA LYS F 136 -1.84 -50.00 -19.46
C LYS F 136 -2.95 -49.39 -18.62
N PHE F 137 -4.10 -50.08 -18.51
CA PHE F 137 -5.30 -49.52 -17.84
C PHE F 137 -5.58 -50.40 -16.63
N SER F 138 -5.80 -49.79 -15.46
CA SER F 138 -6.21 -50.52 -14.23
C SER F 138 -7.38 -49.75 -13.59
N GLY F 139 -8.57 -50.29 -13.59
CA GLY F 139 -9.73 -49.59 -12.99
C GLY F 139 -10.37 -50.57 -12.06
N LEU F 140 -10.87 -50.06 -10.93
CA LEU F 140 -11.51 -50.93 -9.95
C LEU F 140 -12.46 -50.18 -9.02
N ASN F 141 -13.12 -50.90 -8.13
N ASN F 141 -13.11 -50.92 -8.12
CA ASN F 141 -14.17 -50.35 -7.26
CA ASN F 141 -14.20 -50.38 -7.28
C ASN F 141 -15.31 -49.66 -8.06
C ASN F 141 -15.39 -49.77 -8.02
N PHE F 142 -15.63 -50.17 -9.26
CA PHE F 142 -16.86 -49.77 -9.96
C PHE F 142 -18.02 -50.55 -9.33
N PRO F 143 -19.03 -49.86 -8.79
CA PRO F 143 -20.19 -50.55 -8.17
C PRO F 143 -20.92 -51.45 -9.18
N PRO F 144 -21.23 -52.70 -8.79
CA PRO F 144 -21.79 -53.67 -9.75
C PRO F 144 -23.12 -53.22 -10.34
N ASN F 145 -23.87 -52.40 -9.60
CA ASN F 145 -25.13 -51.85 -10.12
C ASN F 145 -25.00 -50.38 -10.62
N GLY F 146 -23.77 -49.92 -10.79
CA GLY F 146 -23.49 -48.56 -11.20
C GLY F 146 -23.54 -48.46 -12.73
N PRO F 147 -23.47 -47.23 -13.25
CA PRO F 147 -23.70 -47.03 -14.72
C PRO F 147 -22.55 -47.61 -15.61
N VAL F 148 -21.35 -47.78 -15.05
CA VAL F 148 -20.27 -48.46 -15.76
C VAL F 148 -20.52 -49.96 -15.91
N MET F 149 -20.73 -50.69 -14.80
CA MET F 149 -20.98 -52.12 -14.92
C MET F 149 -22.32 -52.49 -15.53
N GLN F 150 -23.28 -51.57 -15.53
CA GLN F 150 -24.60 -51.89 -16.08
C GLN F 150 -24.66 -51.29 -17.49
N LYS F 151 -23.54 -50.68 -17.95
CA LYS F 151 -23.46 -50.04 -19.31
C LYS F 151 -24.63 -49.08 -19.60
N LYS F 152 -24.82 -48.07 -18.77
CA LYS F 152 -25.86 -47.05 -18.97
C LYS F 152 -25.23 -45.73 -19.39
N THR F 153 -23.97 -45.76 -19.85
CA THR F 153 -23.33 -44.46 -20.26
C THR F 153 -23.54 -44.17 -21.75
N GLN F 154 -23.54 -42.88 -22.11
CA GLN F 154 -23.87 -42.50 -23.50
C GLN F 154 -22.88 -41.45 -24.03
N GLY F 155 -21.59 -41.70 -23.78
CA GLY F 155 -20.55 -40.81 -24.25
C GLY F 155 -20.24 -39.69 -23.23
N TRP F 156 -19.07 -39.09 -23.43
CA TRP F 156 -18.55 -37.95 -22.64
C TRP F 156 -19.01 -36.62 -23.19
N GLU F 157 -19.32 -35.69 -22.29
CA GLU F 157 -19.53 -34.31 -22.66
C GLU F 157 -18.20 -33.79 -23.25
N PRO F 158 -18.29 -32.79 -24.13
CA PRO F 158 -17.06 -32.06 -24.49
C PRO F 158 -16.32 -31.54 -23.22
N HIS F 159 -15.01 -31.49 -23.26
CA HIS F 159 -14.26 -31.26 -22.07
C HIS F 159 -13.07 -30.34 -22.32
N SER F 160 -12.53 -29.86 -21.24
CA SER F 160 -11.55 -28.84 -21.27
C SER F 160 -10.46 -29.23 -20.27
N GLU F 161 -9.22 -29.25 -20.69
CA GLU F 161 -8.14 -29.62 -19.78
C GLU F 161 -7.31 -28.36 -19.40
N ARG F 162 -7.15 -28.10 -18.10
CA ARG F 162 -6.27 -27.04 -17.64
C ARG F 162 -4.82 -27.59 -17.58
N LEU F 163 -3.89 -26.94 -18.27
CA LEU F 163 -2.51 -27.37 -18.40
C LEU F 163 -1.51 -26.32 -17.90
N PHE F 164 -0.55 -26.75 -17.09
CA PHE F 164 0.56 -25.81 -16.74
C PHE F 164 1.80 -26.66 -16.56
N ALA F 165 2.94 -25.97 -16.48
CA ALA F 165 4.25 -26.59 -16.43
C ALA F 165 4.73 -26.72 -15.01
N ARG F 166 5.36 -27.82 -14.70
CA ARG F 166 5.93 -28.00 -13.38
C ARG F 166 7.04 -29.06 -13.42
N GLY F 167 8.22 -28.70 -12.96
CA GLY F 167 9.32 -29.69 -12.91
C GLY F 167 9.73 -30.28 -14.26
N GLY F 168 9.50 -29.58 -15.38
CA GLY F 168 9.86 -30.15 -16.67
C GLY F 168 8.72 -31.00 -17.25
N MET F 169 7.62 -31.12 -16.50
CA MET F 169 6.46 -31.97 -16.89
C MET F 169 5.28 -31.08 -17.19
N LEU F 170 4.32 -31.57 -17.99
CA LEU F 170 3.11 -30.86 -18.21
C LEU F 170 2.00 -31.53 -17.39
N ILE F 171 1.25 -30.74 -16.63
CA ILE F 171 0.25 -31.31 -15.69
C ILE F 171 -1.07 -30.88 -16.23
N GLY F 172 -1.96 -31.83 -16.49
CA GLY F 172 -3.27 -31.47 -16.95
C GLY F 172 -4.37 -31.95 -16.01
N ASN F 173 -5.50 -31.23 -15.93
CA ASN F 173 -6.66 -31.61 -15.09
C ASN F 173 -7.96 -31.36 -15.84
N ASN F 174 -8.92 -32.33 -15.79
CA ASN F 174 -10.19 -32.15 -16.50
C ASN F 174 -11.31 -32.55 -15.55
N PHE F 175 -12.38 -31.77 -15.61
CA PHE F 175 -13.69 -32.23 -15.09
C PHE F 175 -14.46 -32.87 -16.21
N MET F 176 -14.64 -34.17 -16.15
CA MET F 176 -15.32 -34.88 -17.18
C MET F 176 -16.68 -35.27 -16.69
N ALA F 177 -17.57 -35.55 -17.65
CA ALA F 177 -18.89 -36.03 -17.32
C ALA F 177 -19.37 -36.99 -18.43
N LEU F 178 -19.83 -38.16 -18.00
CA LEU F 178 -20.48 -39.16 -18.85
C LEU F 178 -21.97 -38.87 -18.83
N LYS F 179 -22.61 -38.80 -19.99
CA LYS F 179 -24.04 -38.72 -20.03
C LYS F 179 -24.66 -40.09 -19.73
N LEU F 180 -25.79 -40.07 -19.02
CA LEU F 180 -26.46 -41.27 -18.60
C LEU F 180 -27.72 -41.55 -19.41
N GLU F 181 -27.98 -42.82 -19.65
CA GLU F 181 -29.29 -43.16 -20.17
C GLU F 181 -30.42 -42.79 -19.17
N GLY F 182 -31.40 -42.07 -19.70
CA GLY F 182 -32.46 -41.51 -18.87
C GLY F 182 -32.15 -40.10 -18.35
N GLY F 183 -31.00 -39.52 -18.77
CA GLY F 183 -30.66 -38.12 -18.41
C GLY F 183 -29.78 -38.06 -17.15
N GLY F 184 -29.19 -36.93 -16.90
CA GLY F 184 -28.19 -36.92 -15.86
C GLY F 184 -26.76 -37.22 -16.30
N HIS F 185 -25.85 -37.07 -15.34
CA HIS F 185 -24.44 -37.15 -15.60
C HIS F 185 -23.80 -37.97 -14.53
N TYR F 186 -22.69 -38.58 -14.91
CA TYR F 186 -21.88 -39.35 -14.01
C TYR F 186 -20.44 -38.78 -14.13
N LEU F 187 -19.96 -38.17 -13.04
CA LEU F 187 -18.77 -37.33 -13.07
C LEU F 187 -17.50 -38.14 -12.80
N CYS F 188 -16.44 -37.63 -13.40
CA CYS F 188 -15.09 -38.19 -13.31
C CYS F 188 -14.09 -37.03 -13.35
N GLU F 189 -13.07 -37.04 -12.49
CA GLU F 189 -12.03 -36.05 -12.59
C GLU F 189 -10.81 -36.78 -13.12
N PHE F 190 -10.20 -36.23 -14.15
CA PHE F 190 -8.94 -36.75 -14.67
C PHE F 190 -7.78 -35.87 -14.20
N LYS F 191 -6.68 -36.50 -13.81
CA LYS F 191 -5.38 -35.82 -13.63
C LYS F 191 -4.39 -36.59 -14.52
N THR F 192 -3.80 -35.88 -15.46
CA THR F 192 -2.85 -36.45 -16.42
C THR F 192 -1.52 -35.74 -16.34
N THR F 193 -0.43 -36.49 -16.16
CA THR F 193 0.89 -35.90 -16.21
C THR F 193 1.63 -36.40 -17.45
N TYR F 194 2.07 -35.46 -18.31
CA TYR F 194 2.82 -35.73 -19.53
C TYR F 194 4.34 -35.55 -19.28
N LYS F 195 5.15 -36.53 -19.65
CA LYS F 195 6.58 -36.53 -19.35
C LYS F 195 7.40 -36.74 -20.63
N ALA F 196 7.98 -35.67 -21.12
CA ALA F 196 8.77 -35.73 -22.33
C ALA F 196 10.06 -36.46 -21.96
N LYS F 197 10.63 -37.17 -22.92
CA LYS F 197 11.89 -37.92 -22.72
C LYS F 197 13.18 -37.11 -22.99
N LYS F 198 13.03 -35.85 -23.44
CA LYS F 198 14.18 -34.91 -23.51
C LYS F 198 13.62 -33.58 -22.94
N PRO F 199 14.50 -32.63 -22.52
CA PRO F 199 13.90 -31.32 -22.17
C PRO F 199 13.33 -30.55 -23.44
N VAL F 200 12.26 -29.77 -23.21
CA VAL F 200 11.60 -29.02 -24.28
C VAL F 200 11.28 -27.65 -23.72
N LYS F 201 10.86 -26.73 -24.59
CA LYS F 201 10.41 -25.42 -24.15
C LYS F 201 9.02 -25.57 -23.50
N MET F 202 8.92 -25.13 -22.26
CA MET F 202 7.70 -25.26 -21.47
C MET F 202 6.68 -24.19 -21.84
N PRO F 203 5.41 -24.57 -21.98
CA PRO F 203 4.35 -23.54 -22.19
C PRO F 203 3.93 -22.82 -20.90
N GLY F 204 3.27 -21.66 -21.04
CA GLY F 204 2.57 -21.05 -19.88
C GLY F 204 1.24 -21.79 -19.60
N TYR F 205 0.42 -21.17 -18.77
CA TYR F 205 -0.81 -21.69 -18.28
C TYR F 205 -1.82 -21.67 -19.39
N HIS F 206 -2.40 -22.82 -19.76
CA HIS F 206 -3.27 -22.79 -20.95
C HIS F 206 -4.30 -23.90 -20.85
N TYR F 207 -5.13 -24.07 -21.89
CA TYR F 207 -6.21 -25.06 -21.90
C TYR F 207 -6.23 -25.77 -23.23
N VAL F 208 -6.75 -26.99 -23.22
CA VAL F 208 -7.06 -27.72 -24.44
C VAL F 208 -8.56 -28.08 -24.42
N ASP F 209 -9.30 -27.71 -25.48
CA ASP F 209 -10.73 -28.09 -25.62
C ASP F 209 -10.85 -29.28 -26.52
N ARG F 210 -11.64 -30.29 -26.10
CA ARG F 210 -11.82 -31.52 -26.83
C ARG F 210 -13.26 -31.95 -26.92
N LYS F 211 -13.50 -32.73 -27.96
CA LYS F 211 -14.72 -33.46 -28.08
C LYS F 211 -14.34 -34.83 -28.56
N LEU F 212 -14.72 -35.88 -27.82
CA LEU F 212 -14.56 -37.27 -28.24
C LEU F 212 -15.94 -37.84 -28.55
N ASP F 213 -16.10 -38.35 -29.78
CA ASP F 213 -17.33 -38.96 -30.26
C ASP F 213 -17.13 -40.42 -30.75
N VAL F 214 -17.85 -41.37 -30.16
CA VAL F 214 -17.94 -42.70 -30.78
C VAL F 214 -18.90 -42.59 -31.96
N THR F 215 -18.39 -42.71 -33.18
CA THR F 215 -19.21 -42.62 -34.37
C THR F 215 -19.70 -43.97 -34.88
N ASN F 216 -19.09 -45.07 -34.48
CA ASN F 216 -19.54 -46.40 -34.99
C ASN F 216 -19.17 -47.47 -33.98
N HIS F 217 -19.94 -48.55 -33.88
CA HIS F 217 -19.59 -49.65 -32.94
C HIS F 217 -20.45 -50.83 -33.30
N ASN F 218 -20.00 -52.04 -32.97
CA ASN F 218 -20.91 -53.18 -33.11
C ASN F 218 -21.70 -53.33 -31.80
N LYS F 219 -22.49 -54.38 -31.73
CA LYS F 219 -23.52 -54.46 -30.70
C LYS F 219 -22.95 -54.65 -29.30
N ASP F 220 -21.77 -55.23 -29.17
CA ASP F 220 -21.22 -55.49 -27.85
C ASP F 220 -19.91 -54.69 -27.69
N TYR F 221 -19.67 -53.72 -28.58
CA TYR F 221 -18.52 -52.83 -28.47
C TYR F 221 -17.18 -53.59 -28.47
N THR F 222 -17.14 -54.75 -29.13
CA THR F 222 -15.89 -55.40 -29.45
C THR F 222 -15.22 -54.69 -30.66
N SER F 223 -15.93 -53.78 -31.32
CA SER F 223 -15.35 -52.93 -32.32
C SER F 223 -15.93 -51.59 -32.15
N VAL F 224 -15.12 -50.55 -32.31
CA VAL F 224 -15.53 -49.15 -32.02
C VAL F 224 -14.76 -48.22 -32.95
N GLU F 225 -15.45 -47.24 -33.53
CA GLU F 225 -14.77 -46.14 -34.22
C GLU F 225 -15.03 -44.80 -33.46
N GLN F 226 -13.98 -43.99 -33.25
CA GLN F 226 -14.02 -42.77 -32.43
C GLN F 226 -13.34 -41.68 -33.20
N CYS F 227 -13.81 -40.46 -32.99
CA CYS F 227 -13.28 -39.24 -33.63
CA CYS F 227 -13.28 -39.28 -33.65
C CYS F 227 -12.96 -38.27 -32.53
N GLU F 228 -11.92 -37.50 -32.70
CA GLU F 228 -11.63 -36.51 -31.68
C GLU F 228 -11.09 -35.24 -32.32
N ILE F 229 -11.56 -34.10 -31.80
CA ILE F 229 -11.00 -32.76 -32.08
C ILE F 229 -10.36 -32.17 -30.83
N SER F 230 -9.12 -31.67 -30.94
CA SER F 230 -8.42 -31.10 -29.81
C SER F 230 -7.75 -29.84 -30.25
N ILE F 231 -8.05 -28.74 -29.54
CA ILE F 231 -7.50 -27.43 -29.84
C ILE F 231 -7.03 -26.72 -28.57
N ALA F 232 -5.75 -26.32 -28.56
CA ALA F 232 -5.18 -25.49 -27.49
C ALA F 232 -5.54 -24.03 -27.60
N ARG F 233 -5.65 -23.36 -26.47
CA ARG F 233 -5.87 -21.91 -26.50
C ARG F 233 -5.36 -21.27 -25.22
N LYS F 234 -5.27 -19.94 -25.25
CA LYS F 234 -5.14 -19.18 -24.01
C LYS F 234 -6.50 -19.12 -23.23
N PRO F 235 -6.45 -18.75 -21.94
CA PRO F 235 -7.67 -18.38 -21.14
C PRO F 235 -8.62 -17.52 -21.96
N VAL F 236 -9.92 -17.83 -21.94
CA VAL F 236 -10.89 -17.03 -22.76
C VAL F 236 -10.97 -15.61 -22.23
N VAL F 237 -11.00 -15.47 -20.92
CA VAL F 237 -11.07 -14.14 -20.29
C VAL F 237 -9.74 -13.98 -19.63
N ALA F 238 -9.00 -12.98 -20.07
CA ALA F 238 -7.64 -12.71 -19.58
C ALA F 238 -7.32 -11.20 -19.74
N MET G 20 -0.06 -32.27 35.90
CA MET G 20 -0.57 -32.85 37.23
C MET G 20 -0.65 -31.75 38.23
N SER G 21 0.34 -30.85 38.19
CA SER G 21 0.19 -29.60 38.89
C SER G 21 -0.98 -28.87 38.22
N VAL G 22 -1.00 -28.85 36.88
CA VAL G 22 -2.02 -28.04 36.14
C VAL G 22 -3.45 -28.68 36.09
N ILE G 23 -3.51 -29.99 35.83
CA ILE G 23 -4.77 -30.69 35.53
C ILE G 23 -5.19 -31.61 36.68
N ALA G 24 -6.31 -31.31 37.34
CA ALA G 24 -6.71 -32.14 38.48
C ALA G 24 -7.31 -33.51 38.01
N THR G 25 -7.51 -34.44 38.92
CA THR G 25 -8.03 -35.76 38.53
C THR G 25 -9.55 -35.68 38.34
N GLN G 26 -10.18 -34.64 38.89
CA GLN G 26 -11.56 -34.27 38.50
C GLN G 26 -11.60 -32.86 37.91
N MET G 27 -12.15 -32.71 36.72
CA MET G 27 -12.23 -31.42 36.09
C MET G 27 -13.63 -31.19 35.54
N THR G 28 -13.96 -29.93 35.32
CA THR G 28 -15.15 -29.55 34.57
C THR G 28 -14.78 -28.89 33.26
N TYR G 29 -15.76 -28.73 32.38
CA TYR G 29 -15.54 -27.91 31.23
C TYR G 29 -16.76 -27.22 30.70
N LYS G 30 -16.55 -26.21 29.88
CA LYS G 30 -17.62 -25.46 29.25
C LYS G 30 -17.34 -25.50 27.74
N VAL G 31 -18.38 -25.78 26.94
CA VAL G 31 -18.30 -25.78 25.47
C VAL G 31 -19.17 -24.66 24.96
N TYR G 32 -18.61 -23.83 24.06
CA TYR G 32 -19.37 -22.84 23.31
C TYR G 32 -19.13 -23.17 21.87
N MET G 33 -20.17 -23.55 21.15
CA MET G 33 -20.00 -23.94 19.76
C MET G 33 -20.95 -23.13 18.91
N SER G 34 -20.46 -22.63 17.79
CA SER G 34 -21.37 -22.03 16.82
C SER G 34 -21.00 -22.46 15.41
N GLY G 35 -21.91 -22.31 14.47
CA GLY G 35 -21.64 -22.65 13.12
C GLY G 35 -22.81 -22.78 12.19
N THR G 36 -22.57 -23.43 11.07
CA THR G 36 -23.56 -23.48 10.06
C THR G 36 -23.51 -24.84 9.42
N VAL G 37 -24.69 -25.39 9.05
CA VAL G 37 -24.78 -26.63 8.32
C VAL G 37 -25.71 -26.33 7.12
N ASN G 38 -25.19 -26.51 5.91
CA ASN G 38 -26.00 -26.13 4.71
C ASN G 38 -26.63 -24.75 4.87
N GLY G 39 -25.85 -23.79 5.38
CA GLY G 39 -26.37 -22.45 5.56
C GLY G 39 -27.20 -22.23 6.83
N HIS G 40 -27.52 -23.25 7.63
CA HIS G 40 -28.40 -23.03 8.80
C HIS G 40 -27.49 -22.76 10.03
N TYR G 41 -27.51 -21.52 10.55
CA TYR G 41 -26.78 -21.08 11.75
C TYR G 41 -27.29 -21.71 13.04
N PHE G 42 -26.39 -22.05 13.93
CA PHE G 42 -26.79 -22.55 15.24
C PHE G 42 -25.75 -22.15 16.27
N GLU G 43 -26.16 -22.17 17.55
CA GLU G 43 -25.25 -22.12 18.68
C GLU G 43 -25.61 -23.21 19.65
N VAL G 44 -24.59 -23.77 20.30
CA VAL G 44 -24.72 -24.84 21.30
C VAL G 44 -23.89 -24.43 22.52
N GLU G 45 -24.42 -24.60 23.74
CA GLU G 45 -23.58 -24.54 24.96
C GLU G 45 -23.59 -25.87 25.69
N GLY G 46 -22.45 -26.27 26.24
CA GLY G 46 -22.41 -27.52 27.06
C GLY G 46 -21.71 -27.33 28.39
N ASP G 47 -22.06 -28.15 29.41
CA ASP G 47 -21.34 -28.24 30.66
C ASP G 47 -20.84 -29.67 30.77
N GLY G 48 -19.54 -29.84 30.94
CA GLY G 48 -18.95 -31.15 30.87
C GLY G 48 -18.30 -31.39 32.20
N LYS G 49 -18.03 -32.65 32.48
CA LYS G 49 -17.18 -33.02 33.61
C LYS G 49 -16.56 -34.38 33.37
N GLY G 50 -15.44 -34.64 34.02
CA GLY G 50 -14.86 -35.97 33.95
C GLY G 50 -13.56 -36.14 34.68
N ARG G 51 -12.82 -37.18 34.32
CA ARG G 51 -11.55 -37.50 34.93
C ARG G 51 -10.51 -37.61 33.87
N PRO G 52 -9.68 -36.60 33.79
CA PRO G 52 -8.80 -36.52 32.60
C PRO G 52 -7.84 -37.72 32.52
N TYR G 53 -7.40 -38.24 33.65
CA TYR G 53 -6.43 -39.34 33.69
C TYR G 53 -7.09 -40.73 33.56
N GLU G 54 -8.39 -40.82 33.71
CA GLU G 54 -9.06 -42.09 33.45
C GLU G 54 -9.68 -42.16 32.04
N GLY G 55 -9.66 -41.09 31.28
CA GLY G 55 -10.30 -41.09 29.98
C GLY G 55 -11.81 -41.08 30.02
N GLU G 56 -12.41 -40.54 31.07
CA GLU G 56 -13.86 -40.58 31.16
C GLU G 56 -14.39 -39.16 31.24
N GLN G 57 -15.45 -38.89 30.50
CA GLN G 57 -16.11 -37.60 30.57
C GLN G 57 -17.56 -37.71 30.17
N THR G 58 -18.33 -36.69 30.56
CA THR G 58 -19.75 -36.64 30.27
C THR G 58 -20.04 -35.16 30.04
N VAL G 59 -20.85 -34.83 29.05
CA VAL G 59 -21.28 -33.49 28.80
C VAL G 59 -22.79 -33.35 28.61
N LYS G 60 -23.33 -32.23 29.04
CA LYS G 60 -24.76 -31.92 28.77
C LYS G 60 -24.83 -30.72 27.79
N LEU G 61 -25.54 -30.86 26.69
CA LEU G 61 -25.55 -29.76 25.71
C LEU G 61 -26.93 -29.22 25.51
N THR G 62 -27.00 -27.93 25.22
CA THR G 62 -28.27 -27.24 24.91
C THR G 62 -28.06 -26.48 23.61
N VAL G 63 -28.98 -26.61 22.66
CA VAL G 63 -29.00 -25.81 21.46
C VAL G 63 -29.62 -24.45 21.84
N THR G 64 -28.78 -23.42 21.89
CA THR G 64 -29.20 -22.15 22.41
C THR G 64 -29.67 -21.20 21.33
N LYS G 65 -29.33 -21.48 20.07
CA LYS G 65 -29.80 -20.67 18.94
C LYS G 65 -29.92 -21.52 17.65
N GLY G 66 -30.97 -21.26 16.86
CA GLY G 66 -31.21 -21.99 15.63
C GLY G 66 -31.88 -23.36 15.77
N GLY G 67 -32.31 -23.71 16.99
CA GLY G 67 -32.98 -25.01 17.20
C GLY G 67 -34.48 -24.88 16.95
N PRO G 68 -35.19 -26.00 16.73
CA PRO G 68 -34.63 -27.36 16.58
C PRO G 68 -33.77 -27.43 15.32
N LEU G 69 -32.67 -28.17 15.38
CA LEU G 69 -31.76 -28.26 14.25
C LEU G 69 -32.35 -29.13 13.12
N PRO G 70 -32.30 -28.63 11.88
CA PRO G 70 -32.88 -29.46 10.80
C PRO G 70 -31.95 -30.56 10.30
N PHE G 71 -31.01 -31.00 11.11
CA PHE G 71 -30.08 -32.02 10.69
C PHE G 71 -29.68 -32.84 11.94
N ALA G 72 -29.07 -34.01 11.67
CA ALA G 72 -28.70 -34.99 12.65
C ALA G 72 -27.73 -34.41 13.67
N TRP G 73 -28.10 -34.51 14.95
CA TRP G 73 -27.20 -34.18 16.07
C TRP G 73 -25.79 -34.83 15.94
N ASP G 74 -25.75 -36.06 15.45
CA ASP G 74 -24.55 -36.88 15.36
C ASP G 74 -23.35 -36.20 14.69
N ILE G 75 -23.58 -35.34 13.72
CA ILE G 75 -22.47 -34.64 13.11
C ILE G 75 -21.78 -33.67 14.08
N LEU G 76 -22.47 -33.22 15.14
CA LEU G 76 -21.94 -32.23 16.07
C LEU G 76 -21.39 -32.93 17.27
N SER G 77 -21.80 -34.16 17.54
CA SER G 77 -21.44 -34.74 18.86
C SER G 77 -19.94 -34.98 19.05
N PRO G 78 -19.17 -35.31 17.99
CA PRO G 78 -17.75 -35.45 18.24
C PRO G 78 -16.97 -34.13 18.41
N GLN G 79 -17.63 -32.98 18.21
CA GLN G 79 -16.94 -31.68 18.30
C GLN G 79 -17.08 -31.11 19.74
N CYS G 80 -17.90 -31.77 20.54
CA CYS G 80 -18.18 -31.44 21.91
C CYS G 80 -17.25 -32.06 22.89
C3 QFG G 81 -13.03 -32.02 22.22
N1 QFG G 81 -16.46 -33.09 23.18
O3 QFG G 81 -12.95 -30.82 22.59
C1 QFG G 81 -15.31 -34.71 21.68
C2 QFG G 81 -13.73 -34.83 20.20
N2 QFG G 81 -15.34 -36.05 21.25
O2 QFG G 81 -12.80 -34.61 19.35
N3 QFG G 81 -14.28 -33.95 21.03
CZ QFG G 81 -10.84 -37.94 16.88
CA1 QFG G 81 -16.33 -34.28 22.71
CA2 QFG G 81 -14.38 -36.15 20.33
CA3 QFG G 81 -13.98 -32.49 21.15
CB1 QFG G 81 -17.30 -35.37 23.23
CB2 QFG G 81 -14.16 -37.40 19.65
CD1 QFG G 81 -13.24 -38.10 17.36
CD2 QFG G 81 -11.68 -37.20 19.07
CD3 QFG G 81 -18.33 -36.06 25.28
CE1 QFG G 81 -12.15 -38.30 16.48
NE1 QFG G 81 -18.39 -36.12 26.62
OE1 QFG G 81 -19.02 -36.70 24.54
CE2 QFG G 81 -10.59 -37.38 18.17
CG1 QFG G 81 -17.37 -35.08 24.69
CG2 QFG G 81 -13.01 -37.55 18.65
N SER G 82 -13.11 -32.86 23.12
CA SER G 82 -12.62 -32.72 24.52
C SER G 82 -11.34 -33.55 24.81
N ILE G 83 -10.21 -33.21 24.14
CA ILE G 83 -9.09 -34.15 24.05
C ILE G 83 -8.24 -34.35 25.33
N PRO G 84 -8.29 -33.40 26.29
CA PRO G 84 -7.50 -33.66 27.52
C PRO G 84 -8.01 -34.86 28.36
N PHE G 85 -9.23 -35.34 28.09
CA PHE G 85 -9.83 -36.42 28.89
C PHE G 85 -9.53 -37.81 28.26
N THR G 86 -8.27 -38.07 27.94
CA THR G 86 -7.83 -39.28 27.27
C THR G 86 -6.84 -39.93 28.24
N LYS G 87 -7.07 -41.20 28.61
CA LYS G 87 -6.11 -41.95 29.44
C LYS G 87 -4.84 -42.31 28.63
N TYR G 88 -3.73 -41.66 28.98
CA TYR G 88 -2.41 -42.04 28.40
C TYR G 88 -1.63 -42.93 29.36
N PRO G 89 -1.16 -44.09 28.87
CA PRO G 89 -0.22 -44.81 29.68
C PRO G 89 1.06 -43.95 29.90
N GLU G 90 1.74 -44.22 31.04
CA GLU G 90 2.93 -43.48 31.43
C GLU G 90 4.00 -43.48 30.35
N ASP G 91 4.07 -44.53 29.53
CA ASP G 91 5.18 -44.52 28.53
C ASP G 91 4.86 -43.97 27.14
N ILE G 92 3.71 -43.30 27.01
CA ILE G 92 3.40 -42.51 25.79
C ILE G 92 3.19 -41.05 26.22
N PRO G 93 4.04 -40.14 25.72
CA PRO G 93 3.83 -38.74 26.10
C PRO G 93 2.46 -38.21 25.65
N ASP G 94 1.86 -37.36 26.49
CA ASP G 94 0.46 -36.97 26.33
C ASP G 94 0.59 -35.53 25.79
N TYR G 95 0.50 -35.37 24.48
CA TYR G 95 0.74 -34.12 23.81
C TYR G 95 -0.15 -33.05 24.41
N VAL G 96 -1.45 -33.33 24.50
CA VAL G 96 -2.45 -32.38 24.89
C VAL G 96 -2.37 -32.01 26.36
N LYS G 97 -2.17 -32.95 27.29
CA LYS G 97 -2.06 -32.55 28.68
C LYS G 97 -0.79 -31.73 28.93
N GLN G 98 0.28 -32.03 28.19
CA GLN G 98 1.53 -31.29 28.35
C GLN G 98 1.35 -29.82 27.91
N SER G 99 0.39 -29.55 27.01
CA SER G 99 0.25 -28.23 26.45
C SER G 99 -0.30 -27.25 27.49
N PHE G 100 -0.87 -27.73 28.61
CA PHE G 100 -1.42 -26.78 29.59
C PHE G 100 -0.34 -26.17 30.51
N PRO G 101 -0.56 -24.98 31.07
CA PRO G 101 -1.72 -24.10 31.04
C PRO G 101 -1.93 -23.26 29.77
N GLU G 102 -0.91 -23.06 28.93
CA GLU G 102 -1.10 -22.33 27.62
C GLU G 102 -2.26 -22.91 26.78
N GLY G 103 -2.32 -24.24 26.68
CA GLY G 103 -3.44 -24.89 26.04
C GLY G 103 -3.07 -25.16 24.61
N PHE G 104 -4.08 -25.35 23.75
CA PHE G 104 -3.87 -25.87 22.37
C PHE G 104 -5.08 -25.57 21.54
N THR G 105 -4.93 -25.76 20.22
CA THR G 105 -6.04 -25.66 19.30
C THR G 105 -6.14 -26.98 18.54
N TRP G 106 -7.27 -27.23 17.90
CA TRP G 106 -7.36 -28.35 16.95
C TRP G 106 -8.14 -27.95 15.74
N GLU G 107 -7.80 -28.59 14.61
CA GLU G 107 -8.37 -28.23 13.32
C GLU G 107 -8.79 -29.54 12.66
N ARG G 108 -10.06 -29.69 12.36
CA ARG G 108 -10.54 -30.94 11.86
C ARG G 108 -11.21 -30.79 10.47
N ILE G 109 -10.97 -31.77 9.61
CA ILE G 109 -11.68 -31.92 8.39
C ILE G 109 -12.48 -33.24 8.46
N MET G 110 -13.74 -33.16 8.13
CA MET G 110 -14.56 -34.33 8.03
C MET G 110 -15.07 -34.52 6.62
N ASN G 111 -14.79 -35.69 6.03
CA ASN G 111 -15.23 -35.96 4.66
C ASN G 111 -16.21 -37.12 4.66
N PHE G 112 -17.51 -36.83 4.41
CA PHE G 112 -18.54 -37.87 4.35
C PHE G 112 -18.56 -38.56 2.99
N GLU G 113 -19.04 -39.80 2.91
CA GLU G 113 -18.94 -40.54 1.67
C GLU G 113 -19.93 -40.02 0.56
N ASP G 114 -20.95 -39.26 0.90
CA ASP G 114 -21.85 -38.70 -0.12
C ASP G 114 -21.48 -37.25 -0.54
N GLY G 115 -20.25 -36.80 -0.26
CA GLY G 115 -19.80 -35.48 -0.69
C GLY G 115 -19.85 -34.36 0.33
N ALA G 116 -20.52 -34.55 1.45
CA ALA G 116 -20.51 -33.51 2.44
C ALA G 116 -19.09 -33.34 3.04
N VAL G 117 -18.76 -32.09 3.35
CA VAL G 117 -17.48 -31.76 4.00
C VAL G 117 -17.72 -30.78 5.14
N CYS G 118 -17.09 -31.03 6.30
CA CYS G 118 -17.09 -30.09 7.38
C CYS G 118 -15.69 -29.70 7.77
N THR G 119 -15.55 -28.46 8.24
CA THR G 119 -14.30 -28.00 8.80
C THR G 119 -14.66 -27.45 10.19
N VAL G 120 -13.89 -27.88 11.20
CA VAL G 120 -14.17 -27.59 12.54
C VAL G 120 -12.88 -27.07 13.19
N SER G 121 -12.99 -26.02 13.97
CA SER G 121 -11.84 -25.60 14.75
C SER G 121 -12.17 -25.33 16.20
N ASN G 122 -11.17 -25.62 17.04
CA ASN G 122 -11.34 -25.60 18.50
C ASN G 122 -10.19 -24.79 19.08
N ASP G 123 -10.51 -23.99 20.09
CA ASP G 123 -9.52 -23.46 20.93
C ASP G 123 -9.84 -24.00 22.34
N SER G 124 -8.80 -24.49 23.03
CA SER G 124 -8.97 -25.12 24.36
C SER G 124 -8.07 -24.41 25.34
N SER G 125 -8.68 -23.89 26.40
CA SER G 125 -7.98 -23.09 27.39
C SER G 125 -8.35 -23.62 28.78
N ILE G 126 -7.59 -23.21 29.78
CA ILE G 126 -7.86 -23.62 31.12
C ILE G 126 -7.92 -22.43 32.08
N GLN G 127 -8.95 -22.43 32.94
CA GLN G 127 -9.05 -21.54 34.09
C GLN G 127 -9.23 -22.37 35.35
N GLY G 128 -8.22 -22.40 36.22
CA GLY G 128 -8.24 -23.27 37.43
C GLY G 128 -8.65 -24.73 37.09
N ASN G 129 -9.89 -25.06 37.40
CA ASN G 129 -10.42 -26.41 37.49
C ASN G 129 -11.32 -26.75 36.30
N CYS G 130 -11.38 -25.86 35.32
CA CYS G 130 -12.38 -25.92 34.30
C CYS G 130 -11.64 -25.68 32.98
N PHE G 131 -11.94 -26.45 31.93
CA PHE G 131 -11.47 -26.10 30.59
C PHE G 131 -12.56 -25.33 29.88
N THR G 132 -12.19 -24.47 28.96
CA THR G 132 -13.17 -23.85 28.09
C THR G 132 -12.82 -24.26 26.68
N TYR G 133 -13.82 -24.76 25.94
CA TYR G 133 -13.68 -25.12 24.54
C TYR G 133 -14.52 -24.13 23.67
N HIS G 134 -13.85 -23.47 22.74
CA HIS G 134 -14.61 -22.63 21.82
C HIS G 134 -14.51 -23.33 20.50
N VAL G 135 -15.64 -23.60 19.88
CA VAL G 135 -15.72 -24.49 18.73
C VAL G 135 -16.46 -23.74 17.60
N LYS G 136 -15.86 -23.72 16.40
CA LYS G 136 -16.50 -23.15 15.19
C LYS G 136 -16.74 -24.28 14.18
N PHE G 137 -17.98 -24.44 13.76
CA PHE G 137 -18.32 -25.59 12.91
C PHE G 137 -18.85 -25.05 11.57
N SER G 138 -18.36 -25.60 10.48
CA SER G 138 -18.84 -25.30 9.13
C SER G 138 -19.04 -26.57 8.29
N GLY G 139 -20.30 -26.89 7.99
CA GLY G 139 -20.67 -28.16 7.33
C GLY G 139 -21.50 -27.80 6.11
N LEU G 140 -21.24 -28.41 4.97
CA LEU G 140 -22.07 -28.11 3.81
C LEU G 140 -22.04 -29.25 2.79
N ASN G 141 -22.85 -29.11 1.75
CA ASN G 141 -23.08 -30.12 0.75
C ASN G 141 -23.64 -31.44 1.29
N PHE G 142 -24.38 -31.39 2.39
CA PHE G 142 -25.18 -32.55 2.78
C PHE G 142 -26.34 -32.65 1.80
N PRO G 143 -26.48 -33.80 1.12
CA PRO G 143 -27.63 -33.99 0.24
C PRO G 143 -28.94 -33.87 1.04
N PRO G 144 -29.88 -33.08 0.51
CA PRO G 144 -31.18 -32.82 1.17
C PRO G 144 -31.96 -34.10 1.61
N ASN G 145 -31.82 -35.16 0.84
CA ASN G 145 -32.50 -36.42 1.10
C ASN G 145 -31.53 -37.43 1.66
N GLY G 146 -30.34 -37.01 2.08
CA GLY G 146 -29.37 -37.93 2.67
C GLY G 146 -29.67 -38.13 4.16
N PRO G 147 -28.94 -39.04 4.79
CA PRO G 147 -29.24 -39.39 6.19
C PRO G 147 -29.01 -38.24 7.23
N VAL G 148 -28.16 -37.24 6.94
CA VAL G 148 -27.93 -36.17 7.90
C VAL G 148 -29.12 -35.21 7.86
N MET G 149 -29.54 -34.78 6.66
CA MET G 149 -30.66 -33.85 6.60
C MET G 149 -31.99 -34.52 6.89
N GLN G 150 -32.10 -35.83 6.65
CA GLN G 150 -33.33 -36.54 6.92
C GLN G 150 -33.27 -37.14 8.35
N LYS G 151 -32.17 -36.90 9.09
CA LYS G 151 -32.07 -37.42 10.49
C LYS G 151 -32.28 -38.94 10.62
N LYS G 152 -31.53 -39.69 9.81
CA LYS G 152 -31.65 -41.13 9.83
C LYS G 152 -30.48 -41.82 10.53
N THR G 153 -29.63 -41.04 11.23
CA THR G 153 -28.44 -41.60 11.87
C THR G 153 -28.70 -42.08 13.33
N GLN G 154 -27.96 -43.08 13.80
CA GLN G 154 -28.17 -43.70 15.12
C GLN G 154 -26.84 -43.87 15.92
N GLY G 155 -26.03 -42.83 15.89
CA GLY G 155 -24.79 -42.78 16.64
C GLY G 155 -23.61 -43.31 15.90
N TRP G 156 -22.40 -42.98 16.37
CA TRP G 156 -21.16 -43.49 15.75
C TRP G 156 -20.74 -44.81 16.26
N GLU G 157 -20.19 -45.63 15.36
CA GLU G 157 -19.47 -46.82 15.81
C GLU G 157 -18.30 -46.35 16.73
N PRO G 158 -17.91 -47.19 17.67
CA PRO G 158 -16.60 -46.98 18.36
C PRO G 158 -15.50 -46.88 17.31
N HIS G 159 -14.54 -46.01 17.57
CA HIS G 159 -13.55 -45.65 16.58
C HIS G 159 -12.14 -45.57 17.17
N SER G 160 -11.19 -45.41 16.27
CA SER G 160 -9.82 -45.54 16.62
C SER G 160 -9.06 -44.46 15.83
N GLU G 161 -8.27 -43.68 16.52
CA GLU G 161 -7.54 -42.61 15.88
C GLU G 161 -6.04 -42.98 15.76
N ARG G 162 -5.50 -42.96 14.54
CA ARG G 162 -4.03 -43.13 14.31
C ARG G 162 -3.35 -41.79 14.53
N LEU G 163 -2.36 -41.72 15.44
CA LEU G 163 -1.75 -40.46 15.82
C LEU G 163 -0.23 -40.50 15.65
N PHE G 164 0.34 -39.45 15.04
CA PHE G 164 1.81 -39.39 14.97
C PHE G 164 2.23 -37.92 15.00
N ALA G 165 3.53 -37.70 15.27
CA ALA G 165 4.07 -36.34 15.45
C ALA G 165 4.64 -35.83 14.17
N ARG G 166 4.40 -34.57 13.87
CA ARG G 166 4.99 -33.93 12.71
C ARG G 166 5.04 -32.43 12.90
N GLY G 167 6.23 -31.89 12.73
CA GLY G 167 6.38 -30.42 12.77
C GLY G 167 5.97 -29.84 14.12
N GLY G 168 6.17 -30.59 15.22
CA GLY G 168 5.78 -30.11 16.56
C GLY G 168 4.26 -30.16 16.74
N MET G 169 3.54 -30.64 15.73
CA MET G 169 2.10 -30.90 15.86
C MET G 169 1.75 -32.42 16.02
N LEU G 170 0.54 -32.72 16.51
CA LEU G 170 0.07 -34.11 16.57
C LEU G 170 -1.03 -34.27 15.49
N ILE G 171 -0.86 -35.23 14.57
CA ILE G 171 -1.78 -35.44 13.47
C ILE G 171 -2.58 -36.72 13.74
N GLY G 172 -3.92 -36.63 13.75
CA GLY G 172 -4.77 -37.78 13.97
C GLY G 172 -5.64 -38.09 12.75
N ASN G 173 -5.92 -39.37 12.51
CA ASN G 173 -6.83 -39.76 11.41
C ASN G 173 -7.78 -40.83 11.90
N ASN G 174 -9.09 -40.79 11.53
CA ASN G 174 -10.04 -41.80 11.95
C ASN G 174 -10.90 -42.17 10.78
N PHE G 175 -11.16 -43.48 10.62
CA PHE G 175 -12.29 -43.92 9.80
C PHE G 175 -13.52 -44.03 10.68
N MET G 176 -14.46 -43.15 10.50
CA MET G 176 -15.63 -43.14 11.34
C MET G 176 -16.79 -43.72 10.56
N ALA G 177 -17.80 -44.17 11.28
CA ALA G 177 -19.01 -44.69 10.62
C ALA G 177 -20.21 -44.37 11.47
N LEU G 178 -21.19 -43.78 10.81
CA LEU G 178 -22.55 -43.57 11.41
C LEU G 178 -23.50 -44.77 11.14
N LYS G 179 -24.09 -45.32 12.20
CA LYS G 179 -25.16 -46.32 12.03
C LYS G 179 -26.43 -45.70 11.45
N LEU G 180 -27.06 -46.38 10.50
CA LEU G 180 -28.23 -45.90 9.82
C LEU G 180 -29.50 -46.63 10.30
N GLU G 181 -30.60 -45.88 10.35
CA GLU G 181 -31.87 -46.43 10.72
C GLU G 181 -32.16 -47.45 9.64
N GLY G 182 -32.57 -48.64 10.00
CA GLY G 182 -32.81 -49.63 8.94
C GLY G 182 -31.57 -50.44 8.53
N GLY G 183 -30.42 -50.12 9.09
CA GLY G 183 -29.24 -50.97 8.99
C GLY G 183 -28.26 -50.30 8.01
N GLY G 184 -27.04 -50.78 7.99
CA GLY G 184 -26.02 -50.10 7.16
C GLY G 184 -25.32 -48.96 7.88
N HIS G 185 -24.30 -48.44 7.21
CA HIS G 185 -23.41 -47.42 7.74
C HIS G 185 -23.28 -46.28 6.72
N TYR G 186 -22.99 -45.10 7.25
CA TYR G 186 -22.75 -43.87 6.50
C TYR G 186 -21.34 -43.44 6.93
N LEU G 187 -20.42 -43.45 5.98
CA LEU G 187 -19.02 -43.35 6.34
C LEU G 187 -18.53 -41.93 6.34
N CYS G 188 -17.55 -41.67 7.18
CA CYS G 188 -16.94 -40.37 7.24
C CYS G 188 -15.46 -40.53 7.61
N GLU G 189 -14.59 -39.72 7.01
CA GLU G 189 -13.18 -39.77 7.40
C GLU G 189 -12.85 -38.47 8.16
N PHE G 190 -12.23 -38.57 9.36
CA PHE G 190 -11.75 -37.43 10.13
C PHE G 190 -10.23 -37.28 9.96
N LYS G 191 -9.79 -36.03 9.76
CA LYS G 191 -8.41 -35.65 9.91
C LYS G 191 -8.37 -34.52 10.94
N THR G 192 -7.69 -34.76 12.06
CA THR G 192 -7.63 -33.76 13.14
C THR G 192 -6.16 -33.41 13.38
N THR G 193 -5.86 -32.11 13.37
CA THR G 193 -4.53 -31.66 13.75
C THR G 193 -4.61 -30.85 15.07
N TYR G 194 -3.79 -31.28 16.04
CA TYR G 194 -3.70 -30.69 17.37
C TYR G 194 -2.42 -29.87 17.48
N LYS G 195 -2.56 -28.63 17.95
CA LYS G 195 -1.47 -27.66 17.96
C LYS G 195 -1.29 -27.06 19.36
N ALA G 196 -0.29 -27.57 20.10
CA ALA G 196 0.09 -26.99 21.38
C ALA G 196 0.57 -25.55 21.16
N LYS G 197 0.26 -24.67 22.11
CA LYS G 197 0.65 -23.28 22.04
C LYS G 197 2.02 -23.08 22.67
N LYS G 198 2.67 -24.15 23.13
CA LYS G 198 4.10 -24.11 23.49
C LYS G 198 4.71 -25.44 23.04
N PRO G 199 6.05 -25.51 22.93
CA PRO G 199 6.61 -26.80 22.50
C PRO G 199 6.48 -27.85 23.62
N VAL G 200 6.22 -29.12 23.27
CA VAL G 200 6.07 -30.17 24.28
C VAL G 200 6.85 -31.41 23.82
N LYS G 201 6.95 -32.44 24.69
CA LYS G 201 7.59 -33.70 24.33
C LYS G 201 6.68 -34.48 23.39
N MET G 202 7.17 -34.82 22.21
CA MET G 202 6.32 -35.41 21.19
C MET G 202 6.26 -36.95 21.37
N PRO G 203 5.05 -37.56 21.26
CA PRO G 203 4.92 -39.03 21.32
C PRO G 203 5.35 -39.69 20.01
N GLY G 204 5.63 -41.00 20.07
CA GLY G 204 5.74 -41.87 18.93
C GLY G 204 4.37 -42.21 18.33
N TYR G 205 4.42 -43.07 17.31
CA TYR G 205 3.27 -43.51 16.54
C TYR G 205 2.35 -44.33 17.46
N HIS G 206 1.10 -43.92 17.59
CA HIS G 206 0.20 -44.59 18.56
C HIS G 206 -1.28 -44.39 18.21
N TYR G 207 -2.17 -44.95 19.03
CA TYR G 207 -3.58 -44.92 18.74
C TYR G 207 -4.37 -44.44 19.94
N VAL G 208 -5.50 -43.83 19.67
CA VAL G 208 -6.54 -43.63 20.72
C VAL G 208 -7.86 -44.29 20.32
N ASP G 209 -8.36 -45.20 21.16
CA ASP G 209 -9.68 -45.81 20.97
C ASP G 209 -10.74 -45.06 21.76
N ARG G 210 -11.90 -44.86 21.17
CA ARG G 210 -12.96 -44.04 21.75
C ARG G 210 -14.28 -44.73 21.59
N LYS G 211 -15.20 -44.44 22.48
CA LYS G 211 -16.60 -44.73 22.20
C LYS G 211 -17.40 -43.51 22.70
N LEU G 212 -18.20 -42.92 21.80
CA LEU G 212 -18.98 -41.73 22.08
C LEU G 212 -20.41 -42.22 22.06
N ASP G 213 -21.15 -42.05 23.15
CA ASP G 213 -22.55 -42.46 23.20
C ASP G 213 -23.45 -41.24 23.52
N VAL G 214 -24.47 -41.00 22.74
CA VAL G 214 -25.62 -40.21 23.25
C VAL G 214 -26.47 -41.04 24.20
N THR G 215 -26.36 -40.75 25.49
CA THR G 215 -27.08 -41.45 26.52
C THR G 215 -28.43 -40.80 26.89
N ASN G 216 -28.69 -39.55 26.53
CA ASN G 216 -30.04 -38.94 26.71
C ASN G 216 -30.22 -37.79 25.72
N HIS G 217 -31.46 -37.42 25.47
CA HIS G 217 -31.84 -36.32 24.57
C HIS G 217 -33.32 -36.11 24.62
N ASN G 218 -33.74 -34.89 24.34
CA ASN G 218 -35.15 -34.66 24.24
C ASN G 218 -35.63 -34.98 22.80
N LYS G 219 -36.89 -34.75 22.46
CA LYS G 219 -37.45 -35.30 21.23
C LYS G 219 -36.89 -34.67 19.95
N ASP G 220 -36.49 -33.40 20.04
CA ASP G 220 -35.98 -32.62 18.89
C ASP G 220 -34.48 -32.31 19.05
N TYR G 221 -33.84 -33.03 19.95
CA TYR G 221 -32.39 -32.91 20.16
C TYR G 221 -31.94 -31.50 20.53
N THR G 222 -32.80 -30.75 21.21
CA THR G 222 -32.40 -29.44 21.70
C THR G 222 -31.63 -29.59 22.98
N SER G 223 -31.71 -30.78 23.59
CA SER G 223 -30.92 -31.15 24.75
C SER G 223 -30.32 -32.52 24.54
N VAL G 224 -29.09 -32.71 24.97
CA VAL G 224 -28.37 -33.92 24.68
C VAL G 224 -27.39 -34.16 25.83
N GLU G 225 -27.30 -35.43 26.23
CA GLU G 225 -26.26 -35.84 27.15
C GLU G 225 -25.43 -36.92 26.46
N GLN G 226 -24.09 -36.79 26.55
CA GLN G 226 -23.16 -37.65 25.82
C GLN G 226 -22.13 -38.10 26.81
N CYS G 227 -21.62 -39.31 26.59
CA CYS G 227 -20.56 -39.88 27.39
CA CYS G 227 -20.60 -39.99 27.38
C CYS G 227 -19.46 -40.38 26.43
N GLU G 228 -18.20 -40.25 26.86
CA GLU G 228 -17.08 -40.70 26.05
C GLU G 228 -16.01 -41.35 26.91
N ILE G 229 -15.44 -42.48 26.43
CA ILE G 229 -14.26 -43.11 27.02
C ILE G 229 -13.18 -43.03 25.93
N SER G 230 -11.95 -42.63 26.29
CA SER G 230 -10.84 -42.54 25.32
C SER G 230 -9.60 -43.01 25.96
N ILE G 231 -8.95 -43.96 25.34
CA ILE G 231 -7.80 -44.61 25.91
C ILE G 231 -6.73 -44.71 24.83
N ALA G 232 -5.55 -44.20 25.16
CA ALA G 232 -4.41 -44.29 24.30
C ALA G 232 -3.70 -45.61 24.47
N ARG G 233 -3.05 -46.04 23.40
CA ARG G 233 -2.28 -47.33 23.44
C ARG G 233 -1.23 -47.36 22.35
N LYS G 234 -0.30 -48.28 22.52
CA LYS G 234 0.58 -48.65 21.45
C LYS G 234 -0.20 -49.53 20.45
N PRO G 235 0.36 -49.73 19.22
CA PRO G 235 -0.19 -50.70 18.25
C PRO G 235 -0.41 -52.08 18.91
N VAL G 236 -1.54 -52.74 18.63
CA VAL G 236 -1.89 -54.02 19.29
C VAL G 236 -0.97 -55.14 18.84
N VAL G 237 -0.59 -55.11 17.56
CA VAL G 237 0.36 -56.08 16.98
C VAL G 237 1.54 -55.31 16.50
N ALA G 238 2.59 -55.37 17.31
CA ALA G 238 3.85 -54.64 17.12
C ALA G 238 5.07 -55.63 17.22
N SER H 21 -13.02 -78.41 7.13
CA SER H 21 -11.69 -77.78 6.88
C SER H 21 -11.40 -78.08 5.43
N VAL H 22 -11.43 -77.00 4.64
CA VAL H 22 -10.92 -76.97 3.28
C VAL H 22 -9.56 -76.24 3.41
N ILE H 23 -9.33 -75.55 4.53
CA ILE H 23 -8.11 -74.80 4.84
C ILE H 23 -7.39 -75.53 6.01
N ALA H 24 -6.20 -76.09 5.77
CA ALA H 24 -5.48 -76.83 6.82
C ALA H 24 -4.80 -75.88 7.81
N THR H 25 -4.37 -76.37 8.97
CA THR H 25 -3.78 -75.48 9.95
C THR H 25 -2.39 -75.03 9.49
N GLN H 26 -1.83 -75.74 8.52
CA GLN H 26 -0.65 -75.26 7.77
C GLN H 26 -0.82 -75.29 6.26
N MET H 27 -0.48 -74.19 5.60
CA MET H 27 -0.72 -74.00 4.17
C MET H 27 0.50 -73.33 3.59
N THR H 28 0.67 -73.49 2.27
CA THR H 28 1.66 -72.78 1.50
C THR H 28 0.89 -71.86 0.58
N TYR H 29 1.63 -71.02 -0.12
CA TYR H 29 1.06 -70.29 -1.23
C TYR H 29 2.10 -69.83 -2.22
N LYS H 30 1.60 -69.58 -3.42
CA LYS H 30 2.35 -69.00 -4.50
C LYS H 30 1.78 -67.62 -4.82
N VAL H 31 2.64 -66.61 -5.00
CA VAL H 31 2.23 -65.29 -5.47
C VAL H 31 2.81 -65.02 -6.86
N TYR H 32 1.97 -64.61 -7.80
CA TYR H 32 2.42 -64.14 -9.11
C TYR H 32 1.95 -62.69 -9.19
N MET H 33 2.88 -61.75 -9.23
CA MET H 33 2.51 -60.36 -9.28
C MET H 33 3.13 -59.73 -10.51
N SER H 34 2.36 -58.92 -11.21
CA SER H 34 2.95 -58.16 -12.33
C SER H 34 2.42 -56.78 -12.29
N GLY H 35 3.14 -55.84 -12.91
CA GLY H 35 2.62 -54.47 -13.00
C GLY H 35 3.57 -53.37 -13.42
N THR H 36 3.25 -52.11 -13.11
CA THR H 36 3.99 -50.96 -13.56
C THR H 36 3.95 -49.87 -12.48
N VAL H 37 5.04 -49.11 -12.38
CA VAL H 37 5.19 -48.07 -11.41
C VAL H 37 5.81 -46.93 -12.19
N ASN H 38 5.08 -45.82 -12.32
CA ASN H 38 5.58 -44.72 -13.15
C ASN H 38 6.03 -45.29 -14.49
N GLY H 39 5.28 -46.23 -15.00
CA GLY H 39 5.54 -46.76 -16.32
C GLY H 39 6.55 -47.91 -16.40
N HIS H 40 7.25 -48.21 -15.31
CA HIS H 40 8.29 -49.28 -15.29
C HIS H 40 7.65 -50.68 -15.01
N TYR H 41 7.72 -51.56 -15.99
CA TYR H 41 7.11 -52.89 -15.89
C TYR H 41 7.95 -53.86 -15.01
N PHE H 42 7.29 -54.71 -14.23
CA PHE H 42 8.02 -55.71 -13.39
C PHE H 42 7.15 -56.97 -13.21
N GLU H 43 7.81 -58.07 -12.87
CA GLU H 43 7.13 -59.25 -12.40
C GLU H 43 7.82 -59.74 -11.14
N VAL H 44 7.02 -60.27 -10.25
CA VAL H 44 7.49 -60.82 -9.00
C VAL H 44 6.81 -62.20 -8.84
N GLU H 45 7.56 -63.17 -8.31
CA GLU H 45 6.98 -64.44 -7.84
C GLU H 45 7.38 -64.66 -6.43
N GLY H 46 6.47 -65.24 -5.64
CA GLY H 46 6.70 -65.54 -4.25
C GLY H 46 6.32 -66.98 -3.90
N ASP H 47 6.96 -67.53 -2.88
CA ASP H 47 6.58 -68.79 -2.23
C ASP H 47 6.38 -68.46 -0.77
N GLY H 48 5.21 -68.77 -0.25
CA GLY H 48 4.89 -68.43 1.10
C GLY H 48 4.41 -69.63 1.87
N LYS H 49 4.35 -69.49 3.17
CA LYS H 49 3.75 -70.50 4.02
C LYS H 49 3.29 -69.87 5.33
N GLY H 50 2.39 -70.55 6.02
CA GLY H 50 1.95 -70.10 7.31
C GLY H 50 0.87 -70.92 7.97
N ARG H 51 0.30 -70.36 9.02
CA ARG H 51 -0.77 -70.98 9.76
C ARG H 51 -2.00 -70.09 9.65
N PRO H 52 -2.92 -70.44 8.77
CA PRO H 52 -4.07 -69.55 8.52
C PRO H 52 -4.82 -69.17 9.79
N TYR H 53 -4.91 -70.08 10.74
CA TYR H 53 -5.73 -69.84 11.93
C TYR H 53 -4.98 -69.09 13.03
N GLU H 54 -3.64 -69.06 12.94
CA GLU H 54 -2.86 -68.26 13.89
C GLU H 54 -2.58 -66.82 13.39
N GLY H 55 -2.99 -66.52 12.17
CA GLY H 55 -2.58 -65.28 11.55
C GLY H 55 -1.09 -65.05 11.36
N GLU H 56 -0.35 -66.09 11.03
CA GLU H 56 1.12 -66.03 10.88
C GLU H 56 1.48 -66.58 9.54
N GLN H 57 2.33 -65.84 8.86
CA GLN H 57 2.82 -66.25 7.55
C GLN H 57 4.13 -65.58 7.22
N THR H 58 4.84 -66.21 6.32
CA THR H 58 6.13 -65.75 5.85
C THR H 58 6.19 -66.07 4.34
N VAL H 59 6.80 -65.20 3.55
CA VAL H 59 6.90 -65.38 2.10
C VAL H 59 8.30 -64.95 1.67
N LYS H 60 8.79 -65.54 0.57
CA LYS H 60 10.06 -65.18 -0.03
C LYS H 60 9.86 -64.76 -1.49
N LEU H 61 10.27 -63.53 -1.83
CA LEU H 61 9.91 -62.94 -3.14
C LEU H 61 11.11 -62.82 -4.06
N THR H 62 10.88 -62.87 -5.37
CA THR H 62 11.97 -62.69 -6.34
C THR H 62 11.43 -61.79 -7.42
N VAL H 63 12.16 -60.72 -7.73
CA VAL H 63 11.85 -59.91 -8.92
C VAL H 63 12.32 -60.69 -10.14
N THR H 64 11.38 -61.27 -10.85
CA THR H 64 11.72 -62.16 -11.96
C THR H 64 11.80 -61.37 -13.27
N LYS H 65 11.22 -60.16 -13.32
CA LYS H 65 11.34 -59.34 -14.55
C LYS H 65 11.30 -57.85 -14.22
N GLY H 66 12.07 -57.04 -14.95
CA GLY H 66 12.19 -55.60 -14.65
C GLY H 66 13.14 -55.19 -13.50
N GLY H 67 13.87 -56.14 -12.91
CA GLY H 67 14.81 -55.83 -11.84
C GLY H 67 16.18 -55.37 -12.32
N PRO H 68 16.93 -54.64 -11.47
CA PRO H 68 16.49 -54.13 -10.18
C PRO H 68 15.45 -53.00 -10.32
N LEU H 69 14.48 -52.96 -9.40
CA LEU H 69 13.36 -51.99 -9.46
C LEU H 69 13.86 -50.59 -9.14
N PRO H 70 13.51 -49.59 -9.95
CA PRO H 70 14.01 -48.29 -9.53
C PRO H 70 13.13 -47.52 -8.50
N PHE H 71 12.38 -48.23 -7.65
CA PHE H 71 11.57 -47.63 -6.59
C PHE H 71 11.59 -48.51 -5.33
N ALA H 72 11.16 -47.96 -4.21
CA ALA H 72 11.10 -48.71 -2.94
C ALA H 72 10.27 -50.00 -3.02
N TRP H 73 10.89 -51.12 -2.65
CA TRP H 73 10.22 -52.41 -2.47
C TRP H 73 8.91 -52.26 -1.59
N ASP H 74 8.98 -51.40 -0.55
CA ASP H 74 7.88 -51.19 0.39
C ASP H 74 6.48 -50.97 -0.20
N ILE H 75 6.35 -50.35 -1.37
CA ILE H 75 5.04 -50.19 -1.92
C ILE H 75 4.46 -51.50 -2.39
N LEU H 76 5.32 -52.46 -2.74
CA LEU H 76 4.87 -53.79 -3.21
C LEU H 76 4.70 -54.77 -2.06
N SER H 77 5.32 -54.51 -0.92
CA SER H 77 5.29 -55.56 0.11
C SER H 77 3.88 -55.93 0.60
N PRO H 78 2.96 -54.97 0.80
CA PRO H 78 1.60 -55.37 1.28
C PRO H 78 0.72 -56.09 0.23
N GLN H 79 1.18 -56.17 -1.03
CA GLN H 79 0.43 -56.88 -2.07
C GLN H 79 0.76 -58.39 -2.11
N CYS H 80 1.91 -58.77 -1.54
CA CYS H 80 2.33 -60.19 -1.40
C CYS H 80 1.64 -61.07 -0.35
C3 QFG H 81 -2.29 -61.04 0.33
N1 QFG H 81 0.90 -60.98 0.72
O3 QFG H 81 -2.94 -61.65 -0.56
C1 QFG H 81 -0.21 -59.15 2.04
C2 QFG H 81 -2.01 -57.92 2.14
N2 QFG H 81 -0.03 -58.31 3.15
O2 QFG H 81 -3.12 -57.27 1.95
N3 QFG H 81 -1.46 -58.93 1.42
CZ QFG H 81 -4.88 -54.09 4.68
CA1 QFG H 81 0.90 -60.15 1.72
CA2 QFG H 81 -1.12 -57.56 3.24
CA3 QFG H 81 -2.03 -59.55 0.20
CB1 QFG H 81 2.15 -60.17 2.66
CB2 QFG H 81 -1.27 -56.50 4.26
CD1 QFG H 81 -2.46 -54.25 4.37
CD2 QFG H 81 -3.76 -56.31 4.53
CD3 QFG H 81 3.60 -61.68 3.99
CE1 QFG H 81 -3.63 -53.48 4.53
NE1 QFG H 81 4.04 -62.90 4.34
OE1 QFG H 81 4.28 -60.68 4.22
CE2 QFG H 81 -4.95 -55.49 4.66
CG1 QFG H 81 2.25 -61.57 3.29
CG2 QFG H 81 -2.51 -55.67 4.35
N SER H 82 -2.38 -61.46 1.52
CA SER H 82 -2.55 -62.90 1.80
C SER H 82 -3.57 -62.96 2.93
N ILE H 83 -4.83 -62.59 2.63
CA ILE H 83 -5.88 -62.39 3.62
C ILE H 83 -6.35 -63.62 4.42
N PRO H 84 -6.27 -64.84 3.84
CA PRO H 84 -6.76 -66.00 4.57
C PRO H 84 -5.96 -66.34 5.83
N PHE H 85 -4.82 -65.68 6.05
CA PHE H 85 -3.94 -65.97 7.19
C PHE H 85 -4.16 -64.84 8.21
N THR H 86 -5.41 -64.65 8.63
CA THR H 86 -5.73 -63.68 9.66
C THR H 86 -6.38 -64.53 10.73
N LYS H 87 -5.93 -64.35 11.98
CA LYS H 87 -6.53 -65.06 13.14
C LYS H 87 -7.88 -64.39 13.47
N TYR H 88 -8.98 -65.12 13.26
CA TYR H 88 -10.32 -64.62 13.64
C TYR H 88 -10.78 -65.30 14.91
N PRO H 89 -11.18 -64.51 15.93
CA PRO H 89 -11.91 -65.09 17.04
C PRO H 89 -13.17 -65.80 16.54
N GLU H 90 -13.59 -66.83 17.28
CA GLU H 90 -14.77 -67.65 16.95
C GLU H 90 -16.07 -66.84 16.74
N ASP H 91 -16.20 -65.73 17.47
CA ASP H 91 -17.45 -64.97 17.44
C ASP H 91 -17.42 -63.80 16.42
N ILE H 92 -16.39 -63.72 15.58
CA ILE H 92 -16.44 -62.81 14.43
C ILE H 92 -16.36 -63.70 13.17
N PRO H 93 -17.40 -63.65 12.32
CA PRO H 93 -17.37 -64.48 11.08
C PRO H 93 -16.13 -64.09 10.25
N ASP H 94 -15.44 -65.08 9.69
CA ASP H 94 -14.21 -64.88 8.89
C ASP H 94 -14.61 -64.90 7.38
N TYR H 95 -14.88 -63.71 6.87
CA TYR H 95 -15.38 -63.55 5.52
C TYR H 95 -14.54 -64.32 4.50
N VAL H 96 -13.24 -64.07 4.50
CA VAL H 96 -12.32 -64.65 3.54
C VAL H 96 -12.18 -66.22 3.66
N LYS H 97 -12.07 -66.75 4.87
CA LYS H 97 -11.95 -68.20 5.00
C LYS H 97 -13.24 -68.88 4.51
N GLN H 98 -14.40 -68.29 4.82
CA GLN H 98 -15.69 -68.87 4.40
C GLN H 98 -15.82 -68.94 2.90
N SER H 99 -15.13 -68.05 2.15
CA SER H 99 -15.22 -68.01 0.68
C SER H 99 -14.64 -69.27 -0.05
N PHE H 100 -13.74 -69.99 0.63
CA PHE H 100 -13.13 -71.21 0.05
C PHE H 100 -14.09 -72.40 0.03
N PRO H 101 -13.97 -73.30 -0.96
CA PRO H 101 -12.90 -73.39 -1.96
C PRO H 101 -13.02 -72.42 -3.15
N GLU H 102 -14.22 -71.90 -3.40
CA GLU H 102 -14.50 -71.01 -4.56
C GLU H 102 -13.52 -69.83 -4.55
N GLY H 103 -13.28 -69.27 -3.35
CA GLY H 103 -12.31 -68.19 -3.19
C GLY H 103 -12.90 -66.78 -3.31
N PHE H 104 -12.01 -65.83 -3.61
CA PHE H 104 -12.39 -64.45 -3.59
C PHE H 104 -11.39 -63.58 -4.39
N THR H 105 -11.77 -62.32 -4.58
CA THR H 105 -10.89 -61.33 -5.13
C THR H 105 -10.78 -60.18 -4.17
N TRP H 106 -9.77 -59.33 -4.35
CA TRP H 106 -9.74 -58.08 -3.70
C TRP H 106 -9.27 -56.99 -4.62
N GLU H 107 -9.67 -55.75 -4.27
CA GLU H 107 -9.42 -54.58 -5.07
C GLU H 107 -8.96 -53.50 -4.10
N ARG H 108 -7.79 -52.91 -4.34
CA ARG H 108 -7.25 -51.92 -3.45
C ARG H 108 -6.86 -50.60 -4.15
N ILE H 109 -7.18 -49.49 -3.48
CA ILE H 109 -6.72 -48.20 -3.88
C ILE H 109 -5.75 -47.75 -2.80
N MET H 110 -4.58 -47.28 -3.24
CA MET H 110 -3.61 -46.62 -2.34
C MET H 110 -3.44 -45.16 -2.69
N ASN H 111 -3.66 -44.26 -1.74
CA ASN H 111 -3.55 -42.83 -2.00
C ASN H 111 -2.40 -42.33 -1.11
N PHE H 112 -1.26 -41.99 -1.69
CA PHE H 112 -0.10 -41.44 -0.94
C PHE H 112 -0.21 -39.94 -0.74
N GLU H 113 0.37 -39.39 0.34
CA GLU H 113 0.14 -37.96 0.58
C GLU H 113 0.87 -37.02 -0.39
N ASP H 114 1.80 -37.48 -1.19
CA ASP H 114 2.43 -36.60 -2.16
C ASP H 114 1.73 -36.74 -3.58
N GLY H 115 0.55 -37.37 -3.65
CA GLY H 115 -0.19 -37.40 -4.90
C GLY H 115 -0.07 -38.72 -5.63
N ALA H 116 0.85 -39.60 -5.24
CA ALA H 116 0.89 -40.87 -5.94
C ALA H 116 -0.36 -41.75 -5.63
N VAL H 117 -0.80 -42.51 -6.66
CA VAL H 117 -1.96 -43.39 -6.55
C VAL H 117 -1.61 -44.78 -7.14
N CYS H 118 -1.94 -45.86 -6.43
CA CYS H 118 -1.89 -47.22 -6.98
C CYS H 118 -3.25 -47.87 -6.93
N THR H 119 -3.51 -48.77 -7.87
CA THR H 119 -4.69 -49.61 -7.88
C THR H 119 -4.14 -51.06 -8.04
N VAL H 120 -4.64 -51.99 -7.23
CA VAL H 120 -4.10 -53.31 -7.16
C VAL H 120 -5.27 -54.28 -7.14
N SER H 121 -5.20 -55.33 -7.94
CA SER H 121 -6.21 -56.39 -7.87
C SER H 121 -5.59 -57.74 -7.66
N ASN H 122 -6.29 -58.56 -6.89
CA ASN H 122 -5.86 -59.88 -6.57
C ASN H 122 -6.97 -60.83 -6.88
N ASP H 123 -6.61 -62.00 -7.35
CA ASP H 123 -7.53 -63.12 -7.38
C ASP H 123 -6.89 -64.21 -6.53
N SER H 124 -7.66 -64.77 -5.60
CA SER H 124 -7.18 -65.84 -4.70
C SER H 124 -7.95 -67.15 -4.82
N SER H 125 -7.22 -68.22 -5.14
CA SER H 125 -7.81 -69.55 -5.34
C SER H 125 -7.08 -70.58 -4.46
N ILE H 126 -7.61 -71.80 -4.39
CA ILE H 126 -7.06 -72.83 -3.54
C ILE H 126 -6.95 -74.13 -4.34
N GLN H 127 -5.86 -74.85 -4.12
CA GLN H 127 -5.70 -76.17 -4.74
C GLN H 127 -5.01 -77.04 -3.68
N GLY H 128 -5.79 -77.95 -3.07
CA GLY H 128 -5.30 -78.77 -1.94
C GLY H 128 -4.81 -77.88 -0.79
N ASN H 129 -3.51 -78.01 -0.51
CA ASN H 129 -2.73 -77.36 0.58
C ASN H 129 -2.13 -76.00 0.22
N CYS H 130 -2.41 -75.54 -0.99
CA CYS H 130 -1.75 -74.35 -1.56
C CYS H 130 -2.75 -73.25 -1.99
N PHE H 131 -2.57 -72.04 -1.49
CA PHE H 131 -3.22 -70.89 -2.11
C PHE H 131 -2.39 -70.35 -3.31
N THR H 132 -3.07 -69.88 -4.36
CA THR H 132 -2.46 -69.12 -5.44
C THR H 132 -3.09 -67.71 -5.51
N TYR H 133 -2.21 -66.70 -5.47
CA TYR H 133 -2.55 -65.24 -5.55
C TYR H 133 -2.03 -64.69 -6.87
N HIS H 134 -2.92 -64.18 -7.70
CA HIS H 134 -2.53 -63.45 -8.92
C HIS H 134 -2.79 -61.96 -8.71
N VAL H 135 -1.75 -61.15 -8.80
CA VAL H 135 -1.82 -59.76 -8.38
C VAL H 135 -1.42 -58.88 -9.57
N LYS H 136 -2.25 -57.86 -9.91
CA LYS H 136 -1.83 -56.83 -10.87
C LYS H 136 -1.68 -55.50 -10.16
N PHE H 137 -0.55 -54.85 -10.33
CA PHE H 137 -0.25 -53.64 -9.56
C PHE H 137 -0.11 -52.55 -10.60
N SER H 138 -0.75 -51.41 -10.38
CA SER H 138 -0.55 -50.23 -11.25
C SER H 138 -0.35 -49.00 -10.35
N GLY H 139 0.85 -48.44 -10.37
CA GLY H 139 1.13 -47.23 -9.58
C GLY H 139 1.79 -46.13 -10.42
N LEU H 140 1.43 -44.87 -10.15
CA LEU H 140 1.96 -43.78 -10.95
C LEU H 140 1.88 -42.47 -10.16
N ASN H 141 2.39 -41.39 -10.74
N ASN H 141 2.44 -41.40 -10.73
CA ASN H 141 2.47 -40.07 -10.12
CA ASN H 141 2.49 -40.07 -10.13
C ASN H 141 3.28 -40.08 -8.79
C ASN H 141 3.32 -40.05 -8.83
N PHE H 142 4.26 -40.99 -8.67
CA PHE H 142 5.29 -40.87 -7.64
C PHE H 142 6.30 -39.78 -8.07
N PRO H 143 6.48 -38.70 -7.26
CA PRO H 143 7.49 -37.65 -7.59
C PRO H 143 8.89 -38.26 -7.78
N PRO H 144 9.63 -37.80 -8.80
CA PRO H 144 10.91 -38.38 -9.09
C PRO H 144 11.94 -38.20 -7.93
N ASN H 145 11.76 -37.15 -7.12
CA ASN H 145 12.63 -36.82 -5.96
C ASN H 145 11.96 -37.24 -4.61
N GLY H 146 10.90 -38.04 -4.69
CA GLY H 146 10.14 -38.44 -3.51
C GLY H 146 10.76 -39.66 -2.89
N PRO H 147 10.30 -40.03 -1.68
CA PRO H 147 10.99 -41.12 -0.99
C PRO H 147 10.79 -42.50 -1.68
N VAL H 148 9.80 -42.67 -2.55
CA VAL H 148 9.59 -43.95 -3.23
C VAL H 148 10.58 -44.14 -4.36
N MET H 149 10.70 -43.13 -5.23
CA MET H 149 11.64 -43.20 -6.35
C MET H 149 13.07 -43.04 -5.85
N GLN H 150 13.28 -42.36 -4.75
CA GLN H 150 14.65 -42.21 -4.24
C GLN H 150 14.94 -43.33 -3.22
N LYS H 151 14.01 -44.29 -3.03
CA LYS H 151 14.28 -45.37 -2.04
C LYS H 151 14.72 -44.89 -0.66
N LYS H 152 13.92 -44.05 -0.04
CA LYS H 152 14.26 -43.57 1.29
C LYS H 152 13.30 -44.11 2.39
N THR H 153 12.54 -45.15 2.06
CA THR H 153 11.55 -45.71 3.00
C THR H 153 12.15 -46.88 3.80
N GLN H 154 11.63 -47.09 5.01
CA GLN H 154 12.20 -48.11 5.91
C GLN H 154 11.15 -49.01 6.61
N GLY H 155 10.22 -49.53 5.83
CA GLY H 155 9.19 -50.39 6.35
C GLY H 155 7.96 -49.61 6.79
N TRP H 156 6.83 -50.32 6.81
CA TRP H 156 5.58 -49.79 7.31
C TRP H 156 5.51 -49.90 8.82
N GLU H 157 4.90 -48.90 9.44
CA GLU H 157 4.41 -48.99 10.80
C GLU H 157 3.39 -50.12 10.91
N PRO H 158 3.33 -50.75 12.08
CA PRO H 158 2.17 -51.65 12.26
C PRO H 158 0.87 -50.89 11.97
N HIS H 159 -0.15 -51.56 11.47
CA HIS H 159 -1.35 -50.84 11.08
C HIS H 159 -2.61 -51.59 11.42
N SER H 160 -3.72 -50.89 11.31
CA SER H 160 -4.98 -51.42 11.71
C SER H 160 -6.00 -51.18 10.56
N GLU H 161 -6.76 -52.20 10.17
CA GLU H 161 -7.76 -52.04 9.14
C GLU H 161 -9.15 -52.04 9.77
N ARG H 162 -9.91 -50.98 9.51
CA ARG H 162 -11.34 -50.91 9.88
C ARG H 162 -12.14 -51.67 8.82
N LEU H 163 -12.90 -52.69 9.24
CA LEU H 163 -13.66 -53.52 8.26
C LEU H 163 -15.12 -53.52 8.59
N PHE H 164 -15.97 -53.55 7.57
CA PHE H 164 -17.42 -53.69 7.80
C PHE H 164 -18.04 -54.30 6.53
N ALA H 165 -19.28 -54.74 6.65
CA ALA H 165 -19.99 -55.36 5.50
C ALA H 165 -20.88 -54.43 4.70
N ARG H 166 -20.95 -54.64 3.39
CA ARG H 166 -21.86 -53.86 2.54
C ARG H 166 -22.08 -54.56 1.23
N GLY H 167 -23.33 -54.80 0.89
CA GLY H 167 -23.67 -55.44 -0.39
C GLY H 167 -23.04 -56.80 -0.58
N GLY H 168 -22.87 -57.56 0.50
CA GLY H 168 -22.27 -58.91 0.37
C GLY H 168 -20.72 -58.87 0.23
N MET H 169 -20.13 -57.67 0.31
CA MET H 169 -18.66 -57.43 0.28
C MET H 169 -18.13 -57.01 1.65
N LEU H 170 -16.84 -57.21 1.90
CA LEU H 170 -16.15 -56.70 3.07
C LEU H 170 -15.27 -55.49 2.60
N ILE H 171 -15.45 -54.34 3.26
CA ILE H 171 -14.76 -53.09 2.91
C ILE H 171 -13.79 -52.79 4.01
N GLY H 172 -12.51 -52.61 3.67
CA GLY H 172 -11.53 -52.29 4.71
C GLY H 172 -10.82 -50.98 4.44
N ASN H 173 -10.42 -50.26 5.48
CA ASN H 173 -9.69 -48.98 5.29
C ASN H 173 -8.56 -48.94 6.27
N ASN H 174 -7.36 -48.50 5.87
CA ASN H 174 -6.24 -48.36 6.83
C ASN H 174 -5.54 -47.07 6.56
N PHE H 175 -5.15 -46.37 7.61
CA PHE H 175 -4.11 -45.34 7.56
C PHE H 175 -2.78 -45.93 7.78
N MET H 176 -2.02 -45.99 6.70
CA MET H 176 -0.68 -46.55 6.75
C MET H 176 0.37 -45.49 6.80
N ALA H 177 1.57 -45.88 7.17
CA ALA H 177 2.68 -44.93 7.15
C ALA H 177 3.98 -45.68 6.92
N LEU H 178 4.75 -45.21 5.94
CA LEU H 178 6.13 -45.67 5.74
C LEU H 178 7.10 -44.88 6.58
N LYS H 179 8.01 -45.54 7.28
CA LYS H 179 9.03 -44.75 8.00
C LYS H 179 10.09 -44.25 7.02
N LEU H 180 10.64 -43.07 7.28
CA LEU H 180 11.62 -42.50 6.39
C LEU H 180 13.07 -42.53 6.95
N GLU H 181 14.04 -42.76 6.07
CA GLU H 181 15.44 -42.55 6.40
C GLU H 181 15.61 -41.09 6.82
N GLY H 182 16.30 -40.88 7.95
CA GLY H 182 16.41 -39.53 8.50
C GLY H 182 15.30 -39.12 9.47
N GLY H 183 14.19 -39.86 9.54
CA GLY H 183 13.16 -39.57 10.56
C GLY H 183 11.88 -39.11 9.87
N GLY H 184 10.73 -39.20 10.52
CA GLY H 184 9.51 -38.79 9.80
C GLY H 184 8.75 -39.93 9.09
N HIS H 185 7.59 -39.61 8.50
CA HIS H 185 6.69 -40.62 8.02
C HIS H 185 6.22 -40.15 6.67
N TYR H 186 5.86 -41.11 5.82
CA TYR H 186 5.29 -40.84 4.53
C TYR H 186 3.97 -41.61 4.48
N LEU H 187 2.85 -40.90 4.40
CA LEU H 187 1.54 -41.51 4.66
C LEU H 187 0.88 -42.00 3.42
N CYS H 188 0.08 -43.05 3.65
CA CYS H 188 -0.69 -43.66 2.62
C CYS H 188 -1.99 -44.15 3.21
N GLU H 189 -3.09 -43.87 2.52
CA GLU H 189 -4.36 -44.44 2.89
C GLU H 189 -4.70 -45.63 1.95
N PHE H 190 -5.06 -46.79 2.53
CA PHE H 190 -5.52 -47.94 1.75
C PHE H 190 -7.05 -48.06 1.85
N LYS H 191 -7.70 -48.32 0.72
CA LYS H 191 -9.06 -48.78 0.74
C LYS H 191 -9.05 -50.13 0.03
N THR H 192 -9.44 -51.20 0.75
CA THR H 192 -9.44 -52.52 0.11
C THR H 192 -10.84 -53.16 0.15
N THR H 193 -11.32 -53.71 -0.98
CA THR H 193 -12.65 -54.33 -0.98
C THR H 193 -12.50 -55.81 -1.25
N TYR H 194 -13.02 -56.67 -0.38
CA TYR H 194 -12.96 -58.13 -0.54
C TYR H 194 -14.25 -58.65 -1.12
N LYS H 195 -14.16 -59.48 -2.17
CA LYS H 195 -15.37 -59.99 -2.84
C LYS H 195 -15.32 -61.52 -2.95
N ALA H 196 -16.07 -62.20 -2.09
CA ALA H 196 -16.16 -63.64 -2.10
C ALA H 196 -16.93 -64.01 -3.35
N LYS H 197 -16.59 -65.15 -3.91
CA LYS H 197 -17.20 -65.71 -5.13
C LYS H 197 -18.48 -66.54 -4.90
N LYS H 198 -18.86 -66.74 -3.64
CA LYS H 198 -20.21 -67.24 -3.29
C LYS H 198 -20.70 -66.37 -2.10
N PRO H 199 -22.02 -66.44 -1.73
CA PRO H 199 -22.52 -65.81 -0.48
C PRO H 199 -21.94 -66.41 0.83
N VAL H 200 -21.53 -65.55 1.76
CA VAL H 200 -21.06 -66.05 3.07
C VAL H 200 -21.74 -65.29 4.24
N LYS H 201 -21.59 -65.78 5.47
CA LYS H 201 -22.08 -65.08 6.66
C LYS H 201 -21.26 -63.82 6.89
N MET H 202 -21.92 -62.64 6.86
CA MET H 202 -21.24 -61.40 7.01
C MET H 202 -20.84 -61.06 8.47
N PRO H 203 -19.60 -60.61 8.70
CA PRO H 203 -19.17 -60.11 10.02
C PRO H 203 -19.74 -58.72 10.36
N GLY H 204 -19.80 -58.42 11.66
CA GLY H 204 -20.07 -57.08 12.14
C GLY H 204 -18.85 -56.19 11.86
N TYR H 205 -18.96 -54.97 12.32
CA TYR H 205 -17.92 -53.95 12.26
C TYR H 205 -16.78 -54.36 13.18
N HIS H 206 -15.57 -54.43 12.66
CA HIS H 206 -14.43 -54.95 13.40
C HIS H 206 -13.11 -54.44 12.83
N TYR H 207 -11.97 -54.86 13.40
CA TYR H 207 -10.66 -54.42 12.94
C TYR H 207 -9.72 -55.61 12.78
N VAL H 208 -8.70 -55.42 11.93
CA VAL H 208 -7.57 -56.36 11.89
C VAL H 208 -6.27 -55.58 12.13
N ASP H 209 -5.48 -56.02 13.14
CA ASP H 209 -4.19 -55.42 13.44
C ASP H 209 -3.12 -56.24 12.76
N ARG H 210 -2.17 -55.57 12.12
CA ARG H 210 -1.11 -56.24 11.37
C ARG H 210 0.22 -55.63 11.63
N LYS H 211 1.29 -56.42 11.55
CA LYS H 211 2.63 -55.89 11.33
C LYS H 211 3.27 -56.67 10.21
N LEU H 212 3.84 -55.95 9.24
CA LEU H 212 4.51 -56.52 8.09
C LEU H 212 5.99 -56.18 8.26
N ASP H 213 6.87 -57.18 8.34
CA ASP H 213 8.32 -56.94 8.46
C ASP H 213 9.13 -57.58 7.32
N VAL H 214 9.97 -56.80 6.65
CA VAL H 214 10.95 -57.33 5.72
C VAL H 214 12.07 -57.84 6.59
N THR H 215 12.24 -59.16 6.63
CA THR H 215 13.25 -59.72 7.56
C THR H 215 14.59 -60.01 6.92
N ASN H 216 14.62 -59.96 5.59
CA ASN H 216 15.86 -60.23 4.84
C ASN H 216 15.67 -59.75 3.43
N HIS H 217 16.77 -59.40 2.79
CA HIS H 217 16.73 -58.88 1.39
C HIS H 217 18.17 -58.84 0.83
N ASN H 218 18.34 -58.81 -0.49
CA ASN H 218 19.65 -58.61 -1.02
C ASN H 218 19.79 -57.12 -1.32
N LYS H 219 20.91 -56.70 -1.89
CA LYS H 219 21.26 -55.28 -1.85
C LYS H 219 20.34 -54.39 -2.66
N ASP H 220 19.74 -54.91 -3.74
CA ASP H 220 18.90 -54.14 -4.65
C ASP H 220 17.48 -54.67 -4.60
N TYR H 221 17.14 -55.37 -3.52
CA TYR H 221 15.79 -55.87 -3.28
C TYR H 221 15.19 -56.71 -4.43
N THR H 222 16.05 -57.43 -5.15
CA THR H 222 15.52 -58.35 -6.13
C THR H 222 15.16 -59.68 -5.44
N SER H 223 15.56 -59.80 -4.17
CA SER H 223 15.17 -60.90 -3.32
C SER H 223 14.75 -60.34 -2.01
N VAL H 224 13.65 -60.85 -1.49
CA VAL H 224 13.10 -60.32 -0.24
C VAL H 224 12.38 -61.42 0.54
N GLU H 225 12.64 -61.49 1.85
CA GLU H 225 11.86 -62.29 2.77
C GLU H 225 11.02 -61.39 3.68
N GLN H 226 9.71 -61.67 3.83
CA GLN H 226 8.79 -60.87 4.71
C GLN H 226 7.98 -61.77 5.60
N CYS H 227 7.62 -61.19 6.74
CA CYS H 227 6.87 -61.85 7.79
CA CYS H 227 6.86 -61.85 7.80
C CYS H 227 5.64 -60.97 8.06
N GLU H 228 4.50 -61.59 8.36
CA GLU H 228 3.30 -60.83 8.77
C GLU H 228 2.54 -61.57 9.87
N ILE H 229 2.15 -60.86 10.92
CA ILE H 229 1.14 -61.27 11.89
C ILE H 229 -0.17 -60.49 11.60
N SER H 230 -1.32 -61.15 11.50
CA SER H 230 -2.64 -60.52 11.39
C SER H 230 -3.62 -61.11 12.36
N ILE H 231 -4.21 -60.24 13.17
CA ILE H 231 -5.19 -60.63 14.21
C ILE H 231 -6.45 -59.72 14.14
N ALA H 232 -7.60 -60.34 13.92
CA ALA H 232 -8.90 -59.70 13.94
C ALA H 232 -9.40 -59.46 15.39
N ARG H 233 -10.14 -58.38 15.64
CA ARG H 233 -10.68 -58.16 16.99
C ARG H 233 -11.93 -57.26 16.90
N LYS H 234 -12.70 -57.21 17.99
CA LYS H 234 -13.71 -56.19 18.16
C LYS H 234 -13.07 -54.83 18.53
N PRO H 235 -13.83 -53.74 18.47
CA PRO H 235 -13.35 -52.43 19.02
C PRO H 235 -12.79 -52.56 20.44
N VAL H 236 -11.67 -51.90 20.76
CA VAL H 236 -10.99 -52.01 22.06
C VAL H 236 -11.85 -51.33 23.12
N VAL H 237 -12.33 -50.14 22.77
CA VAL H 237 -13.30 -49.48 23.61
C VAL H 237 -14.64 -49.64 22.97
N ALA H 238 -15.57 -50.20 23.75
CA ALA H 238 -16.93 -50.52 23.25
C ALA H 238 -17.82 -50.67 24.49
I IOD I . -4.59 2.74 4.51
CL CL J . -1.71 37.70 24.81
CL CL K . 4.45 26.86 -11.18
I IOD L . 31.00 44.87 31.31
CL CL M . 26.05 17.17 1.74
CL CL N . 13.27 52.61 8.03
I IOD O . -23.90 48.20 -7.55
I IOD P . -29.31 47.21 -2.78
CL CL Q . 9.48 30.07 -22.45
CL CL R . -4.20 37.30 12.43
I IOD S . 42.85 47.16 -18.84
I IOD T . 36.42 50.60 -19.30
CL CL U . 4.79 61.53 4.41
CL CL V . 25.26 29.68 -0.45
I IOD W . -7.56 -0.13 -1.54
CL CL X . -32.18 -30.56 -12.72
CL CL Y . -1.31 -27.36 9.43
CL CL Z . 9.04 -26.19 -15.60
CL CL AA . -17.22 -52.18 -5.80
CL CL BA . 8.02 -33.41 15.59
CL CL CA . -26.06 -30.54 -1.61
I IOD DA . 16.30 -62.82 0.84
CL CL EA . -24.08 -57.19 3.73
CL CL FA . 5.10 -37.33 -10.98
#